data_1YRH
#
_entry.id   1YRH
#
_cell.length_a   122.327
_cell.length_b   122.327
_cell.length_c   208.735
_cell.angle_alpha   90.00
_cell.angle_beta   90.00
_cell.angle_gamma   120.00
#
_symmetry.space_group_name_H-M   'P 32 2 1'
#
loop_
_entity.id
_entity.type
_entity.pdbx_description
1 polymer 'trp repressor binding protein WrbA'
2 non-polymer 'FLAVIN MONONUCLEOTIDE'
3 water water
#
_entity_poly.entity_id   1
_entity_poly.type   'polypeptide(L)'
_entity_poly.pdbx_seq_one_letter_code
;MSLTAPVKLAIVFYSSTGTGYA(MSE)AQEAAEAGRAAGAEVRLLKVRETAPQDVIDGQDAWKANIEA(MSE)KDVPEAT
PADLEWAEAIVFSSPTRFGGATSQ(MSE)RAFIDTLGGLWSSGKLANKTFSA(MSE)TSAQNVNGGQETTLQTLY(MSE)
TA(MSE)HWGAVLTPPGYTDEVIFKSGGNPYGASVTANGQPLLENDRASIRHQVRRQVELTAKLLEGGSHHHHHH
;
_entity_poly.pdbx_strand_id   A,B,C,D,E,F,G,H
#
# COMPACT_ATOMS: atom_id res chain seq x y z
N PRO A 6 3.92 -17.98 58.58
CA PRO A 6 3.86 -18.88 57.42
C PRO A 6 3.03 -18.36 56.22
N VAL A 7 3.17 -19.01 55.07
CA VAL A 7 2.49 -18.56 53.86
C VAL A 7 1.01 -18.82 54.01
N LYS A 8 0.19 -17.88 53.54
CA LYS A 8 -1.25 -18.06 53.48
C LYS A 8 -1.65 -18.43 52.04
N LEU A 9 -2.09 -19.66 51.87
CA LEU A 9 -2.49 -20.18 50.58
C LEU A 9 -4.00 -20.38 50.51
N ALA A 10 -4.62 -19.71 49.52
CA ALA A 10 -6.03 -19.93 49.22
C ALA A 10 -6.13 -20.71 47.93
N ILE A 11 -6.58 -21.96 48.05
CA ILE A 11 -6.98 -22.74 46.92
C ILE A 11 -8.46 -22.52 46.73
N VAL A 12 -8.83 -21.83 45.65
CA VAL A 12 -10.21 -21.56 45.29
C VAL A 12 -10.56 -22.35 44.05
N PHE A 13 -11.46 -23.32 44.18
CA PHE A 13 -11.78 -24.24 43.09
C PHE A 13 -13.29 -24.33 42.82
N TYR A 14 -13.67 -24.60 41.58
CA TYR A 14 -15.03 -25.11 41.26
C TYR A 14 -14.97 -26.55 40.74
N SER A 15 -16.02 -27.31 41.01
CA SER A 15 -16.18 -28.65 40.45
C SER A 15 -17.65 -29.04 40.41
N SER A 16 -18.02 -29.81 39.39
CA SER A 16 -19.35 -30.39 39.30
C SER A 16 -19.31 -31.87 39.65
N THR A 17 -18.46 -32.64 38.96
CA THR A 17 -18.45 -34.09 39.15
C THR A 17 -17.25 -34.64 39.97
N GLY A 18 -16.35 -33.76 40.40
CA GLY A 18 -15.31 -34.15 41.39
C GLY A 18 -13.84 -34.18 40.95
N THR A 19 -13.58 -34.09 39.65
CA THR A 19 -12.21 -33.99 39.18
C THR A 19 -11.59 -32.76 39.83
N GLY A 20 -12.24 -31.60 39.70
CA GLY A 20 -11.79 -30.36 40.33
C GLY A 20 -11.43 -30.57 41.78
N TYR A 21 -12.34 -31.20 42.51
CA TYR A 21 -12.23 -31.42 43.95
C TYR A 21 -11.09 -32.38 44.31
N ALA A 22 -10.93 -33.45 43.53
CA ALA A 22 -9.78 -34.34 43.69
C ALA A 22 -8.48 -33.56 43.62
N ALA A 24 -7.96 -30.31 43.85
CA ALA A 24 -7.87 -29.22 44.80
C ALA A 24 -7.43 -29.73 46.15
N GLN A 25 -7.92 -30.91 46.54
CA GLN A 25 -7.47 -31.55 47.75
C GLN A 25 -6.00 -31.91 47.64
N GLU A 26 -5.62 -32.40 46.48
CA GLU A 26 -4.25 -32.75 46.21
C GLU A 26 -3.36 -31.55 46.45
N ALA A 27 -3.75 -30.44 45.84
CA ALA A 27 -3.05 -29.15 46.00
C ALA A 27 -2.98 -28.68 47.45
N ALA A 28 -4.11 -28.73 48.14
CA ALA A 28 -4.20 -28.30 49.55
C ALA A 28 -3.30 -29.10 50.47
N GLU A 29 -3.22 -30.41 50.27
CA GLU A 29 -2.32 -31.22 51.09
C GLU A 29 -0.86 -30.99 50.71
N ALA A 30 -0.62 -30.66 49.44
CA ALA A 30 0.73 -30.29 48.99
C ALA A 30 1.19 -29.03 49.68
N GLY A 31 0.27 -28.09 49.88
CA GLY A 31 0.58 -26.82 50.52
C GLY A 31 0.82 -26.94 52.00
N ARG A 32 0.00 -27.75 52.66
CA ARG A 32 0.19 -28.10 54.07
C ARG A 32 1.56 -28.71 54.29
N ALA A 33 1.91 -29.69 53.46
CA ALA A 33 3.23 -30.34 53.50
C ALA A 33 4.37 -29.33 53.30
N ALA A 34 4.12 -28.28 52.54
CA ALA A 34 5.14 -27.25 52.30
C ALA A 34 5.29 -26.27 53.45
N GLY A 35 4.37 -26.30 54.40
CA GLY A 35 4.41 -25.42 55.57
C GLY A 35 3.56 -24.15 55.45
N ALA A 36 2.62 -24.17 54.49
CA ALA A 36 1.68 -23.08 54.33
C ALA A 36 0.47 -23.33 55.19
N GLU A 37 -0.14 -22.25 55.65
CA GLU A 37 -1.46 -22.27 56.28
C GLU A 37 -2.49 -22.26 55.15
N VAL A 38 -3.30 -23.30 55.03
CA VAL A 38 -4.10 -23.51 53.83
C VAL A 38 -5.59 -23.32 54.04
N ARG A 39 -6.26 -22.74 53.05
CA ARG A 39 -7.72 -22.65 52.97
C ARG A 39 -8.22 -23.25 51.67
N LEU A 40 -8.92 -24.38 51.76
CA LEU A 40 -9.52 -25.03 50.58
C LEU A 40 -10.93 -24.51 50.48
N LEU A 41 -11.30 -23.98 49.32
CA LEU A 41 -12.55 -23.19 49.18
C LEU A 41 -13.28 -23.47 47.90
N LYS A 42 -14.47 -24.02 48.03
CA LYS A 42 -15.30 -24.32 46.89
C LYS A 42 -15.94 -23.04 46.39
N VAL A 43 -16.10 -22.95 45.08
CA VAL A 43 -16.82 -21.86 44.46
C VAL A 43 -18.31 -22.19 44.52
N ARG A 44 -19.13 -21.19 44.74
CA ARG A 44 -20.54 -21.42 44.93
C ARG A 44 -21.20 -21.95 43.68
N GLU A 45 -22.00 -23.01 43.88
CA GLU A 45 -22.80 -23.61 42.82
C GLU A 45 -24.00 -22.71 42.45
N THR A 46 -24.13 -22.40 41.15
CA THR A 46 -25.17 -21.51 40.66
C THR A 46 -26.22 -22.27 39.88
N ALA A 47 -25.83 -23.29 39.14
CA ALA A 47 -26.74 -24.09 38.32
C ALA A 47 -28.08 -24.34 39.00
N PRO A 48 -29.19 -24.23 38.24
CA PRO A 48 -30.52 -24.52 38.79
C PRO A 48 -30.60 -25.94 39.28
N GLN A 49 -31.20 -26.13 40.46
CA GLN A 49 -31.27 -27.44 41.11
C GLN A 49 -31.84 -28.53 40.18
N ASP A 50 -32.72 -28.19 39.25
CA ASP A 50 -33.25 -29.18 38.28
C ASP A 50 -32.20 -29.66 37.28
N VAL A 51 -31.19 -28.86 36.98
CA VAL A 51 -30.07 -29.30 36.11
C VAL A 51 -29.20 -30.31 36.86
N ILE A 52 -28.88 -29.96 38.10
CA ILE A 52 -28.03 -30.77 38.96
C ILE A 52 -28.61 -32.16 39.21
N ASP A 53 -29.91 -32.21 39.53
CA ASP A 53 -30.66 -33.47 39.78
C ASP A 53 -30.67 -34.42 38.58
N GLY A 54 -30.19 -33.95 37.43
CA GLY A 54 -30.10 -34.76 36.24
C GLY A 54 -28.88 -35.64 36.20
N GLN A 55 -27.76 -35.21 36.77
CA GLN A 55 -26.53 -36.02 36.73
C GLN A 55 -26.19 -36.56 38.11
N ASP A 56 -25.88 -37.86 38.18
CA ASP A 56 -25.64 -38.52 39.47
C ASP A 56 -24.29 -38.11 40.08
N ALA A 57 -23.25 -38.11 39.26
CA ALA A 57 -21.94 -37.70 39.71
C ALA A 57 -21.95 -36.26 40.16
N TRP A 58 -22.91 -35.46 39.68
CA TRP A 58 -23.05 -34.07 40.13
C TRP A 58 -23.67 -33.99 41.51
N LYS A 59 -24.87 -34.54 41.69
CA LYS A 59 -25.56 -34.49 42.99
C LYS A 59 -24.67 -34.98 44.13
N ALA A 60 -23.85 -35.99 43.84
CA ALA A 60 -23.01 -36.63 44.84
C ALA A 60 -21.80 -35.80 45.20
N ASN A 61 -21.17 -35.19 44.20
CA ASN A 61 -20.04 -34.30 44.45
C ASN A 61 -20.42 -33.12 45.33
N ILE A 62 -21.59 -32.52 45.06
CA ILE A 62 -22.13 -31.43 45.87
C ILE A 62 -22.31 -31.89 47.31
N GLU A 63 -22.65 -33.16 47.49
CA GLU A 63 -22.77 -33.74 48.82
C GLU A 63 -21.39 -33.95 49.46
N ALA A 64 -20.41 -34.39 48.68
CA ALA A 64 -19.05 -34.60 49.21
C ALA A 64 -18.50 -33.32 49.80
N LYS A 66 -20.15 -30.80 50.91
CA LYS A 66 -21.08 -30.10 51.79
C LYS A 66 -20.34 -29.44 52.96
N ASP A 67 -19.21 -30.02 53.35
CA ASP A 67 -18.46 -29.52 54.52
C ASP A 67 -17.31 -28.54 54.18
N VAL A 68 -17.10 -28.26 52.89
CA VAL A 68 -16.06 -27.34 52.43
C VAL A 68 -16.63 -25.92 52.31
N PRO A 69 -15.93 -24.90 52.87
CA PRO A 69 -16.48 -23.55 52.86
C PRO A 69 -16.54 -22.87 51.50
N GLU A 70 -17.54 -22.00 51.30
CA GLU A 70 -17.63 -21.17 50.09
C GLU A 70 -16.55 -20.11 50.08
N ALA A 71 -15.96 -19.86 48.92
CA ALA A 71 -15.00 -18.78 48.75
C ALA A 71 -15.70 -17.44 48.79
N THR A 72 -14.97 -16.43 49.24
CA THR A 72 -15.50 -15.10 49.45
C THR A 72 -14.34 -14.14 49.25
N PRO A 73 -14.60 -12.90 48.79
CA PRO A 73 -13.49 -12.00 48.54
C PRO A 73 -12.48 -11.85 49.71
N ALA A 74 -12.94 -11.92 50.94
CA ALA A 74 -12.03 -11.83 52.09
C ALA A 74 -11.03 -13.00 52.20
N ASP A 75 -11.30 -14.11 51.53
CA ASP A 75 -10.31 -15.18 51.48
C ASP A 75 -9.09 -14.80 50.65
N LEU A 76 -9.31 -14.00 49.60
CA LEU A 76 -8.21 -13.56 48.74
C LEU A 76 -7.47 -12.35 49.32
N GLU A 77 -8.16 -11.59 50.18
CA GLU A 77 -7.53 -10.57 51.00
C GLU A 77 -6.57 -11.23 52.01
N TRP A 78 -7.04 -12.30 52.65
CA TRP A 78 -6.24 -13.13 53.57
C TRP A 78 -5.00 -13.75 52.93
N ALA A 79 -5.19 -14.46 51.83
CA ALA A 79 -4.11 -15.24 51.20
C ALA A 79 -3.03 -14.39 50.55
N GLU A 80 -1.80 -14.87 50.66
CA GLU A 80 -0.65 -14.29 49.97
C GLU A 80 -0.34 -15.07 48.71
N ALA A 81 -0.71 -16.35 48.70
CA ALA A 81 -0.64 -17.18 47.49
C ALA A 81 -2.00 -17.76 47.10
N ILE A 82 -2.26 -17.87 45.82
CA ILE A 82 -3.59 -18.23 45.34
C ILE A 82 -3.55 -19.28 44.25
N VAL A 83 -4.47 -20.23 44.29
CA VAL A 83 -4.60 -21.18 43.22
C VAL A 83 -6.06 -21.29 42.80
N PHE A 84 -6.35 -20.99 41.54
CA PHE A 84 -7.69 -21.06 40.97
C PHE A 84 -7.77 -22.31 40.13
N SER A 85 -8.84 -23.08 40.29
CA SER A 85 -8.99 -24.34 39.58
C SER A 85 -10.42 -24.55 39.10
N SER A 86 -10.65 -24.36 37.81
CA SER A 86 -11.96 -24.60 37.23
C SER A 86 -11.91 -25.54 36.03
N PRO A 87 -12.92 -26.41 35.86
CA PRO A 87 -13.00 -27.24 34.66
C PRO A 87 -13.30 -26.38 33.44
N THR A 88 -13.11 -26.89 32.23
CA THR A 88 -13.35 -26.06 31.04
C THR A 88 -14.83 -26.02 30.70
N ARG A 89 -15.18 -24.94 30.02
CA ARG A 89 -16.48 -24.74 29.49
C ARG A 89 -16.30 -24.04 28.16
N PHE A 90 -16.20 -24.82 27.09
CA PHE A 90 -15.90 -24.33 25.75
C PHE A 90 -14.62 -23.51 25.72
N GLY A 91 -13.55 -24.11 26.23
CA GLY A 91 -12.23 -23.49 26.23
C GLY A 91 -12.02 -22.38 27.26
N GLY A 92 -12.93 -22.22 28.19
CA GLY A 92 -12.83 -21.14 29.17
C GLY A 92 -13.31 -21.64 30.51
N ALA A 93 -13.10 -20.85 31.56
CA ALA A 93 -13.52 -21.25 32.92
C ALA A 93 -15.05 -21.29 33.04
N THR A 94 -15.55 -21.94 34.08
CA THR A 94 -16.99 -22.09 34.26
C THR A 94 -17.66 -20.79 34.65
N SER A 95 -18.96 -20.70 34.43
CA SER A 95 -19.68 -19.48 34.81
C SER A 95 -19.64 -19.26 36.33
N GLN A 96 -19.61 -20.35 37.09
CA GLN A 96 -19.53 -20.24 38.56
C GLN A 96 -18.23 -19.60 38.96
N ARG A 98 -16.36 -17.70 37.15
CA ARG A 98 -16.48 -16.31 36.71
C ARG A 98 -17.42 -15.50 37.61
N ALA A 99 -18.48 -16.14 38.06
CA ALA A 99 -19.40 -15.52 39.01
C ALA A 99 -18.68 -15.06 40.27
N PHE A 100 -17.81 -15.90 40.81
CA PHE A 100 -17.04 -15.54 41.99
C PHE A 100 -16.01 -14.44 41.70
N ILE A 101 -15.29 -14.58 40.60
CA ILE A 101 -14.35 -13.55 40.14
C ILE A 101 -15.04 -12.21 40.04
N ASP A 102 -16.24 -12.19 39.46
CA ASP A 102 -16.98 -10.95 39.28
C ASP A 102 -17.42 -10.26 40.58
N THR A 103 -17.28 -10.91 41.73
CA THR A 103 -17.58 -10.27 43.03
C THR A 103 -16.35 -9.59 43.69
N LEU A 104 -15.29 -9.38 42.91
CA LEU A 104 -14.00 -8.89 43.42
C LEU A 104 -13.70 -7.43 43.07
N GLY A 105 -14.67 -6.75 42.47
CA GLY A 105 -14.46 -5.37 42.03
C GLY A 105 -14.09 -4.37 43.11
N GLY A 106 -14.71 -4.50 44.29
CA GLY A 106 -14.39 -3.63 45.43
C GLY A 106 -12.98 -3.90 45.93
N LEU A 107 -12.70 -5.18 46.13
CA LEU A 107 -11.36 -5.64 46.52
C LEU A 107 -10.31 -5.36 45.43
N TRP A 108 -10.75 -5.16 44.19
CA TRP A 108 -9.84 -4.73 43.14
C TRP A 108 -9.46 -3.25 43.29
N SER A 109 -10.45 -2.37 43.48
CA SER A 109 -10.21 -0.91 43.46
C SER A 109 -9.57 -0.35 44.72
N SER A 110 -9.54 -1.15 45.80
CA SER A 110 -8.72 -0.87 46.98
C SER A 110 -7.26 -1.38 46.77
N GLY A 111 -6.95 -1.83 45.55
CA GLY A 111 -5.64 -2.35 45.20
C GLY A 111 -5.22 -3.57 45.99
N LYS A 112 -6.13 -4.08 46.82
CA LYS A 112 -5.77 -5.04 47.85
C LYS A 112 -5.58 -6.46 47.30
N LEU A 113 -5.42 -6.58 46.00
CA LEU A 113 -5.21 -7.88 45.38
C LEU A 113 -3.84 -8.01 44.70
N ALA A 114 -3.01 -6.98 44.77
CA ALA A 114 -1.72 -7.04 44.09
C ALA A 114 -0.71 -7.86 44.88
N ASN A 115 0.41 -8.18 44.24
CA ASN A 115 1.54 -8.82 44.91
C ASN A 115 1.26 -10.19 45.53
N LYS A 116 0.13 -10.79 45.20
CA LYS A 116 -0.16 -12.12 45.65
C LYS A 116 0.25 -13.01 44.51
N THR A 117 0.80 -14.17 44.82
CA THR A 117 1.16 -15.12 43.79
C THR A 117 -0.07 -15.85 43.33
N PHE A 118 -0.09 -16.22 42.06
CA PHE A 118 -1.24 -16.84 41.45
C PHE A 118 -0.79 -17.87 40.43
N SER A 119 -1.29 -19.09 40.56
CA SER A 119 -1.18 -20.06 39.49
C SER A 119 -2.54 -20.71 39.34
N ALA A 120 -2.73 -21.47 38.27
CA ALA A 120 -4.04 -22.08 38.01
C ALA A 120 -3.95 -23.54 37.60
N THR A 122 -6.78 -26.77 35.65
CA THR A 122 -8.05 -27.02 35.02
C THR A 122 -8.20 -28.48 34.69
N SER A 123 -9.42 -28.88 34.31
CA SER A 123 -9.72 -30.23 33.85
C SER A 123 -10.66 -30.17 32.65
N ALA A 124 -10.43 -31.06 31.69
CA ALA A 124 -11.20 -31.15 30.46
C ALA A 124 -11.52 -32.61 30.19
N GLN A 125 -12.38 -32.83 29.22
CA GLN A 125 -12.76 -34.18 28.82
C GLN A 125 -11.83 -34.70 27.75
N ASN A 126 -11.38 -33.82 26.87
CA ASN A 126 -10.40 -34.13 25.85
C ASN A 126 -9.04 -33.54 26.23
N VAL A 127 -7.97 -34.20 25.78
CA VAL A 127 -6.61 -33.76 26.10
C VAL A 127 -6.28 -32.40 25.51
N ASN A 128 -6.83 -32.10 24.34
CA ASN A 128 -6.58 -30.82 23.67
C ASN A 128 -7.82 -29.92 23.63
N GLY A 129 -8.79 -30.18 24.51
CA GLY A 129 -10.09 -29.51 24.48
C GLY A 129 -10.23 -28.31 25.39
N GLY A 130 -9.16 -27.53 25.55
CA GLY A 130 -9.18 -26.32 26.35
C GLY A 130 -8.40 -26.40 27.64
N GLN A 131 -7.55 -27.40 27.77
CA GLN A 131 -6.67 -27.50 28.93
C GLN A 131 -5.60 -26.39 28.97
N GLU A 132 -5.51 -25.58 27.92
CA GLU A 132 -4.53 -24.51 27.84
C GLU A 132 -5.20 -23.17 27.76
N THR A 133 -6.12 -23.05 26.83
CA THR A 133 -6.89 -21.83 26.68
C THR A 133 -7.65 -21.43 27.97
N THR A 134 -8.16 -22.41 28.72
CA THR A 134 -8.83 -22.12 30.00
C THR A 134 -7.84 -21.53 31.01
N LEU A 135 -6.63 -22.10 31.10
CA LEU A 135 -5.62 -21.59 32.03
C LEU A 135 -5.16 -20.21 31.60
N GLN A 136 -5.04 -20.00 30.29
CA GLN A 136 -4.67 -18.69 29.77
C GLN A 136 -5.65 -17.60 30.22
N THR A 137 -6.94 -17.91 30.32
CA THR A 137 -7.94 -16.90 30.70
C THR A 137 -7.92 -16.63 32.19
N LEU A 138 -7.68 -17.65 32.99
CA LEU A 138 -7.53 -17.43 34.43
C LEU A 138 -6.29 -16.60 34.70
N TYR A 139 -5.17 -16.90 34.04
CA TYR A 139 -3.97 -16.06 34.13
C TYR A 139 -4.24 -14.62 33.65
N THR A 141 -6.84 -12.90 33.94
CA THR A 141 -7.56 -12.17 34.98
C THR A 141 -6.63 -11.65 36.06
N ALA A 142 -5.74 -12.52 36.52
CA ALA A 142 -4.76 -12.17 37.56
C ALA A 142 -3.81 -11.03 37.14
N HIS A 144 -4.86 -8.32 35.62
CA HIS A 144 -5.59 -7.10 35.94
C HIS A 144 -5.44 -6.75 37.43
N TRP A 145 -5.28 -7.75 38.29
CA TRP A 145 -5.06 -7.51 39.73
C TRP A 145 -3.62 -7.15 40.04
N GLY A 146 -2.70 -7.33 39.09
CA GLY A 146 -1.31 -7.13 39.35
C GLY A 146 -0.78 -8.18 40.30
N ALA A 147 -1.32 -9.38 40.20
CA ALA A 147 -0.80 -10.51 40.93
C ALA A 147 0.52 -10.93 40.29
N VAL A 148 1.30 -11.72 41.02
CA VAL A 148 2.57 -12.22 40.51
C VAL A 148 2.33 -13.65 40.08
N LEU A 149 2.41 -13.90 38.79
CA LEU A 149 2.04 -15.20 38.24
C LEU A 149 3.20 -16.18 38.34
N THR A 150 2.98 -17.30 39.03
CA THR A 150 4.00 -18.35 39.14
C THR A 150 3.49 -19.65 38.50
N PRO A 151 3.42 -19.67 37.15
CA PRO A 151 3.15 -20.93 36.47
C PRO A 151 4.36 -21.82 36.59
N PRO A 152 4.16 -23.15 36.66
CA PRO A 152 5.20 -24.11 37.04
C PRO A 152 6.26 -24.24 35.98
N GLY A 153 5.89 -23.99 34.74
CA GLY A 153 6.79 -24.20 33.62
C GLY A 153 7.17 -25.66 33.54
N TYR A 154 8.28 -25.93 32.90
CA TYR A 154 8.78 -27.29 32.78
C TYR A 154 9.85 -27.59 33.84
N THR A 155 9.71 -27.00 35.03
CA THR A 155 10.75 -27.10 36.08
C THR A 155 10.72 -28.42 36.90
N ASP A 156 10.45 -29.53 36.23
CA ASP A 156 10.49 -30.85 36.87
C ASP A 156 10.18 -31.97 35.87
N GLU A 157 10.80 -33.13 36.08
CA GLU A 157 10.59 -34.28 35.20
C GLU A 157 9.13 -34.82 35.25
N VAL A 158 8.42 -34.49 36.33
CA VAL A 158 7.00 -34.88 36.47
C VAL A 158 6.09 -34.14 35.49
N ILE A 159 6.43 -32.88 35.20
CA ILE A 159 5.65 -32.05 34.25
C ILE A 159 5.62 -32.70 32.86
N PHE A 160 6.79 -33.12 32.38
CA PHE A 160 6.88 -33.87 31.12
C PHE A 160 6.11 -35.16 31.23
N LYS A 161 6.25 -35.83 32.37
CA LYS A 161 5.58 -37.12 32.61
C LYS A 161 4.06 -37.07 32.75
N SER A 162 3.49 -35.86 32.84
CA SER A 162 2.03 -35.69 32.96
C SER A 162 1.40 -34.88 31.83
N GLY A 163 2.01 -34.89 30.65
CA GLY A 163 1.47 -34.18 29.49
C GLY A 163 2.26 -32.94 29.12
N GLY A 164 2.87 -32.30 30.11
CA GLY A 164 3.78 -31.20 29.88
C GLY A 164 3.07 -29.89 29.65
N ASN A 165 2.20 -29.53 30.59
CA ASN A 165 1.50 -28.25 30.54
C ASN A 165 2.30 -27.29 31.41
N PRO A 166 3.01 -26.34 30.79
CA PRO A 166 3.77 -25.39 31.56
C PRO A 166 2.92 -24.31 32.17
N TYR A 167 1.68 -24.17 31.73
CA TYR A 167 0.81 -23.09 32.20
C TYR A 167 0.28 -23.43 33.59
N GLY A 168 -0.10 -24.69 33.77
CA GLY A 168 -0.60 -25.16 35.06
C GLY A 168 -1.06 -26.59 34.95
N ALA A 169 -1.18 -27.27 36.06
CA ALA A 169 -1.58 -28.67 36.05
C ALA A 169 -2.93 -28.80 35.37
N SER A 170 -3.06 -29.75 34.45
CA SER A 170 -4.34 -29.98 33.80
C SER A 170 -4.64 -31.49 33.63
N VAL A 171 -5.86 -31.89 33.92
CA VAL A 171 -6.22 -33.29 33.98
C VAL A 171 -7.26 -33.59 32.91
N THR A 172 -7.13 -34.76 32.28
CA THR A 172 -8.13 -35.24 31.32
C THR A 172 -9.15 -36.02 32.13
N ALA A 173 -10.33 -35.43 32.33
CA ALA A 173 -11.38 -36.09 33.09
C ALA A 173 -11.91 -37.25 32.29
N ASN A 174 -11.94 -38.42 32.92
CA ASN A 174 -12.48 -39.63 32.31
C ASN A 174 -13.28 -40.48 33.32
N GLY A 175 -13.80 -39.81 34.36
CA GLY A 175 -14.56 -40.48 35.42
C GLY A 175 -13.75 -41.28 36.43
N GLN A 176 -12.46 -41.50 36.16
CA GLN A 176 -11.62 -42.37 37.01
C GLN A 176 -11.09 -41.66 38.27
N PRO A 177 -10.23 -42.34 39.05
CA PRO A 177 -9.54 -41.60 40.09
C PRO A 177 -8.31 -40.93 39.51
N LEU A 178 -7.79 -39.96 40.23
CA LEU A 178 -6.73 -39.09 39.74
C LEU A 178 -5.48 -39.91 39.52
N LEU A 179 -4.92 -39.87 38.32
CA LEU A 179 -3.67 -40.58 38.03
C LEU A 179 -2.53 -40.11 38.92
N GLU A 180 -1.46 -40.89 39.00
CA GLU A 180 -0.38 -40.59 39.93
C GLU A 180 0.40 -39.38 39.45
N ASN A 181 0.67 -39.33 38.15
CA ASN A 181 1.53 -38.27 37.59
C ASN A 181 0.91 -36.90 37.69
N ASP A 182 -0.41 -36.87 37.56
CA ASP A 182 -1.20 -35.67 37.78
C ASP A 182 -1.19 -35.25 39.25
N ARG A 183 -1.22 -36.20 40.15
CA ARG A 183 -1.05 -35.90 41.59
C ARG A 183 0.27 -35.17 41.86
N ALA A 184 1.32 -35.62 41.18
CA ALA A 184 2.65 -35.15 41.45
C ALA A 184 2.97 -33.79 40.82
N SER A 185 2.37 -33.51 39.67
CA SER A 185 2.55 -32.20 39.03
C SER A 185 1.69 -31.13 39.70
N ILE A 186 0.62 -31.54 40.39
CA ILE A 186 -0.15 -30.59 41.18
C ILE A 186 0.70 -30.27 42.39
N ARG A 187 1.27 -31.31 42.99
CA ARG A 187 2.16 -31.12 44.14
C ARG A 187 3.28 -30.16 43.80
N HIS A 188 3.99 -30.42 42.72
CA HIS A 188 5.11 -29.58 42.32
C HIS A 188 4.69 -28.13 42.05
N GLN A 189 3.50 -27.93 41.49
CA GLN A 189 3.03 -26.58 41.17
C GLN A 189 2.76 -25.77 42.44
N VAL A 190 2.16 -26.41 43.44
CA VAL A 190 1.90 -25.80 44.74
C VAL A 190 3.18 -25.62 45.50
N ARG A 191 3.92 -26.71 45.68
CA ARG A 191 5.24 -26.72 46.33
C ARG A 191 6.06 -25.52 45.87
N ARG A 192 6.05 -25.25 44.57
CA ARG A 192 6.88 -24.24 43.97
C ARG A 192 6.43 -22.84 44.36
N GLN A 193 5.14 -22.58 44.17
CA GLN A 193 4.54 -21.29 44.44
C GLN A 193 4.63 -20.91 45.91
N VAL A 194 4.54 -21.90 46.80
CA VAL A 194 4.63 -21.61 48.22
C VAL A 194 6.06 -21.20 48.50
N GLU A 195 7.00 -21.98 47.99
CA GLU A 195 8.43 -21.67 48.11
C GLU A 195 8.73 -20.25 47.61
N LEU A 196 8.18 -19.88 46.45
CA LEU A 196 8.37 -18.54 45.90
C LEU A 196 7.77 -17.43 46.76
N THR A 197 6.54 -17.64 47.18
CA THR A 197 5.83 -16.69 48.04
C THR A 197 6.59 -16.45 49.34
N ALA A 198 7.20 -17.51 49.85
CA ALA A 198 8.02 -17.38 51.04
C ALA A 198 9.13 -16.35 50.78
N LYS A 199 9.94 -16.61 49.77
CA LYS A 199 11.08 -15.75 49.42
C LYS A 199 10.68 -14.30 49.11
N LEU A 200 9.39 -14.09 48.89
CA LEU A 200 8.89 -12.81 48.46
C LEU A 200 8.37 -12.02 49.67
N LEU A 201 7.64 -12.70 50.54
CA LEU A 201 7.18 -12.13 51.79
C LEU A 201 8.37 -11.87 52.68
N GLU A 202 9.16 -12.93 52.90
CA GLU A 202 10.21 -12.93 53.92
C GLU A 202 11.28 -11.91 53.60
N GLY A 203 11.60 -11.74 52.33
CA GLY A 203 12.58 -10.74 51.90
C GLY A 203 11.95 -9.39 51.64
N GLY A 204 10.72 -9.20 52.11
CA GLY A 204 9.97 -7.96 51.88
C GLY A 204 9.30 -7.53 53.18
N SER A 205 10.07 -6.88 54.05
CA SER A 205 9.61 -6.48 55.39
C SER A 205 9.64 -4.95 55.57
N PRO B 6 23.16 -5.16 43.75
CA PRO B 6 22.02 -4.66 42.99
C PRO B 6 21.35 -5.64 42.01
N VAL B 7 20.08 -5.43 41.76
CA VAL B 7 19.31 -6.24 40.83
C VAL B 7 19.84 -6.06 39.41
N LYS B 8 19.93 -7.17 38.68
CA LYS B 8 20.38 -7.19 37.29
C LYS B 8 19.19 -7.23 36.33
N LEU B 9 19.00 -6.15 35.58
CA LEU B 9 17.84 -5.96 34.70
C LEU B 9 18.25 -5.95 33.26
N ALA B 10 17.71 -6.88 32.47
CA ALA B 10 17.93 -6.90 31.02
C ALA B 10 16.69 -6.41 30.29
N ILE B 11 16.89 -5.49 29.34
CA ILE B 11 15.80 -4.96 28.55
C ILE B 11 16.02 -5.30 27.09
N VAL B 12 15.35 -6.33 26.61
CA VAL B 12 15.52 -6.77 25.24
C VAL B 12 14.39 -6.24 24.36
N PHE B 13 14.72 -5.33 23.47
CA PHE B 13 13.72 -4.68 22.66
C PHE B 13 14.01 -4.86 21.18
N TYR B 14 12.98 -5.15 20.39
CA TYR B 14 13.09 -4.96 18.94
C TYR B 14 12.36 -3.68 18.55
N SER B 15 12.84 -2.99 17.52
CA SER B 15 12.23 -1.77 17.06
C SER B 15 12.68 -1.44 15.65
N SER B 16 11.74 -1.36 14.72
CA SER B 16 12.06 -1.00 13.35
C SER B 16 12.18 0.51 13.20
N THR B 17 11.10 1.24 13.42
CA THR B 17 11.10 2.68 13.17
C THR B 17 11.35 3.55 14.40
N GLY B 18 11.60 2.96 15.56
CA GLY B 18 12.07 3.72 16.72
C GLY B 18 11.16 3.97 17.92
N THR B 19 9.88 3.63 17.84
CA THR B 19 8.99 3.79 19.00
C THR B 19 9.51 2.88 20.11
N GLY B 20 9.70 1.60 19.80
CA GLY B 20 10.21 0.60 20.73
C GLY B 20 11.53 0.97 21.36
N TYR B 21 12.40 1.68 20.61
CA TYR B 21 13.68 2.15 21.13
C TYR B 21 13.48 3.19 22.24
N ALA B 22 12.65 4.20 21.95
CA ALA B 22 12.22 5.19 22.95
C ALA B 22 11.63 4.53 24.20
N ALA B 24 12.24 1.42 25.21
CA ALA B 24 13.31 0.69 25.87
C ALA B 24 14.21 1.65 26.64
N GLN B 25 14.51 2.78 26.02
CA GLN B 25 15.29 3.82 26.67
C GLN B 25 14.64 4.30 27.96
N GLU B 26 13.32 4.48 27.91
CA GLU B 26 12.60 4.95 29.09
C GLU B 26 12.73 3.95 30.24
N ALA B 27 12.56 2.68 29.90
CA ALA B 27 12.62 1.57 30.85
C ALA B 27 14.00 1.49 31.51
N ALA B 28 15.05 1.70 30.73
CA ALA B 28 16.40 1.63 31.24
C ALA B 28 16.66 2.72 32.27
N GLU B 29 16.21 3.94 31.98
CA GLU B 29 16.29 5.07 32.93
C GLU B 29 15.54 4.77 34.21
N ALA B 30 14.34 4.23 34.09
CA ALA B 30 13.57 3.82 35.28
C ALA B 30 14.26 2.73 36.10
N GLY B 31 14.86 1.75 35.41
CA GLY B 31 15.64 0.72 36.06
C GLY B 31 16.80 1.30 36.85
N ARG B 32 17.67 2.03 36.16
CA ARG B 32 18.79 2.74 36.79
C ARG B 32 18.34 3.53 38.00
N ALA B 33 17.27 4.31 37.82
CA ALA B 33 16.66 5.15 38.87
C ALA B 33 16.29 4.40 40.15
N ALA B 34 15.91 3.14 39.99
CA ALA B 34 15.56 2.26 41.10
C ALA B 34 16.79 1.48 41.66
N GLY B 35 18.00 1.92 41.33
CA GLY B 35 19.23 1.28 41.79
C GLY B 35 19.56 -0.02 41.09
N ALA B 36 18.94 -0.25 39.94
CA ALA B 36 19.13 -1.50 39.22
C ALA B 36 20.32 -1.37 38.33
N GLU B 37 20.99 -2.49 38.08
CA GLU B 37 22.01 -2.58 37.05
C GLU B 37 21.35 -3.01 35.75
N VAL B 38 21.44 -2.16 34.73
CA VAL B 38 20.60 -2.30 33.56
C VAL B 38 21.40 -2.52 32.32
N ARG B 39 20.96 -3.47 31.52
CA ARG B 39 21.42 -3.61 30.15
C ARG B 39 20.28 -3.31 29.19
N LEU B 40 20.52 -2.37 28.28
CA LEU B 40 19.66 -2.12 27.15
C LEU B 40 20.26 -2.88 25.97
N LEU B 41 19.50 -3.83 25.43
CA LEU B 41 20.00 -4.72 24.38
C LEU B 41 19.01 -4.75 23.24
N LYS B 42 19.52 -4.60 22.02
CA LYS B 42 18.66 -4.66 20.83
C LYS B 42 18.63 -6.05 20.23
N VAL B 43 17.54 -6.38 19.58
CA VAL B 43 17.37 -7.66 18.90
C VAL B 43 17.92 -7.53 17.49
N ARG B 44 18.65 -8.53 17.03
CA ARG B 44 19.27 -8.47 15.70
C ARG B 44 18.21 -8.24 14.62
N GLU B 45 18.54 -7.35 13.68
CA GLU B 45 17.72 -7.12 12.52
C GLU B 45 18.00 -8.22 11.52
N THR B 46 16.96 -8.80 10.94
CA THR B 46 17.10 -9.86 9.94
C THR B 46 16.79 -9.34 8.50
N ALA B 47 15.99 -8.28 8.42
CA ALA B 47 15.44 -7.80 7.15
C ALA B 47 16.53 -7.44 6.15
N PRO B 48 16.33 -7.81 4.85
CA PRO B 48 17.29 -7.41 3.81
C PRO B 48 17.47 -5.87 3.69
N GLN B 49 18.65 -5.44 3.26
CA GLN B 49 18.97 -4.02 3.23
C GLN B 49 18.02 -3.24 2.31
N ASP B 50 17.75 -3.77 1.13
CA ASP B 50 16.77 -3.13 0.22
C ASP B 50 15.32 -3.40 0.63
N VAL B 51 15.08 -3.57 1.92
CA VAL B 51 13.75 -3.44 2.50
C VAL B 51 13.84 -2.25 3.44
N ILE B 52 14.72 -2.35 4.43
CA ILE B 52 15.08 -1.21 5.27
C ILE B 52 15.25 0.09 4.44
N ASP B 53 15.98 -0.02 3.31
CA ASP B 53 16.22 1.11 2.41
C ASP B 53 14.95 1.77 1.87
N GLY B 54 13.85 1.03 1.89
CA GLY B 54 12.58 1.53 1.40
C GLY B 54 11.83 2.51 2.29
N GLN B 55 12.18 2.59 3.58
CA GLN B 55 11.58 3.63 4.45
C GLN B 55 12.55 4.31 5.42
N ASP B 56 12.39 5.63 5.53
CA ASP B 56 13.35 6.51 6.20
C ASP B 56 13.46 6.29 7.70
N ALA B 57 12.33 6.25 8.40
CA ALA B 57 12.32 6.08 9.85
C ALA B 57 13.19 4.90 10.26
N TRP B 58 13.09 3.80 9.51
CA TRP B 58 13.76 2.53 9.85
C TRP B 58 15.26 2.65 9.67
N LYS B 59 15.66 3.13 8.50
CA LYS B 59 17.06 3.39 8.21
C LYS B 59 17.64 4.27 9.32
N ALA B 60 16.91 5.35 9.65
CA ALA B 60 17.36 6.31 10.67
C ALA B 60 17.54 5.64 12.03
N ASN B 61 16.54 4.86 12.42
CA ASN B 61 16.53 4.16 13.70
C ASN B 61 17.65 3.13 13.84
N ILE B 62 18.01 2.48 12.74
CA ILE B 62 19.10 1.52 12.79
C ILE B 62 20.41 2.24 13.11
N GLU B 63 20.62 3.39 12.48
CA GLU B 63 21.78 4.23 12.73
C GLU B 63 21.80 4.77 14.18
N ALA B 64 20.63 5.15 14.70
CA ALA B 64 20.53 5.66 16.06
C ALA B 64 20.91 4.62 17.10
N LYS B 66 23.12 2.22 16.60
CA LYS B 66 24.42 1.66 16.19
C LYS B 66 25.25 1.23 17.42
N ASP B 67 25.23 2.07 18.46
CA ASP B 67 26.04 1.87 19.66
C ASP B 67 25.30 1.12 20.79
N VAL B 68 24.15 0.55 20.48
CA VAL B 68 23.41 -0.28 21.42
C VAL B 68 23.83 -1.71 21.14
N PRO B 69 24.25 -2.47 22.18
CA PRO B 69 24.68 -3.84 21.96
C PRO B 69 23.56 -4.78 21.58
N GLU B 70 23.92 -5.93 21.03
CA GLU B 70 22.96 -6.87 20.48
C GLU B 70 22.64 -7.97 21.49
N ALA B 71 21.36 -8.22 21.75
CA ALA B 71 20.95 -9.22 22.75
C ALA B 71 21.38 -10.64 22.40
N THR B 72 21.64 -11.45 23.41
CA THR B 72 22.02 -12.85 23.24
C THR B 72 21.60 -13.61 24.48
N PRO B 73 21.43 -14.94 24.37
CA PRO B 73 20.96 -15.72 25.52
C PRO B 73 21.71 -15.51 26.84
N ALA B 74 22.99 -15.16 26.78
CA ALA B 74 23.80 -15.00 27.99
C ALA B 74 23.40 -13.78 28.81
N ASP B 75 22.84 -12.76 28.17
CA ASP B 75 22.31 -11.59 28.87
C ASP B 75 21.12 -11.96 29.78
N LEU B 76 20.33 -12.94 29.34
CA LEU B 76 19.25 -13.48 30.17
C LEU B 76 19.80 -14.34 31.33
N GLU B 77 20.88 -15.08 31.07
CA GLU B 77 21.56 -15.82 32.13
C GLU B 77 22.17 -14.85 33.15
N TRP B 78 22.73 -13.74 32.66
CA TRP B 78 23.22 -12.66 33.53
C TRP B 78 22.10 -12.03 34.33
N ALA B 79 20.94 -11.86 33.70
CA ALA B 79 19.87 -11.04 34.25
C ALA B 79 19.08 -11.77 35.33
N GLU B 80 18.49 -11.00 36.23
CA GLU B 80 17.56 -11.52 37.19
C GLU B 80 16.14 -11.12 36.84
N ALA B 81 15.97 -9.93 36.24
CA ALA B 81 14.67 -9.50 35.72
C ALA B 81 14.77 -9.21 34.22
N ILE B 82 13.79 -9.66 33.45
CA ILE B 82 13.77 -9.54 32.00
C ILE B 82 12.55 -8.73 31.55
N VAL B 83 12.76 -7.91 30.52
CA VAL B 83 11.70 -7.10 29.93
C VAL B 83 11.83 -7.23 28.44
N PHE B 84 10.86 -7.87 27.81
CA PHE B 84 10.80 -7.97 26.36
C PHE B 84 9.86 -6.92 25.81
N SER B 85 10.27 -6.26 24.73
CA SER B 85 9.47 -5.23 24.08
C SER B 85 9.46 -5.48 22.58
N SER B 86 8.29 -5.55 21.97
CA SER B 86 8.20 -5.72 20.53
C SER B 86 7.02 -5.01 19.95
N PRO B 87 7.22 -4.30 18.84
CA PRO B 87 6.08 -3.88 18.05
C PRO B 87 5.24 -5.09 17.62
N THR B 88 3.95 -4.88 17.37
CA THR B 88 3.08 -5.98 16.96
C THR B 88 3.21 -6.14 15.47
N ARG B 89 2.94 -7.35 15.04
CA ARG B 89 2.93 -7.68 13.64
C ARG B 89 1.78 -8.70 13.51
N PHE B 90 0.65 -8.23 12.99
CA PHE B 90 -0.60 -9.01 12.88
C PHE B 90 -1.04 -9.60 14.20
N GLY B 91 -0.95 -8.80 15.26
CA GLY B 91 -1.41 -9.22 16.58
C GLY B 91 -0.44 -10.01 17.43
N GLY B 92 0.56 -10.63 16.79
CA GLY B 92 1.62 -11.33 17.50
C GLY B 92 2.87 -10.49 17.53
N ALA B 93 3.97 -11.02 18.10
CA ALA B 93 5.25 -10.30 18.13
C ALA B 93 5.94 -10.35 16.76
N THR B 94 6.97 -9.53 16.56
CA THR B 94 7.69 -9.51 15.28
C THR B 94 8.52 -10.77 15.07
N SER B 95 8.82 -11.08 13.81
CA SER B 95 9.63 -12.26 13.52
C SER B 95 11.05 -12.06 14.05
N GLN B 96 11.58 -10.84 13.95
CA GLN B 96 12.92 -10.53 14.46
C GLN B 96 13.07 -10.99 15.92
N ARG B 98 11.09 -13.26 17.49
CA ARG B 98 10.92 -14.70 17.61
C ARG B 98 12.20 -15.47 17.30
N ALA B 99 12.92 -15.02 16.28
CA ALA B 99 14.24 -15.57 15.92
C ALA B 99 15.20 -15.55 17.11
N PHE B 100 15.19 -14.45 17.85
CA PHE B 100 15.94 -14.38 19.09
C PHE B 100 15.44 -15.39 20.14
N ILE B 101 14.13 -15.58 20.22
CA ILE B 101 13.56 -16.53 21.19
C ILE B 101 13.88 -17.96 20.80
N ASP B 102 13.79 -18.28 19.50
CA ASP B 102 14.07 -19.63 19.01
C ASP B 102 15.54 -20.05 19.19
N THR B 103 16.35 -19.18 19.78
CA THR B 103 17.75 -19.49 20.10
C THR B 103 18.04 -19.62 21.61
N LEU B 104 16.99 -19.77 22.41
CA LEU B 104 17.11 -19.93 23.86
C LEU B 104 16.91 -21.38 24.27
N GLY B 105 17.08 -22.30 23.33
CA GLY B 105 16.81 -23.70 23.57
C GLY B 105 17.76 -24.32 24.57
N GLY B 106 19.04 -24.12 24.36
CA GLY B 106 20.04 -24.75 25.20
C GLY B 106 20.06 -24.09 26.55
N LEU B 107 19.72 -22.81 26.57
CA LEU B 107 19.68 -22.05 27.82
C LEU B 107 18.44 -22.45 28.61
N TRP B 108 17.41 -22.86 27.88
CA TRP B 108 16.16 -23.33 28.48
C TRP B 108 16.36 -24.70 29.13
N SER B 109 16.93 -25.65 28.39
CA SER B 109 17.14 -27.00 28.90
C SER B 109 18.15 -27.02 30.05
N SER B 110 19.16 -26.14 30.02
CA SER B 110 20.05 -25.95 31.18
C SER B 110 19.30 -25.48 32.45
N GLY B 111 18.06 -25.03 32.29
CA GLY B 111 17.21 -24.63 33.40
C GLY B 111 17.52 -23.25 33.93
N LYS B 112 18.39 -22.51 33.25
CA LYS B 112 18.86 -21.20 33.73
C LYS B 112 17.89 -20.05 33.44
N LEU B 113 16.82 -20.32 32.69
CA LEU B 113 15.78 -19.30 32.53
C LEU B 113 14.81 -19.30 33.71
N ALA B 114 14.68 -20.42 34.40
CA ALA B 114 13.76 -20.54 35.53
C ALA B 114 13.98 -19.46 36.59
N ASN B 115 12.87 -18.91 37.08
CA ASN B 115 12.84 -17.97 38.19
C ASN B 115 13.28 -16.54 37.90
N LYS B 116 13.53 -16.21 36.65
CA LYS B 116 13.78 -14.82 36.29
C LYS B 116 12.43 -14.14 36.32
N THR B 117 12.44 -12.84 36.61
CA THR B 117 11.24 -12.05 36.55
C THR B 117 11.06 -11.59 35.10
N PHE B 118 9.83 -11.62 34.60
CA PHE B 118 9.56 -11.25 33.22
C PHE B 118 8.33 -10.36 33.14
N SER B 119 8.44 -9.26 32.38
CA SER B 119 7.27 -8.48 31.97
C SER B 119 7.43 -8.15 30.48
N ALA B 120 6.56 -7.33 29.91
CA ALA B 120 6.60 -7.09 28.47
C ALA B 120 5.92 -5.79 28.03
N THR B 122 4.65 -3.45 24.17
CA THR B 122 4.40 -3.43 22.74
C THR B 122 4.03 -2.04 22.23
N SER B 123 3.97 -1.93 20.92
CA SER B 123 3.50 -0.73 20.25
C SER B 123 2.79 -1.13 18.95
N ALA B 124 1.87 -0.30 18.52
CA ALA B 124 1.11 -0.58 17.33
C ALA B 124 0.57 0.72 16.80
N GLN B 125 0.03 0.68 15.58
CA GLN B 125 -0.54 1.87 14.98
C GLN B 125 -1.82 2.27 15.69
N ASN B 126 -2.76 1.34 15.82
CA ASN B 126 -4.08 1.66 16.35
C ASN B 126 -4.19 1.29 17.82
N VAL B 127 -4.97 2.06 18.60
CA VAL B 127 -5.16 1.75 20.02
C VAL B 127 -5.49 0.28 20.27
N ASN B 128 -6.31 -0.33 19.41
CA ASN B 128 -6.79 -1.70 19.62
C ASN B 128 -6.31 -2.70 18.55
N GLY B 129 -5.18 -2.39 17.91
CA GLY B 129 -4.66 -3.23 16.83
C GLY B 129 -3.65 -4.30 17.26
N GLY B 130 -4.00 -5.06 18.29
CA GLY B 130 -3.10 -6.07 18.84
C GLY B 130 -2.20 -5.63 20.00
N GLN B 131 -2.55 -4.52 20.66
CA GLN B 131 -1.74 -4.05 21.79
C GLN B 131 -1.83 -4.94 23.05
N GLU B 132 -2.86 -5.78 23.15
CA GLU B 132 -3.01 -6.67 24.30
C GLU B 132 -2.54 -8.06 23.90
N THR B 133 -3.10 -8.61 22.83
CA THR B 133 -2.75 -9.95 22.35
C THR B 133 -1.24 -10.22 22.23
N THR B 134 -0.50 -9.26 21.67
CA THR B 134 0.94 -9.38 21.48
C THR B 134 1.71 -9.58 22.78
N LEU B 135 1.27 -8.93 23.83
CA LEU B 135 1.87 -9.16 25.14
C LEU B 135 1.45 -10.53 25.63
N GLN B 136 0.20 -10.88 25.38
CA GLN B 136 -0.30 -12.18 25.76
C GLN B 136 0.57 -13.29 25.16
N THR B 137 0.99 -13.14 23.90
CA THR B 137 1.89 -14.12 23.27
C THR B 137 3.26 -14.11 23.95
N LEU B 138 3.77 -12.91 24.25
CA LEU B 138 5.05 -12.78 24.96
C LEU B 138 5.00 -13.33 26.40
N TYR B 139 3.82 -13.36 27.01
CA TYR B 139 3.67 -13.97 28.35
C TYR B 139 3.52 -15.49 28.29
N THR B 141 5.01 -17.22 26.12
CA THR B 141 6.35 -17.65 25.82
C THR B 141 7.20 -17.72 27.09
N ALA B 142 6.97 -16.80 28.02
CA ALA B 142 7.76 -16.77 29.24
C ALA B 142 7.39 -17.90 30.21
N HIS B 144 6.75 -21.10 29.62
CA HIS B 144 7.43 -22.34 29.31
C HIS B 144 8.83 -22.37 29.97
N TRP B 145 9.40 -21.21 30.23
CA TRP B 145 10.68 -21.12 30.95
C TRP B 145 10.54 -21.37 32.44
N GLY B 146 9.32 -21.19 32.97
CA GLY B 146 9.11 -21.19 34.42
C GLY B 146 9.54 -19.87 35.02
N ALA B 147 9.19 -18.77 34.38
CA ALA B 147 9.49 -17.45 34.89
C ALA B 147 8.49 -17.12 35.95
N VAL B 148 8.75 -16.06 36.69
CA VAL B 148 7.73 -15.46 37.55
C VAL B 148 7.33 -14.17 36.83
N LEU B 149 6.08 -14.12 36.40
CA LEU B 149 5.61 -13.03 35.56
C LEU B 149 5.08 -11.92 36.45
N THR B 150 5.51 -10.68 36.15
CA THR B 150 5.15 -9.52 36.95
C THR B 150 4.63 -8.38 36.07
N PRO B 151 3.42 -8.55 35.51
CA PRO B 151 2.87 -7.45 34.76
C PRO B 151 2.45 -6.37 35.73
N PRO B 152 2.31 -5.14 35.26
CA PRO B 152 1.98 -4.05 36.15
C PRO B 152 0.55 -4.13 36.63
N GLY B 153 -0.33 -4.64 35.79
CA GLY B 153 -1.75 -4.58 36.08
C GLY B 153 -2.17 -3.12 36.24
N TYR B 154 -3.27 -2.91 36.94
CA TYR B 154 -3.57 -1.58 37.45
C TYR B 154 -3.01 -1.56 38.86
N THR B 155 -1.93 -0.80 39.06
CA THR B 155 -1.41 -0.55 40.41
C THR B 155 -1.09 0.95 40.60
N ASP B 156 -1.75 1.80 39.81
CA ASP B 156 -1.59 3.25 39.93
C ASP B 156 -2.60 4.01 39.05
N GLU B 157 -2.74 5.31 39.33
CA GLU B 157 -3.56 6.21 38.51
C GLU B 157 -2.90 6.47 37.14
N VAL B 158 -1.57 6.31 37.09
CA VAL B 158 -0.78 6.48 35.87
C VAL B 158 -1.13 5.48 34.77
N ILE B 159 -1.51 4.26 35.19
CA ILE B 159 -2.00 3.22 34.27
C ILE B 159 -3.31 3.72 33.60
N PHE B 160 -4.31 4.06 34.44
CA PHE B 160 -5.58 4.63 33.96
C PHE B 160 -5.33 5.77 32.97
N LYS B 161 -4.47 6.72 33.38
CA LYS B 161 -4.20 7.94 32.60
C LYS B 161 -3.40 7.74 31.29
N SER B 162 -2.95 6.52 31.01
CA SER B 162 -2.19 6.22 29.79
C SER B 162 -2.99 5.37 28.77
N GLY B 163 -4.23 5.04 29.11
CA GLY B 163 -5.04 4.11 28.32
C GLY B 163 -5.36 2.80 29.04
N GLY B 164 -4.81 2.63 30.26
CA GLY B 164 -5.07 1.47 31.11
C GLY B 164 -4.75 0.13 30.48
N ASN B 165 -3.46 -0.23 30.44
CA ASN B 165 -3.07 -1.56 29.95
C ASN B 165 -2.47 -2.39 31.06
N PRO B 166 -3.24 -3.31 31.65
CA PRO B 166 -2.75 -4.07 32.77
C PRO B 166 -1.69 -5.12 32.41
N TYR B 167 -1.69 -5.55 31.14
CA TYR B 167 -0.78 -6.60 30.65
C TYR B 167 0.65 -6.07 30.51
N GLY B 168 0.76 -4.81 30.12
CA GLY B 168 2.07 -4.16 30.00
C GLY B 168 1.91 -2.80 29.35
N ALA B 169 2.98 -2.01 29.33
CA ALA B 169 2.95 -0.75 28.62
C ALA B 169 2.66 -0.98 27.13
N SER B 170 1.91 -0.07 26.52
CA SER B 170 1.64 -0.14 25.08
C SER B 170 1.49 1.26 24.50
N VAL B 171 2.05 1.48 23.32
CA VAL B 171 2.07 2.80 22.72
C VAL B 171 1.37 2.82 21.36
N THR B 172 0.52 3.82 21.16
CA THR B 172 -0.07 4.06 19.85
C THR B 172 1.03 4.75 19.05
N ALA B 173 1.47 4.11 17.98
CA ALA B 173 2.65 4.56 17.24
C ALA B 173 2.23 5.31 16.00
N ASN B 174 2.24 6.63 16.13
CA ASN B 174 1.87 7.54 15.03
C ASN B 174 3.07 8.24 14.36
N GLY B 175 4.27 7.97 14.87
CA GLY B 175 5.50 8.71 14.49
C GLY B 175 5.84 9.80 15.52
N GLN B 176 4.81 10.36 16.16
CA GLN B 176 4.98 11.41 17.16
C GLN B 176 5.72 10.87 18.37
N PRO B 177 6.53 11.71 19.04
CA PRO B 177 7.14 11.33 20.32
C PRO B 177 6.15 10.82 21.37
N LEU B 178 6.63 9.85 22.15
CA LEU B 178 5.90 9.26 23.28
C LEU B 178 5.12 10.27 24.12
N LEU B 179 3.90 9.91 24.50
CA LEU B 179 3.15 10.72 25.46
C LEU B 179 3.73 10.52 26.86
N GLU B 180 3.78 11.58 27.66
CA GLU B 180 4.31 11.48 29.02
C GLU B 180 3.46 10.53 29.89
N ASN B 181 2.20 10.32 29.53
CA ASN B 181 1.38 9.32 30.22
C ASN B 181 1.86 7.88 30.00
N ASP B 182 2.52 7.63 28.86
CA ASP B 182 3.13 6.32 28.55
C ASP B 182 4.48 6.09 29.22
N ARG B 183 5.33 7.12 29.21
CA ARG B 183 6.59 7.08 29.96
C ARG B 183 6.34 6.80 31.40
N ALA B 184 5.33 7.46 31.93
CA ALA B 184 4.95 7.29 33.32
C ALA B 184 4.47 5.85 33.55
N SER B 185 3.71 5.34 32.58
CA SER B 185 3.28 3.95 32.63
C SER B 185 4.46 2.97 32.55
N ILE B 186 5.45 3.28 31.71
CA ILE B 186 6.64 2.44 31.55
C ILE B 186 7.53 2.52 32.79
N ARG B 187 7.77 3.71 33.29
CA ARG B 187 8.61 3.91 34.48
C ARG B 187 8.07 3.14 35.69
N HIS B 188 6.75 3.02 35.77
CA HIS B 188 6.10 2.30 36.85
C HIS B 188 6.28 0.80 36.73
N GLN B 189 6.04 0.26 35.54
CA GLN B 189 6.11 -1.18 35.30
C GLN B 189 7.48 -1.71 35.64
N VAL B 190 8.51 -1.00 35.21
CA VAL B 190 9.89 -1.41 35.47
C VAL B 190 10.22 -1.27 36.93
N ARG B 191 9.92 -0.12 37.52
CA ARG B 191 10.20 0.11 38.93
C ARG B 191 9.50 -0.92 39.81
N ARG B 192 8.27 -1.27 39.43
CA ARG B 192 7.54 -2.31 40.13
C ARG B 192 8.27 -3.63 40.04
N GLN B 193 8.80 -3.92 38.86
CA GLN B 193 9.44 -5.20 38.61
C GLN B 193 10.80 -5.33 39.30
N VAL B 194 11.52 -4.22 39.39
CA VAL B 194 12.82 -4.19 40.08
C VAL B 194 12.61 -4.49 41.55
N GLU B 195 11.65 -3.79 42.16
CA GLU B 195 11.32 -3.95 43.57
C GLU B 195 10.88 -5.37 43.94
N LEU B 196 10.13 -6.04 43.08
CA LEU B 196 9.74 -7.43 43.36
C LEU B 196 10.95 -8.33 43.28
N THR B 197 11.67 -8.25 42.16
CA THR B 197 12.89 -8.99 41.91
C THR B 197 13.89 -8.91 43.07
N ALA B 198 14.07 -7.70 43.60
CA ALA B 198 14.90 -7.47 44.78
C ALA B 198 14.40 -8.25 45.99
N LYS B 199 13.10 -8.17 46.26
CA LYS B 199 12.50 -8.94 47.36
C LYS B 199 12.73 -10.42 47.19
N LEU B 200 12.48 -10.95 45.99
CA LEU B 200 12.69 -12.38 45.72
C LEU B 200 14.08 -12.83 46.12
N LEU B 201 15.09 -12.15 45.56
CA LEU B 201 16.51 -12.40 45.84
C LEU B 201 16.82 -12.26 47.34
N GLU B 202 16.32 -11.17 47.92
CA GLU B 202 16.47 -10.89 49.33
C GLU B 202 16.12 -12.07 50.19
N GLY B 203 14.89 -12.58 50.05
CA GLY B 203 14.40 -13.70 50.85
C GLY B 203 14.97 -15.05 50.44
N GLY B 204 15.65 -15.08 49.29
CA GLY B 204 16.43 -16.24 48.88
C GLY B 204 17.85 -16.21 49.42
N SER B 205 18.07 -15.43 50.50
CA SER B 205 19.36 -15.31 51.22
C SER B 205 20.30 -14.33 50.55
N ALA C 5 -14.55 -22.98 -11.85
CA ALA C 5 -13.32 -23.81 -11.58
C ALA C 5 -13.33 -24.32 -10.15
N PRO C 6 -12.48 -25.31 -9.86
CA PRO C 6 -12.35 -25.76 -8.48
C PRO C 6 -11.71 -24.72 -7.53
N VAL C 7 -11.78 -25.05 -6.23
CA VAL C 7 -11.16 -24.26 -5.15
C VAL C 7 -9.63 -24.24 -5.19
N LYS C 8 -9.06 -23.05 -5.09
CA LYS C 8 -7.63 -22.87 -5.02
C LYS C 8 -7.18 -22.94 -3.55
N LEU C 9 -6.50 -24.02 -3.19
CA LEU C 9 -6.04 -24.26 -1.81
C LEU C 9 -4.52 -24.10 -1.64
N ALA C 10 -4.11 -23.18 -0.77
CA ALA C 10 -2.68 -23.08 -0.42
C ALA C 10 -2.41 -23.70 0.97
N ILE C 11 -1.55 -24.73 1.00
CA ILE C 11 -1.11 -25.33 2.27
C ILE C 11 0.33 -24.90 2.52
N VAL C 12 0.49 -23.85 3.33
CA VAL C 12 1.80 -23.31 3.62
C VAL C 12 2.27 -23.81 4.99
N PHE C 13 3.43 -24.46 5.06
CA PHE C 13 3.86 -25.10 6.29
C PHE C 13 5.34 -24.88 6.54
N TYR C 14 5.73 -24.96 7.80
CA TYR C 14 7.14 -25.07 8.13
C TYR C 14 7.36 -26.37 8.87
N SER C 15 8.54 -26.96 8.70
CA SER C 15 8.92 -28.19 9.40
C SER C 15 10.43 -28.36 9.39
N SER C 16 11.00 -28.65 10.56
CA SER C 16 12.44 -28.83 10.69
C SER C 16 12.83 -30.27 10.41
N THR C 17 12.01 -31.21 10.86
CA THR C 17 12.38 -32.62 10.88
C THR C 17 11.29 -33.58 10.40
N GLY C 18 10.33 -33.08 9.63
CA GLY C 18 9.38 -33.95 8.94
C GLY C 18 7.98 -34.09 9.51
N THR C 19 7.79 -33.87 10.81
CA THR C 19 6.45 -33.94 11.43
C THR C 19 5.51 -32.98 10.72
N GLY C 20 5.87 -31.69 10.69
CA GLY C 20 5.09 -30.70 9.98
C GLY C 20 4.90 -31.03 8.51
N TYR C 21 5.96 -31.56 7.90
CA TYR C 21 5.92 -31.96 6.51
C TYR C 21 4.94 -33.13 6.25
N ALA C 22 5.04 -34.18 7.04
CA ALA C 22 4.11 -35.32 6.94
C ALA C 22 2.64 -34.92 7.13
N ALA C 24 1.49 -31.82 6.54
CA ALA C 24 1.11 -30.94 5.43
C ALA C 24 0.84 -31.74 4.16
N GLN C 25 1.54 -32.86 4.00
CA GLN C 25 1.32 -33.75 2.86
C GLN C 25 -0.06 -34.39 2.95
N GLU C 26 -0.41 -34.88 4.13
CA GLU C 26 -1.72 -35.49 4.35
C GLU C 26 -2.86 -34.48 4.05
N ALA C 27 -2.67 -33.24 4.51
CA ALA C 27 -3.62 -32.17 4.20
C ALA C 27 -3.73 -31.96 2.69
N ALA C 28 -2.62 -32.07 1.98
CA ALA C 28 -2.61 -31.86 0.53
C ALA C 28 -3.43 -32.90 -0.18
N GLU C 29 -3.22 -34.17 0.18
CA GLU C 29 -3.94 -35.27 -0.46
C GLU C 29 -5.43 -35.07 -0.26
N ALA C 30 -5.82 -34.86 1.00
CA ALA C 30 -7.22 -34.53 1.38
C ALA C 30 -7.86 -33.43 0.53
N GLY C 31 -7.09 -32.39 0.27
CA GLY C 31 -7.56 -31.29 -0.54
C GLY C 31 -7.79 -31.65 -1.99
N ARG C 32 -6.99 -32.58 -2.51
CA ARG C 32 -7.12 -33.00 -3.91
C ARG C 32 -8.33 -33.89 -4.05
N ALA C 33 -8.43 -34.88 -3.16
CA ALA C 33 -9.62 -35.74 -3.07
C ALA C 33 -10.89 -34.92 -3.02
N ALA C 34 -10.91 -33.90 -2.17
CA ALA C 34 -12.07 -33.03 -2.05
C ALA C 34 -12.41 -32.29 -3.36
N GLY C 35 -11.44 -32.20 -4.27
CA GLY C 35 -11.68 -31.66 -5.61
C GLY C 35 -11.16 -30.25 -5.78
N ALA C 36 -10.30 -29.82 -4.86
CA ALA C 36 -9.69 -28.52 -4.94
C ALA C 36 -8.40 -28.61 -5.74
N GLU C 37 -7.95 -27.46 -6.24
CA GLU C 37 -6.62 -27.31 -6.81
C GLU C 37 -5.64 -26.91 -5.70
N VAL C 38 -4.63 -27.74 -5.48
CA VAL C 38 -3.84 -27.66 -4.25
C VAL C 38 -2.38 -27.35 -4.52
N ARG C 39 -1.84 -26.38 -3.79
CA ARG C 39 -0.40 -26.11 -3.78
C ARG C 39 0.21 -26.33 -2.39
N LEU C 40 1.16 -27.27 -2.32
CA LEU C 40 1.93 -27.52 -1.11
C LEU C 40 3.14 -26.59 -1.16
N LEU C 41 3.33 -25.84 -0.09
CA LEU C 41 4.28 -24.74 -0.04
C LEU C 41 5.09 -24.71 1.28
N LYS C 42 6.40 -24.86 1.19
CA LYS C 42 7.23 -24.85 2.39
C LYS C 42 7.60 -23.43 2.75
N VAL C 43 7.56 -23.11 4.03
CA VAL C 43 7.98 -21.80 4.55
C VAL C 43 9.50 -21.72 4.48
N ARG C 44 10.02 -20.75 3.76
CA ARG C 44 11.44 -20.62 3.60
C ARG C 44 12.23 -20.79 4.90
N GLU C 45 13.29 -21.59 4.84
CA GLU C 45 14.21 -21.78 5.95
C GLU C 45 15.08 -20.53 6.14
N THR C 46 15.26 -20.08 7.37
CA THR C 46 16.04 -18.86 7.60
C THR C 46 17.13 -19.01 8.67
N ALA C 47 17.27 -20.20 9.25
CA ALA C 47 18.26 -20.41 10.28
C ALA C 47 19.66 -20.55 9.66
N PRO C 48 20.71 -20.11 10.37
CA PRO C 48 22.09 -20.23 9.88
C PRO C 48 22.65 -21.66 9.84
N GLN C 49 23.27 -21.97 8.70
CA GLN C 49 23.80 -23.29 8.40
C GLN C 49 24.34 -24.03 9.63
N ASP C 50 25.42 -23.51 10.20
CA ASP C 50 26.04 -24.03 11.46
C ASP C 50 25.11 -24.74 12.47
N VAL C 51 24.02 -24.08 12.87
CA VAL C 51 23.08 -24.70 13.81
C VAL C 51 22.21 -25.77 13.12
N ILE C 52 21.93 -25.56 11.82
CA ILE C 52 21.30 -26.62 11.01
C ILE C 52 22.20 -27.86 11.07
N ASP C 53 23.49 -27.64 10.81
CA ASP C 53 24.51 -28.72 10.76
C ASP C 53 24.57 -29.52 12.05
N GLY C 54 24.43 -28.82 13.17
CA GLY C 54 24.24 -29.48 14.45
C GLY C 54 23.28 -30.67 14.38
N GLN C 55 22.21 -30.55 13.58
CA GLN C 55 21.20 -31.60 13.51
C GLN C 55 21.08 -32.16 12.11
N ASP C 56 21.24 -33.48 12.00
CA ASP C 56 21.25 -34.16 10.71
C ASP C 56 19.86 -34.62 10.27
N ALA C 57 18.95 -34.75 11.24
CA ALA C 57 17.54 -34.93 10.93
C ALA C 57 17.00 -33.68 10.25
N TRP C 58 17.36 -32.52 10.81
CA TRP C 58 17.04 -31.23 10.20
C TRP C 58 17.58 -31.20 8.76
N LYS C 59 18.88 -31.40 8.60
CA LYS C 59 19.48 -31.44 7.25
C LYS C 59 18.75 -32.39 6.28
N ALA C 60 18.51 -33.63 6.74
CA ALA C 60 17.90 -34.71 5.92
C ALA C 60 16.51 -34.36 5.40
N ASN C 61 15.72 -33.74 6.29
CA ASN C 61 14.40 -33.25 5.96
C ASN C 61 14.41 -32.08 4.96
N ILE C 62 15.41 -31.18 5.09
CA ILE C 62 15.59 -30.06 4.14
C ILE C 62 15.88 -30.58 2.73
N GLU C 63 16.79 -31.55 2.66
CA GLU C 63 17.02 -32.30 1.43
C GLU C 63 15.74 -33.03 0.97
N ALA C 64 15.06 -33.70 1.90
CA ALA C 64 13.80 -34.39 1.58
C ALA C 64 12.74 -33.48 0.93
N LYS C 66 13.47 -31.00 -1.19
CA LYS C 66 14.16 -30.28 -2.26
C LYS C 66 13.14 -29.85 -3.35
N ASP C 67 12.18 -30.70 -3.66
CA ASP C 67 11.29 -30.47 -4.80
C ASP C 67 9.92 -29.91 -4.40
N VAL C 68 9.72 -29.71 -3.09
CA VAL C 68 8.60 -28.92 -2.61
C VAL C 68 9.00 -27.46 -2.73
N PRO C 69 8.18 -26.66 -3.45
CA PRO C 69 8.53 -25.25 -3.69
C PRO C 69 8.34 -24.38 -2.45
N GLU C 70 8.89 -23.17 -2.48
CA GLU C 70 8.85 -22.25 -1.35
C GLU C 70 7.65 -21.29 -1.43
N ALA C 71 6.99 -21.07 -0.30
CA ALA C 71 5.80 -20.21 -0.24
C ALA C 71 6.10 -18.74 -0.58
N THR C 72 5.12 -18.06 -1.16
CA THR C 72 5.28 -16.66 -1.56
C THR C 72 3.95 -15.95 -1.39
N PRO C 73 3.98 -14.63 -1.17
CA PRO C 73 2.72 -13.89 -1.12
C PRO C 73 1.80 -14.23 -2.31
N ALA C 74 2.37 -14.28 -3.51
CA ALA C 74 1.70 -14.76 -4.74
C ALA C 74 0.85 -15.99 -4.47
N ASP C 75 1.43 -16.98 -3.81
CA ASP C 75 0.72 -18.20 -3.47
C ASP C 75 -0.53 -17.99 -2.58
N LEU C 76 -0.57 -16.90 -1.81
CA LEU C 76 -1.76 -16.57 -1.00
C LEU C 76 -2.72 -15.63 -1.72
N GLU C 77 -2.19 -14.81 -2.63
CA GLU C 77 -3.04 -14.04 -3.51
C GLU C 77 -3.89 -15.00 -4.34
N TRP C 78 -3.22 -16.05 -4.81
CA TRP C 78 -3.82 -17.15 -5.55
C TRP C 78 -4.89 -17.90 -4.76
N ALA C 79 -4.60 -18.15 -3.49
CA ALA C 79 -5.44 -19.00 -2.64
C ALA C 79 -6.81 -18.39 -2.29
N GLU C 80 -7.86 -19.18 -2.50
CA GLU C 80 -9.16 -18.89 -1.94
C GLU C 80 -9.21 -19.52 -0.53
N ALA C 81 -8.49 -20.63 -0.35
CA ALA C 81 -8.43 -21.32 0.93
C ALA C 81 -6.98 -21.50 1.40
N ILE C 82 -6.72 -21.18 2.65
CA ILE C 82 -5.37 -21.21 3.20
C ILE C 82 -5.30 -22.14 4.41
N VAL C 83 -4.22 -22.89 4.49
CA VAL C 83 -3.95 -23.69 5.66
C VAL C 83 -2.52 -23.43 6.07
N PHE C 84 -2.32 -23.07 7.34
CA PHE C 84 -1.02 -22.81 7.92
C PHE C 84 -0.66 -23.93 8.88
N SER C 85 0.59 -24.36 8.86
CA SER C 85 1.06 -25.38 9.78
C SER C 85 2.45 -25.07 10.28
N SER C 86 2.57 -24.78 11.57
CA SER C 86 3.89 -24.59 12.16
C SER C 86 4.03 -25.34 13.46
N PRO C 87 5.16 -26.03 13.65
CA PRO C 87 5.44 -26.62 14.95
C PRO C 87 5.53 -25.55 16.03
N THR C 88 5.34 -25.92 17.29
CA THR C 88 5.34 -24.95 18.37
C THR C 88 6.76 -24.61 18.84
N ARG C 89 6.94 -23.35 19.23
CA ARG C 89 8.23 -22.87 19.70
C ARG C 89 8.00 -22.01 20.95
N PHE C 90 8.08 -22.62 22.12
CA PHE C 90 7.72 -21.96 23.36
C PHE C 90 6.29 -21.39 23.29
N GLY C 91 5.38 -22.18 22.74
CA GLY C 91 3.97 -21.80 22.76
C GLY C 91 3.44 -21.08 21.53
N GLY C 92 4.28 -20.30 20.87
CA GLY C 92 3.89 -19.64 19.63
C GLY C 92 4.53 -20.28 18.41
N ALA C 93 4.13 -19.81 17.22
CA ALA C 93 4.67 -20.29 15.96
C ALA C 93 6.15 -19.98 15.80
N THR C 94 6.80 -20.79 14.98
CA THR C 94 8.24 -20.65 14.67
C THR C 94 8.54 -19.29 14.08
N SER C 95 9.75 -18.78 14.29
CA SER C 95 10.15 -17.51 13.71
C SER C 95 10.08 -17.52 12.17
N GLN C 96 10.26 -18.71 11.57
CA GLN C 96 10.20 -18.87 10.12
C GLN C 96 8.78 -18.60 9.59
N ARG C 98 6.53 -16.95 11.05
CA ARG C 98 6.30 -15.54 11.31
C ARG C 98 6.98 -14.67 10.26
N ALA C 99 8.22 -15.00 9.94
CA ALA C 99 8.96 -14.26 8.94
C ALA C 99 8.22 -14.27 7.61
N PHE C 100 7.56 -15.37 7.29
CA PHE C 100 6.76 -15.42 6.07
C PHE C 100 5.57 -14.49 6.25
N ILE C 101 4.80 -14.72 7.31
CA ILE C 101 3.65 -13.86 7.67
C ILE C 101 4.02 -12.38 7.61
N ASP C 102 5.23 -12.07 8.07
CA ASP C 102 5.72 -10.71 8.09
C ASP C 102 5.88 -10.12 6.69
N THR C 103 6.06 -10.94 5.66
CA THR C 103 6.23 -10.39 4.31
C THR C 103 4.92 -10.00 3.60
N LEU C 104 3.78 -10.14 4.27
CA LEU C 104 2.48 -9.99 3.61
C LEU C 104 1.88 -8.57 3.67
N GLY C 105 2.61 -7.62 4.25
CA GLY C 105 2.13 -6.25 4.38
C GLY C 105 1.58 -5.62 3.10
N GLY C 106 2.20 -5.95 1.97
CA GLY C 106 1.75 -5.45 0.66
C GLY C 106 0.39 -6.02 0.31
N LEU C 107 0.27 -7.34 0.35
CA LEU C 107 -1.03 -8.02 0.15
C LEU C 107 -2.11 -7.53 1.13
N TRP C 108 -1.77 -7.44 2.41
CA TRP C 108 -2.68 -6.92 3.43
C TRP C 108 -3.11 -5.49 3.11
N SER C 109 -2.15 -4.63 2.77
CA SER C 109 -2.39 -3.19 2.55
C SER C 109 -3.39 -2.90 1.44
N SER C 110 -3.41 -3.75 0.42
CA SER C 110 -4.40 -3.67 -0.63
C SER C 110 -5.38 -4.81 -0.44
N GLY C 111 -5.84 -4.97 0.81
CA GLY C 111 -6.86 -5.94 1.24
C GLY C 111 -7.00 -7.20 0.42
N LYS C 112 -5.86 -7.73 -0.02
CA LYS C 112 -5.81 -8.80 -1.03
C LYS C 112 -5.86 -10.18 -0.36
N LEU C 113 -5.98 -10.20 0.97
CA LEU C 113 -6.16 -11.43 1.75
C LEU C 113 -7.55 -11.57 2.35
N ALA C 114 -8.32 -10.48 2.31
CA ALA C 114 -9.66 -10.44 2.92
C ALA C 114 -10.62 -11.47 2.33
N ASN C 115 -11.46 -12.03 3.20
CA ASN C 115 -12.47 -13.01 2.84
C ASN C 115 -11.93 -14.30 2.23
N LYS C 116 -10.65 -14.60 2.41
CA LYS C 116 -10.13 -15.96 2.15
C LYS C 116 -10.39 -16.85 3.36
N THR C 117 -10.60 -18.12 3.14
CA THR C 117 -10.97 -19.01 4.23
C THR C 117 -9.63 -19.45 4.86
N PHE C 118 -9.61 -19.89 6.12
CA PHE C 118 -8.34 -20.10 6.86
C PHE C 118 -8.41 -21.07 8.03
N SER C 119 -7.44 -21.98 8.11
CA SER C 119 -7.28 -22.92 9.23
C SER C 119 -5.82 -23.12 9.59
N ALA C 120 -5.57 -23.65 10.77
CA ALA C 120 -4.22 -23.91 11.22
C ALA C 120 -4.04 -25.35 11.70
N THR C 122 -0.68 -27.74 13.91
CA THR C 122 0.58 -27.67 14.57
C THR C 122 1.02 -29.02 15.10
N SER C 123 2.23 -29.04 15.65
CA SER C 123 2.78 -30.18 16.33
C SER C 123 3.69 -29.72 17.47
N ALA C 124 3.88 -30.58 18.45
CA ALA C 124 4.67 -30.26 19.65
C ALA C 124 5.14 -31.55 20.33
N GLN C 125 6.33 -31.52 20.92
CA GLN C 125 6.91 -32.68 21.62
C GLN C 125 6.03 -33.10 22.79
N ASN C 126 5.49 -32.14 23.53
CA ASN C 126 4.59 -32.42 24.64
C ASN C 126 3.13 -32.25 24.22
N VAL C 127 2.22 -32.99 24.84
CA VAL C 127 0.81 -33.00 24.38
C VAL C 127 0.00 -31.75 24.82
N ASN C 128 0.26 -31.29 26.04
CA ASN C 128 -0.29 -30.05 26.59
C ASN C 128 0.71 -28.89 26.43
N GLY C 129 1.65 -29.00 25.50
CA GLY C 129 2.77 -28.06 25.44
C GLY C 129 2.62 -26.89 24.48
N GLY C 130 1.40 -26.36 24.40
CA GLY C 130 1.12 -25.26 23.46
C GLY C 130 0.61 -25.73 22.10
N GLN C 131 -0.05 -26.88 22.07
CA GLN C 131 -0.74 -27.35 20.86
C GLN C 131 -2.06 -26.59 20.63
N GLU C 132 -2.52 -25.83 21.63
CA GLU C 132 -3.72 -25.00 21.49
C GLU C 132 -3.36 -23.53 21.33
N THR C 133 -2.42 -23.04 22.14
CA THR C 133 -2.01 -21.64 22.07
C THR C 133 -1.32 -21.31 20.75
N THR C 134 -0.52 -22.23 20.23
CA THR C 134 0.21 -21.94 19.00
C THR C 134 -0.76 -21.78 17.81
N LEU C 135 -1.84 -22.57 17.80
CA LEU C 135 -2.89 -22.36 16.80
C LEU C 135 -3.66 -21.06 17.04
N GLN C 136 -3.91 -20.76 18.31
CA GLN C 136 -4.61 -19.55 18.68
C GLN C 136 -3.91 -18.31 18.09
N THR C 137 -2.58 -18.31 18.04
CA THR C 137 -1.85 -17.13 17.57
C THR C 137 -1.94 -17.01 16.05
N LEU C 138 -1.86 -18.16 15.36
CA LEU C 138 -2.07 -18.19 13.89
C LEU C 138 -3.47 -17.70 13.50
N TYR C 139 -4.47 -17.96 14.35
CA TYR C 139 -5.81 -17.44 14.14
C TYR C 139 -5.94 -15.97 14.43
N THR C 141 -3.62 -13.82 14.01
CA THR C 141 -2.99 -13.22 12.85
C THR C 141 -3.97 -13.18 11.68
N ALA C 142 -4.75 -14.24 11.50
CA ALA C 142 -5.67 -14.34 10.35
C ALA C 142 -6.84 -13.35 10.43
N HIS C 144 -6.66 -10.30 11.59
CA HIS C 144 -6.19 -9.01 11.13
C HIS C 144 -6.37 -8.87 9.62
N TRP C 145 -6.30 -9.98 8.88
CA TRP C 145 -6.52 -9.95 7.43
C TRP C 145 -7.99 -9.89 7.05
N GLY C 146 -8.87 -10.20 7.98
CA GLY C 146 -10.30 -10.26 7.70
C GLY C 146 -10.61 -11.52 6.94
N ALA C 147 -10.02 -12.62 7.39
CA ALA C 147 -10.20 -13.93 6.75
C ALA C 147 -11.28 -14.72 7.45
N VAL C 148 -12.15 -15.37 6.69
CA VAL C 148 -13.20 -16.20 7.28
C VAL C 148 -12.51 -17.43 7.88
N LEU C 149 -12.58 -17.57 9.20
CA LEU C 149 -11.90 -18.68 9.90
C LEU C 149 -12.79 -19.89 10.04
N THR C 150 -12.30 -21.04 9.59
CA THR C 150 -13.10 -22.26 9.53
C THR C 150 -12.42 -23.39 10.32
N PRO C 151 -12.35 -23.25 11.65
CA PRO C 151 -11.75 -24.34 12.41
C PRO C 151 -12.66 -25.58 12.40
N PRO C 152 -12.09 -26.76 12.67
CA PRO C 152 -12.85 -28.01 12.57
C PRO C 152 -13.93 -28.19 13.64
N GLY C 153 -13.76 -27.56 14.80
CA GLY C 153 -14.69 -27.73 15.92
C GLY C 153 -14.73 -29.18 16.35
N TYR C 154 -15.88 -29.61 16.88
CA TYR C 154 -16.09 -31.02 17.14
C TYR C 154 -17.11 -31.53 16.14
N THR C 155 -16.85 -31.29 14.86
CA THR C 155 -17.82 -31.59 13.82
C THR C 155 -17.71 -33.02 13.28
N ASP C 156 -16.94 -33.89 13.95
CA ASP C 156 -16.85 -35.30 13.57
C ASP C 156 -16.04 -36.13 14.56
N GLU C 157 -16.59 -37.30 14.89
CA GLU C 157 -15.96 -38.35 15.70
C GLU C 157 -14.43 -38.38 15.65
N VAL C 158 -13.86 -38.21 14.47
CA VAL C 158 -12.41 -38.32 14.28
C VAL C 158 -11.61 -37.32 15.13
N ILE C 159 -12.17 -36.13 15.38
CA ILE C 159 -11.50 -35.12 16.22
C ILE C 159 -11.40 -35.55 17.69
N PHE C 160 -12.41 -36.27 18.18
CA PHE C 160 -12.40 -36.81 19.54
C PHE C 160 -11.34 -37.89 19.70
N LYS C 161 -11.31 -38.78 18.72
CA LYS C 161 -10.38 -39.89 18.71
C LYS C 161 -8.91 -39.48 18.56
N SER C 162 -8.67 -38.32 17.94
CA SER C 162 -7.30 -37.87 17.65
C SER C 162 -6.76 -36.84 18.65
N GLY C 163 -7.55 -36.52 19.68
CA GLY C 163 -7.10 -35.58 20.71
C GLY C 163 -8.22 -34.74 21.25
N GLY C 164 -9.14 -34.35 20.37
CA GLY C 164 -10.23 -33.44 20.73
C GLY C 164 -9.82 -31.98 20.64
N ASN C 165 -9.00 -31.64 19.65
CA ASN C 165 -8.56 -30.27 19.42
C ASN C 165 -9.48 -29.65 18.40
N PRO C 166 -10.40 -28.79 18.84
CA PRO C 166 -11.32 -28.14 17.93
C PRO C 166 -10.72 -26.93 17.21
N TYR C 167 -9.52 -26.52 17.64
CA TYR C 167 -8.84 -25.38 17.05
C TYR C 167 -8.17 -25.73 15.72
N GLY C 168 -7.59 -26.92 15.65
CA GLY C 168 -6.94 -27.37 14.44
C GLY C 168 -6.29 -28.69 14.76
N ALA C 169 -5.80 -29.36 13.74
CA ALA C 169 -5.10 -30.62 13.94
C ALA C 169 -3.84 -30.36 14.73
N SER C 170 -3.60 -31.17 15.75
CA SER C 170 -2.35 -31.05 16.52
C SER C 170 -1.75 -32.44 16.66
N VAL C 171 -0.43 -32.51 16.67
CA VAL C 171 0.28 -33.79 16.66
C VAL C 171 1.37 -33.74 17.70
N THR C 172 1.51 -34.84 18.45
CA THR C 172 2.59 -34.98 19.41
C THR C 172 3.79 -35.59 18.69
N ALA C 173 4.74 -34.71 18.35
CA ALA C 173 5.94 -35.06 17.59
C ALA C 173 6.88 -35.83 18.48
N ASN C 174 6.89 -37.14 18.29
CA ASN C 174 7.74 -38.03 19.07
C ASN C 174 8.63 -38.92 18.20
N GLY C 175 8.71 -38.63 16.90
CA GLY C 175 9.46 -39.47 15.95
C GLY C 175 8.65 -40.51 15.19
N GLN C 176 7.66 -41.11 15.86
CA GLN C 176 6.85 -42.19 15.26
C GLN C 176 6.10 -41.72 14.01
N PRO C 177 5.65 -42.68 13.16
CA PRO C 177 4.77 -42.35 12.04
C PRO C 177 3.50 -41.63 12.45
N LEU C 178 3.01 -40.76 11.57
CA LEU C 178 1.74 -40.07 11.79
C LEU C 178 0.63 -41.09 12.04
N LEU C 179 0.06 -41.09 13.24
CA LEU C 179 -0.96 -42.07 13.66
C LEU C 179 -2.21 -41.99 12.78
N GLU C 180 -2.98 -43.07 12.71
CA GLU C 180 -4.15 -43.09 11.81
C GLU C 180 -5.24 -42.07 12.19
N ASN C 181 -5.40 -41.79 13.48
CA ASN C 181 -6.43 -40.83 13.89
C ASN C 181 -6.05 -39.37 13.63
N ASP C 182 -4.76 -39.07 13.76
CA ASP C 182 -4.26 -37.73 13.42
C ASP C 182 -4.59 -37.42 11.96
N ARG C 183 -4.32 -38.37 11.09
CA ARG C 183 -4.59 -38.15 9.66
C ARG C 183 -6.09 -38.05 9.35
N ALA C 184 -6.90 -38.85 10.03
CA ALA C 184 -8.34 -38.78 9.87
C ALA C 184 -8.78 -37.34 10.11
N SER C 185 -8.22 -36.76 11.16
CA SER C 185 -8.53 -35.39 11.54
C SER C 185 -7.95 -34.36 10.57
N ILE C 186 -6.68 -34.46 10.23
CA ILE C 186 -6.11 -33.54 9.23
C ILE C 186 -6.99 -33.50 7.99
N ARG C 187 -7.35 -34.67 7.49
CA ARG C 187 -8.24 -34.79 6.34
C ARG C 187 -9.54 -34.06 6.60
N HIS C 188 -10.17 -34.36 7.73
CA HIS C 188 -11.45 -33.76 8.01
C HIS C 188 -11.45 -32.22 7.99
N GLN C 189 -10.59 -31.64 8.81
CA GLN C 189 -10.44 -30.19 8.88
C GLN C 189 -10.34 -29.55 7.50
N VAL C 190 -9.54 -30.16 6.63
CA VAL C 190 -9.29 -29.67 5.26
C VAL C 190 -10.52 -29.91 4.36
N ARG C 191 -10.92 -31.17 4.29
CA ARG C 191 -12.14 -31.58 3.60
C ARG C 191 -13.30 -30.63 3.88
N ARG C 192 -13.52 -30.36 5.17
CA ARG C 192 -14.54 -29.42 5.62
C ARG C 192 -14.30 -28.01 5.09
N GLN C 193 -13.05 -27.58 5.07
CA GLN C 193 -12.72 -26.23 4.67
C GLN C 193 -12.97 -26.05 3.19
N VAL C 194 -12.63 -27.05 2.38
CA VAL C 194 -12.80 -26.97 0.93
C VAL C 194 -14.28 -26.83 0.60
N GLU C 195 -15.09 -27.66 1.23
CA GLU C 195 -16.53 -27.58 1.07
C GLU C 195 -17.09 -26.19 1.41
N LEU C 196 -16.71 -25.63 2.55
CA LEU C 196 -17.21 -24.32 2.99
C LEU C 196 -16.79 -23.19 2.05
N THR C 197 -15.58 -23.29 1.50
CA THR C 197 -15.06 -22.25 0.63
C THR C 197 -15.84 -22.27 -0.68
N ALA C 198 -16.12 -23.48 -1.17
CA ALA C 198 -16.98 -23.65 -2.35
C ALA C 198 -18.34 -22.99 -2.14
N LYS C 199 -18.97 -23.24 -0.99
CA LYS C 199 -20.25 -22.62 -0.69
C LYS C 199 -20.16 -21.09 -0.76
N LEU C 200 -19.07 -20.53 -0.22
CA LEU C 200 -18.83 -19.08 -0.29
C LEU C 200 -18.76 -18.56 -1.71
N LEU C 201 -17.97 -19.21 -2.56
CA LEU C 201 -17.67 -18.74 -3.92
C LEU C 201 -18.84 -18.93 -4.87
N GLU C 202 -19.58 -20.01 -4.68
CA GLU C 202 -20.86 -20.22 -5.36
C GLU C 202 -21.86 -19.15 -4.96
N GLY C 203 -21.80 -18.69 -3.71
CA GLY C 203 -22.73 -17.70 -3.17
C GLY C 203 -22.57 -16.25 -3.62
N GLY C 204 -21.66 -16.00 -4.56
CA GLY C 204 -21.60 -14.71 -5.25
C GLY C 204 -20.96 -14.85 -6.63
N SER C 205 -21.34 -15.92 -7.34
CA SER C 205 -20.64 -16.35 -8.58
C SER C 205 -20.41 -15.20 -9.56
N ALA D 5 -35.70 -16.81 1.48
CA ALA D 5 -35.66 -16.25 2.87
C ALA D 5 -34.47 -15.32 3.05
N PRO D 6 -34.52 -14.44 4.07
CA PRO D 6 -33.37 -13.62 4.43
C PRO D 6 -32.49 -14.31 5.47
N VAL D 7 -31.43 -13.62 5.89
CA VAL D 7 -30.54 -14.11 6.95
C VAL D 7 -31.17 -13.97 8.32
N LYS D 8 -31.08 -15.02 9.13
CA LYS D 8 -31.63 -14.99 10.46
C LYS D 8 -30.52 -14.62 11.45
N LEU D 9 -30.53 -13.35 11.90
CA LEU D 9 -29.50 -12.78 12.78
C LEU D 9 -29.94 -12.68 14.28
N ALA D 10 -29.14 -13.26 15.17
CA ALA D 10 -29.35 -13.16 16.62
C ALA D 10 -28.26 -12.32 17.28
N ILE D 11 -28.66 -11.23 17.93
CA ILE D 11 -27.73 -10.40 18.68
C ILE D 11 -27.99 -10.60 20.16
N VAL D 12 -27.07 -11.31 20.81
CA VAL D 12 -27.16 -11.66 22.22
C VAL D 12 -26.18 -10.80 22.99
N PHE D 13 -26.69 -9.89 23.81
CA PHE D 13 -25.83 -8.96 24.58
C PHE D 13 -26.07 -9.06 26.09
N TYR D 14 -25.05 -8.73 26.87
CA TYR D 14 -25.25 -8.38 28.28
C TYR D 14 -24.92 -6.90 28.45
N SER D 15 -25.55 -6.27 29.43
CA SER D 15 -25.28 -4.88 29.73
C SER D 15 -25.83 -4.60 31.11
N SER D 16 -24.98 -4.11 32.00
CA SER D 16 -25.39 -3.66 33.32
C SER D 16 -25.83 -2.22 33.25
N THR D 17 -24.97 -1.35 32.74
CA THR D 17 -25.24 0.10 32.77
C THR D 17 -25.58 0.75 31.42
N GLY D 18 -25.64 -0.04 30.35
CA GLY D 18 -26.24 0.42 29.10
C GLY D 18 -25.39 0.61 27.87
N THR D 19 -24.07 0.69 28.02
CA THR D 19 -23.21 0.81 26.81
C THR D 19 -23.38 -0.41 25.93
N GLY D 20 -23.43 -1.59 26.55
CA GLY D 20 -23.67 -2.84 25.82
C GLY D 20 -24.99 -2.84 25.05
N TYR D 21 -26.03 -2.35 25.70
CA TYR D 21 -27.38 -2.25 25.09
C TYR D 21 -27.36 -1.24 23.95
N ALA D 22 -26.55 -0.18 24.11
CA ALA D 22 -26.41 0.86 23.08
C ALA D 22 -25.84 0.30 21.80
N ALA D 24 -25.57 -2.99 20.95
CA ALA D 24 -26.49 -4.02 20.48
C ALA D 24 -27.56 -3.48 19.54
N GLN D 25 -28.28 -2.46 20.00
CA GLN D 25 -29.30 -1.81 19.21
C GLN D 25 -28.79 -1.39 17.84
N GLU D 26 -27.64 -0.73 17.82
CA GLU D 26 -27.00 -0.28 16.57
C GLU D 26 -26.66 -1.48 15.67
N ALA D 27 -26.15 -2.54 16.27
CA ALA D 27 -25.79 -3.74 15.54
C ALA D 27 -27.06 -4.36 14.96
N ALA D 28 -28.11 -4.43 15.77
CA ALA D 28 -29.41 -4.94 15.32
C ALA D 28 -29.96 -4.16 14.11
N GLU D 29 -29.90 -2.83 14.22
CA GLU D 29 -30.31 -1.92 13.17
C GLU D 29 -29.41 -2.02 11.93
N ALA D 30 -28.15 -2.37 12.13
CA ALA D 30 -27.25 -2.62 11.00
C ALA D 30 -27.66 -3.85 10.23
N GLY D 31 -28.11 -4.87 10.93
CA GLY D 31 -28.58 -6.09 10.29
C GLY D 31 -29.92 -5.91 9.60
N ARG D 32 -30.82 -5.15 10.25
CA ARG D 32 -32.10 -4.79 9.65
C ARG D 32 -31.92 -4.02 8.34
N ALA D 33 -31.04 -3.03 8.37
CA ALA D 33 -30.73 -2.26 7.17
C ALA D 33 -30.11 -3.14 6.08
N ALA D 34 -29.32 -4.15 6.47
CA ALA D 34 -28.64 -4.99 5.49
C ALA D 34 -29.53 -6.13 5.03
N GLY D 35 -30.79 -6.15 5.44
CA GLY D 35 -31.75 -7.12 4.93
C GLY D 35 -31.96 -8.38 5.77
N ALA D 36 -31.28 -8.48 6.91
CA ALA D 36 -31.44 -9.65 7.76
C ALA D 36 -32.75 -9.61 8.53
N GLU D 37 -33.22 -10.76 8.98
CA GLU D 37 -34.23 -10.83 9.99
C GLU D 37 -33.47 -10.91 11.30
N VAL D 38 -33.81 -10.04 12.25
CA VAL D 38 -32.96 -9.79 13.41
C VAL D 38 -33.71 -9.94 14.74
N ARG D 39 -33.04 -10.53 15.74
CA ARG D 39 -33.58 -10.60 17.10
C ARG D 39 -32.60 -10.02 18.08
N LEU D 40 -33.03 -8.97 18.78
CA LEU D 40 -32.27 -8.39 19.86
C LEU D 40 -32.64 -9.17 21.10
N LEU D 41 -31.62 -9.56 21.88
CA LEU D 41 -31.77 -10.55 22.96
C LEU D 41 -30.84 -10.24 24.12
N LYS D 42 -31.43 -9.94 25.28
CA LYS D 42 -30.66 -9.60 26.46
C LYS D 42 -30.29 -10.87 27.21
N VAL D 43 -29.12 -10.86 27.82
CA VAL D 43 -28.65 -11.96 28.65
C VAL D 43 -29.14 -11.68 30.05
N ARG D 44 -29.52 -12.72 30.76
CA ARG D 44 -30.25 -12.59 31.99
C ARG D 44 -29.42 -12.02 33.11
N GLU D 45 -29.98 -11.04 33.82
CA GLU D 45 -29.34 -10.49 35.00
C GLU D 45 -29.42 -11.52 36.12
N THR D 46 -28.27 -12.02 36.53
CA THR D 46 -28.20 -13.02 37.56
C THR D 46 -28.00 -12.34 38.90
N ALA D 47 -27.41 -11.16 38.88
CA ALA D 47 -27.12 -10.41 40.11
C ALA D 47 -28.34 -10.31 40.99
N PRO D 48 -28.12 -10.29 42.31
CA PRO D 48 -29.17 -10.13 43.30
C PRO D 48 -29.59 -8.67 43.45
N GLN D 49 -30.88 -8.45 43.76
CA GLN D 49 -31.50 -7.12 43.67
C GLN D 49 -30.80 -6.05 44.51
N ASP D 50 -30.50 -6.39 45.77
CA ASP D 50 -29.82 -5.45 46.69
C ASP D 50 -28.44 -4.99 46.19
N VAL D 51 -27.76 -5.84 45.44
CA VAL D 51 -26.51 -5.45 44.78
C VAL D 51 -26.78 -4.52 43.59
N ILE D 52 -27.79 -4.87 42.81
CA ILE D 52 -28.24 -3.99 41.71
C ILE D 52 -28.64 -2.62 42.26
N ASP D 53 -29.28 -2.62 43.42
CA ASP D 53 -29.87 -1.39 43.95
C ASP D 53 -28.86 -0.29 44.17
N GLY D 54 -27.69 -0.66 44.70
CA GLY D 54 -26.60 0.30 44.95
C GLY D 54 -26.02 0.95 43.69
N GLN D 55 -26.48 0.53 42.52
CA GLN D 55 -26.10 1.21 41.26
C GLN D 55 -27.33 1.62 40.46
N ASP D 56 -27.56 2.94 40.39
CA ASP D 56 -28.72 3.52 39.71
C ASP D 56 -28.73 3.26 38.20
N ALA D 57 -27.63 3.51 37.51
CA ALA D 57 -27.58 3.24 36.06
C ALA D 57 -27.86 1.77 35.75
N TRP D 58 -27.44 0.90 36.67
CA TRP D 58 -27.74 -0.51 36.56
C TRP D 58 -29.26 -0.72 36.70
N LYS D 59 -29.85 -0.15 37.75
CA LYS D 59 -31.29 -0.22 37.98
C LYS D 59 -32.04 0.38 36.76
N ALA D 60 -31.63 1.57 36.34
CA ALA D 60 -32.24 2.24 35.20
C ALA D 60 -32.15 1.40 33.92
N ASN D 61 -30.97 0.83 33.65
CA ASN D 61 -30.81 0.02 32.43
C ASN D 61 -31.72 -1.19 32.41
N ILE D 62 -31.95 -1.81 33.56
CA ILE D 62 -32.81 -2.97 33.64
C ILE D 62 -34.26 -2.61 33.33
N GLU D 63 -34.71 -1.46 33.86
CA GLU D 63 -36.01 -0.91 33.48
C GLU D 63 -36.05 -0.63 31.98
N ALA D 64 -35.05 0.11 31.51
CA ALA D 64 -34.90 0.45 30.10
C ALA D 64 -34.93 -0.74 29.14
N LYS D 66 -36.79 -3.40 29.75
CA LYS D 66 -37.92 -4.19 30.25
C LYS D 66 -38.55 -5.02 29.13
N ASP D 67 -38.60 -4.49 27.92
CA ASP D 67 -39.38 -5.11 26.85
C ASP D 67 -38.53 -5.87 25.83
N VAL D 68 -37.27 -6.13 26.16
CA VAL D 68 -36.37 -6.90 25.29
C VAL D 68 -36.32 -8.36 25.75
N PRO D 69 -36.64 -9.32 24.86
CA PRO D 69 -36.74 -10.71 25.31
C PRO D 69 -35.38 -11.30 25.74
N GLU D 70 -35.38 -12.16 26.75
CA GLU D 70 -34.18 -12.86 27.20
C GLU D 70 -33.67 -13.86 26.16
N ALA D 71 -32.35 -13.91 26.01
CA ALA D 71 -31.72 -14.85 25.09
C ALA D 71 -31.96 -16.29 25.52
N THR D 72 -32.18 -17.16 24.56
CA THR D 72 -32.40 -18.59 24.82
C THR D 72 -31.67 -19.47 23.80
N PRO D 73 -31.39 -20.72 24.16
CA PRO D 73 -30.83 -21.64 23.16
C PRO D 73 -31.69 -21.75 21.88
N ALA D 74 -33.01 -21.78 22.06
CA ALA D 74 -33.94 -21.75 20.94
C ALA D 74 -33.59 -20.66 19.94
N ASP D 75 -33.19 -19.50 20.45
CA ASP D 75 -32.82 -18.36 19.60
C ASP D 75 -31.54 -18.57 18.80
N LEU D 76 -30.62 -19.40 19.31
CA LEU D 76 -29.40 -19.73 18.57
C LEU D 76 -29.60 -20.90 17.62
N GLU D 77 -30.47 -21.83 17.99
CA GLU D 77 -30.92 -22.87 17.08
C GLU D 77 -31.55 -22.23 15.85
N TRP D 78 -32.36 -21.19 16.06
CA TRP D 78 -33.05 -20.45 15.00
C TRP D 78 -32.14 -19.72 14.02
N ALA D 79 -31.08 -19.11 14.54
CA ALA D 79 -30.30 -18.12 13.78
C ALA D 79 -29.21 -18.75 12.93
N GLU D 80 -28.87 -18.07 11.85
CA GLU D 80 -27.74 -18.45 11.01
C GLU D 80 -26.52 -17.59 11.29
N ALA D 81 -26.74 -16.37 11.73
CA ALA D 81 -25.67 -15.47 12.14
C ALA D 81 -25.83 -15.08 13.59
N ILE D 82 -24.76 -15.26 14.36
CA ILE D 82 -24.75 -14.97 15.78
C ILE D 82 -23.75 -13.86 16.07
N VAL D 83 -24.13 -12.90 16.89
CA VAL D 83 -23.20 -11.88 17.38
C VAL D 83 -23.30 -11.79 18.89
N PHE D 84 -22.20 -12.03 19.61
CA PHE D 84 -22.18 -11.91 21.08
C PHE D 84 -21.53 -10.61 21.47
N SER D 85 -22.09 -9.99 22.50
CA SER D 85 -21.61 -8.70 23.02
C SER D 85 -21.63 -8.66 24.55
N SER D 86 -20.49 -8.39 25.16
CA SER D 86 -20.36 -8.45 26.62
C SER D 86 -19.34 -7.46 27.10
N PRO D 87 -19.60 -6.80 28.23
CA PRO D 87 -18.55 -5.97 28.83
C PRO D 87 -17.40 -6.79 29.39
N THR D 88 -16.20 -6.21 29.50
CA THR D 88 -15.07 -6.98 30.02
C THR D 88 -15.18 -7.04 31.52
N ARG D 89 -14.92 -8.23 32.03
CA ARG D 89 -14.74 -8.43 33.44
C ARG D 89 -13.34 -9.03 33.62
N PHE D 90 -12.40 -8.19 34.05
CA PHE D 90 -10.99 -8.56 34.23
C PHE D 90 -10.40 -9.24 32.99
N GLY D 91 -10.72 -8.68 31.82
CA GLY D 91 -10.15 -9.14 30.56
C GLY D 91 -10.85 -10.32 29.93
N GLY D 92 -11.97 -10.75 30.53
CA GLY D 92 -12.79 -11.82 30.00
C GLY D 92 -14.24 -11.41 30.02
N ALA D 93 -15.07 -12.15 29.30
CA ALA D 93 -16.52 -11.92 29.26
C ALA D 93 -17.17 -11.96 30.65
N THR D 94 -18.38 -11.40 30.79
CA THR D 94 -19.08 -11.36 32.08
C THR D 94 -19.58 -12.72 32.50
N SER D 95 -19.80 -12.87 33.80
CA SER D 95 -20.26 -14.14 34.33
C SER D 95 -21.65 -14.48 33.81
N GLN D 96 -22.44 -13.46 33.44
CA GLN D 96 -23.78 -13.69 32.90
C GLN D 96 -23.64 -14.23 31.51
N ARG D 98 -21.42 -15.75 30.21
CA ARG D 98 -20.91 -17.13 30.30
C ARG D 98 -21.93 -18.13 30.81
N ALA D 99 -22.85 -17.69 31.67
CA ALA D 99 -23.91 -18.56 32.18
C ALA D 99 -24.82 -19.04 31.06
N PHE D 100 -25.16 -18.13 30.16
CA PHE D 100 -25.94 -18.46 28.96
C PHE D 100 -25.17 -19.42 28.08
N ILE D 101 -23.89 -19.17 27.88
CA ILE D 101 -23.04 -20.02 27.06
C ILE D 101 -23.04 -21.45 27.60
N ASP D 102 -23.16 -21.58 28.92
CA ASP D 102 -23.15 -22.88 29.55
C ASP D 102 -24.47 -23.60 29.34
N THR D 103 -25.53 -22.89 29.01
CA THR D 103 -26.80 -23.55 28.70
C THR D 103 -26.83 -24.14 27.28
N LEU D 104 -25.85 -23.81 26.45
CA LEU D 104 -25.83 -24.28 25.07
C LEU D 104 -25.23 -25.69 24.95
N GLY D 105 -25.07 -26.38 26.07
CA GLY D 105 -24.50 -27.72 26.06
C GLY D 105 -25.25 -28.64 25.14
N GLY D 106 -26.55 -28.71 25.29
CA GLY D 106 -27.37 -29.60 24.49
C GLY D 106 -27.41 -29.25 23.01
N LEU D 107 -27.48 -27.96 22.72
CA LEU D 107 -27.51 -27.48 21.34
C LEU D 107 -26.24 -27.91 20.62
N TRP D 108 -25.11 -27.71 21.29
CA TRP D 108 -23.82 -28.24 20.86
C TRP D 108 -23.87 -29.74 20.51
N SER D 109 -24.37 -30.54 21.44
CA SER D 109 -24.47 -31.98 21.27
C SER D 109 -25.38 -32.40 20.11
N SER D 110 -26.31 -31.54 19.71
CA SER D 110 -27.12 -31.78 18.51
C SER D 110 -26.39 -31.46 17.23
N GLY D 111 -25.21 -30.85 17.34
CA GLY D 111 -24.51 -30.30 16.17
C GLY D 111 -25.25 -29.12 15.56
N LYS D 112 -26.18 -28.55 16.33
CA LYS D 112 -27.06 -27.50 15.85
C LYS D 112 -26.46 -26.10 16.03
N LEU D 113 -25.13 -26.03 16.23
CA LEU D 113 -24.41 -24.76 16.24
C LEU D 113 -23.37 -24.66 15.13
N ALA D 114 -23.08 -25.78 14.47
CA ALA D 114 -22.03 -25.81 13.45
C ALA D 114 -22.37 -24.89 12.28
N ASN D 115 -21.35 -24.27 11.69
CA ASN D 115 -21.50 -23.46 10.47
C ASN D 115 -22.22 -22.13 10.62
N LYS D 116 -22.93 -21.93 11.73
CA LYS D 116 -23.48 -20.61 12.03
C LYS D 116 -22.31 -19.62 12.15
N THR D 117 -22.40 -18.52 11.41
CA THR D 117 -21.35 -17.51 11.47
C THR D 117 -21.41 -16.76 12.78
N PHE D 118 -20.22 -16.46 13.31
CA PHE D 118 -20.10 -15.84 14.61
C PHE D 118 -19.16 -14.64 14.59
N SER D 119 -19.53 -13.58 15.29
CA SER D 119 -18.62 -12.49 15.59
C SER D 119 -19.01 -11.85 16.92
N ALA D 120 -18.22 -10.91 17.40
CA ALA D 120 -18.39 -10.42 18.77
C ALA D 120 -18.03 -8.96 19.02
N THR D 122 -17.32 -5.93 22.53
CA THR D 122 -17.11 -5.72 23.95
C THR D 122 -17.09 -4.24 24.29
N SER D 123 -16.95 -3.94 25.57
CA SER D 123 -16.76 -2.59 26.06
C SER D 123 -15.97 -2.63 27.36
N ALA D 124 -15.29 -1.54 27.69
CA ALA D 124 -14.55 -1.46 28.95
C ALA D 124 -14.27 -0.01 29.37
N GLN D 125 -13.97 0.18 30.65
CA GLN D 125 -13.60 1.49 31.21
C GLN D 125 -12.38 2.06 30.48
N ASN D 126 -11.29 1.30 30.44
CA ASN D 126 -10.06 1.73 29.78
C ASN D 126 -9.98 1.28 28.32
N VAL D 127 -9.10 1.92 27.57
CA VAL D 127 -9.01 1.69 26.12
C VAL D 127 -8.37 0.34 25.78
N ASN D 128 -7.49 -0.10 26.67
CA ASN D 128 -6.73 -1.33 26.51
C ASN D 128 -7.01 -2.40 27.55
N GLY D 129 -7.84 -2.11 28.55
CA GLY D 129 -8.14 -3.06 29.63
C GLY D 129 -9.07 -4.23 29.27
N GLY D 130 -8.72 -5.01 28.25
CA GLY D 130 -9.51 -6.20 27.87
C GLY D 130 -10.36 -6.00 26.63
N GLN D 131 -10.25 -4.83 26.00
CA GLN D 131 -10.99 -4.56 24.77
C GLN D 131 -10.62 -5.48 23.60
N GLU D 132 -9.52 -6.22 23.69
CA GLU D 132 -9.16 -7.24 22.68
C GLU D 132 -9.25 -8.67 23.24
N THR D 133 -8.78 -8.85 24.47
CA THR D 133 -8.73 -10.17 25.10
C THR D 133 -10.09 -10.72 25.50
N THR D 134 -11.07 -9.85 25.66
CA THR D 134 -12.43 -10.30 25.99
C THR D 134 -13.07 -10.92 24.77
N LEU D 135 -12.93 -10.26 23.63
CA LEU D 135 -13.36 -10.83 22.34
C LEU D 135 -12.71 -12.19 22.06
N GLN D 136 -11.41 -12.29 22.38
CA GLN D 136 -10.63 -13.46 22.07
C GLN D 136 -11.16 -14.72 22.78
N THR D 137 -11.65 -14.54 23.99
CA THR D 137 -12.26 -15.64 24.74
C THR D 137 -13.59 -16.09 24.11
N LEU D 138 -14.44 -15.14 23.74
CA LEU D 138 -15.70 -15.44 23.04
C LEU D 138 -15.49 -16.14 21.68
N TYR D 139 -14.48 -15.72 20.91
CA TYR D 139 -14.14 -16.41 19.66
C TYR D 139 -13.53 -17.79 19.91
N THR D 141 -14.36 -19.63 22.08
CA THR D 141 -15.54 -20.45 22.45
C THR D 141 -16.36 -20.87 21.23
N ALA D 142 -16.54 -19.96 20.28
CA ALA D 142 -17.26 -20.23 19.04
C ALA D 142 -16.61 -21.36 18.24
N HIS D 144 -15.17 -24.03 19.47
CA HIS D 144 -15.60 -25.32 20.01
C HIS D 144 -16.89 -25.79 19.34
N TRP D 145 -17.71 -24.85 18.87
CA TRP D 145 -18.99 -25.17 18.22
C TRP D 145 -18.89 -25.51 16.74
N GLY D 146 -17.78 -25.15 16.10
CA GLY D 146 -17.65 -25.26 14.65
C GLY D 146 -18.20 -24.04 13.95
N ALA D 147 -18.40 -22.98 14.69
CA ALA D 147 -18.83 -21.71 14.12
C ALA D 147 -17.86 -21.29 13.06
N VAL D 148 -18.34 -20.52 12.08
CA VAL D 148 -17.49 -19.99 11.03
C VAL D 148 -17.27 -18.53 11.33
N LEU D 149 -16.08 -18.19 11.80
CA LEU D 149 -15.82 -16.87 12.37
C LEU D 149 -15.58 -15.77 11.33
N THR D 150 -16.26 -14.64 11.51
CA THR D 150 -16.18 -13.54 10.59
C THR D 150 -15.89 -12.25 11.34
N PRO D 151 -14.69 -12.14 11.93
CA PRO D 151 -14.27 -10.85 12.46
C PRO D 151 -14.04 -9.87 11.34
N PRO D 152 -14.20 -8.55 11.61
CA PRO D 152 -14.20 -7.51 10.59
C PRO D 152 -12.85 -7.31 9.92
N GLY D 153 -11.78 -7.53 10.69
CA GLY D 153 -10.45 -7.24 10.23
C GLY D 153 -10.34 -5.77 9.93
N TYR D 154 -9.43 -5.43 9.02
CA TYR D 154 -9.27 -4.06 8.58
C TYR D 154 -9.93 -3.84 7.23
N THR D 155 -11.04 -4.56 6.98
CA THR D 155 -11.66 -4.59 5.66
C THR D 155 -12.46 -3.32 5.31
N ASP D 156 -12.50 -2.35 6.22
CA ASP D 156 -13.01 -1.01 5.90
C ASP D 156 -12.06 0.07 6.41
N GLU D 157 -12.29 1.30 5.96
CA GLU D 157 -11.51 2.47 6.43
C GLU D 157 -12.05 2.98 7.78
N VAL D 158 -13.27 2.60 8.10
CA VAL D 158 -13.95 3.15 9.28
C VAL D 158 -13.62 2.37 10.57
N ILE D 159 -12.88 1.26 10.43
CA ILE D 159 -12.34 0.52 11.59
C ILE D 159 -11.11 1.27 12.10
N PHE D 160 -10.27 1.73 11.17
CA PHE D 160 -9.12 2.61 11.47
C PHE D 160 -9.56 3.88 12.17
N LYS D 161 -10.73 4.38 11.81
CA LYS D 161 -11.28 5.59 12.43
C LYS D 161 -11.79 5.40 13.86
N SER D 162 -12.06 4.15 14.26
CA SER D 162 -12.64 3.86 15.59
C SER D 162 -11.61 3.43 16.63
N GLY D 163 -10.37 3.25 16.22
CA GLY D 163 -9.34 2.67 17.07
C GLY D 163 -8.69 1.41 16.48
N GLY D 164 -9.16 1.00 15.30
CA GLY D 164 -8.61 -0.14 14.60
C GLY D 164 -8.61 -1.42 15.43
N ASN D 165 -9.78 -1.97 15.70
CA ASN D 165 -9.86 -3.28 16.36
C ASN D 165 -10.36 -4.29 15.35
N PRO D 166 -9.48 -5.16 14.86
CA PRO D 166 -9.87 -6.12 13.83
C PRO D 166 -10.58 -7.33 14.37
N TYR D 167 -10.55 -7.48 15.68
CA TYR D 167 -11.17 -8.60 16.33
C TYR D 167 -12.67 -8.40 16.45
N GLY D 168 -13.11 -7.15 16.47
CA GLY D 168 -14.52 -6.83 16.63
C GLY D 168 -14.73 -5.48 17.30
N ALA D 169 -15.97 -4.99 17.22
CA ALA D 169 -16.30 -3.69 17.75
C ALA D 169 -16.02 -3.68 19.23
N SER D 170 -15.09 -2.83 19.65
CA SER D 170 -14.87 -2.54 21.07
C SER D 170 -15.07 -1.06 21.29
N VAL D 171 -15.56 -0.68 22.46
CA VAL D 171 -15.95 0.69 22.78
C VAL D 171 -15.46 1.05 24.17
N THR D 172 -15.03 2.27 24.38
CA THR D 172 -14.60 2.71 25.70
C THR D 172 -15.76 3.34 26.45
N ALA D 173 -16.24 2.69 27.51
CA ALA D 173 -17.42 3.14 28.23
C ALA D 173 -17.10 4.33 29.13
N ASN D 174 -17.87 5.41 29.00
CA ASN D 174 -17.69 6.61 29.84
C ASN D 174 -19.02 7.35 30.11
N GLY D 175 -20.10 6.58 30.25
CA GLY D 175 -21.48 7.12 30.35
C GLY D 175 -21.82 8.21 29.35
N GLN D 176 -21.39 8.02 28.12
CA GLN D 176 -21.52 9.02 27.07
C GLN D 176 -22.11 8.39 25.83
N PRO D 177 -23.06 9.09 25.18
CA PRO D 177 -23.65 8.46 23.98
C PRO D 177 -22.55 7.90 23.07
N LEU D 178 -22.79 6.72 22.50
CA LEU D 178 -21.82 6.11 21.59
C LEU D 178 -21.30 7.13 20.60
N LEU D 179 -20.00 7.12 20.35
CA LEU D 179 -19.42 7.98 19.32
C LEU D 179 -19.80 7.48 17.93
N GLU D 180 -19.68 8.37 16.96
CA GLU D 180 -20.10 8.06 15.58
C GLU D 180 -19.17 7.07 14.89
N ASN D 181 -17.88 7.14 15.20
CA ASN D 181 -16.93 6.19 14.64
C ASN D 181 -17.10 4.75 15.15
N ASP D 182 -17.49 4.62 16.43
CA ASP D 182 -17.80 3.31 17.05
C ASP D 182 -18.97 2.64 16.34
N ARG D 183 -20.00 3.44 16.03
CA ARG D 183 -21.19 2.95 15.33
C ARG D 183 -20.87 2.50 13.92
N ALA D 184 -20.00 3.23 13.23
CA ALA D 184 -19.65 2.86 11.87
C ALA D 184 -18.98 1.50 11.84
N SER D 185 -17.98 1.30 12.70
CA SER D 185 -17.23 0.03 12.80
C SER D 185 -18.08 -1.16 13.24
N ILE D 186 -19.12 -0.89 14.04
CA ILE D 186 -20.15 -1.89 14.37
C ILE D 186 -20.93 -2.21 13.12
N ARG D 187 -21.53 -1.19 12.52
CA ARG D 187 -22.34 -1.36 11.31
C ARG D 187 -21.61 -2.16 10.23
N HIS D 188 -20.35 -1.86 10.02
CA HIS D 188 -19.58 -2.58 9.01
C HIS D 188 -19.37 -4.02 9.40
N GLN D 189 -19.11 -4.26 10.69
CA GLN D 189 -18.87 -5.62 11.17
C GLN D 189 -20.07 -6.51 10.92
N VAL D 190 -21.23 -6.03 11.34
CA VAL D 190 -22.49 -6.76 11.15
C VAL D 190 -22.80 -6.96 9.66
N ARG D 191 -22.91 -5.85 8.91
CA ARG D 191 -23.17 -5.91 7.46
C ARG D 191 -22.22 -6.90 6.75
N ARG D 192 -20.95 -6.86 7.11
CA ARG D 192 -20.02 -7.83 6.59
C ARG D 192 -20.49 -9.24 6.90
N GLN D 193 -20.77 -9.50 8.17
CA GLN D 193 -21.15 -10.85 8.59
C GLN D 193 -22.39 -11.31 7.83
N VAL D 194 -23.38 -10.45 7.71
CA VAL D 194 -24.62 -10.81 7.03
C VAL D 194 -24.36 -11.07 5.54
N GLU D 195 -23.58 -10.22 4.90
CA GLU D 195 -23.22 -10.42 3.50
C GLU D 195 -22.48 -11.75 3.29
N LEU D 196 -21.71 -12.19 4.28
CA LEU D 196 -20.95 -13.43 4.19
C LEU D 196 -21.82 -14.67 4.46
N THR D 197 -22.77 -14.53 5.38
CA THR D 197 -23.68 -15.63 5.72
C THR D 197 -24.67 -15.84 4.59
N ALA D 198 -25.07 -14.77 3.91
CA ALA D 198 -25.95 -14.89 2.77
C ALA D 198 -25.28 -15.77 1.71
N LYS D 199 -24.04 -15.44 1.38
CA LYS D 199 -23.24 -16.20 0.44
C LYS D 199 -23.11 -17.65 0.85
N LEU D 200 -23.00 -17.91 2.15
CA LEU D 200 -22.91 -19.29 2.62
C LEU D 200 -24.14 -20.10 2.32
N LEU D 201 -25.29 -19.56 2.68
CA LEU D 201 -26.55 -20.26 2.57
C LEU D 201 -26.88 -20.53 1.11
N GLU D 202 -26.65 -19.54 0.27
CA GLU D 202 -26.91 -19.67 -1.18
C GLU D 202 -26.22 -20.91 -1.76
N GLY D 203 -24.88 -20.91 -1.74
CA GLY D 203 -24.09 -22.02 -2.27
C GLY D 203 -24.36 -23.38 -1.62
N GLY D 204 -25.20 -23.39 -0.59
CA GLY D 204 -25.56 -24.62 0.12
C GLY D 204 -26.55 -25.52 -0.59
N SER D 205 -27.80 -25.06 -0.72
CA SER D 205 -28.84 -25.80 -1.44
C SER D 205 -28.94 -25.37 -2.92
N PRO E 6 8.47 -10.94 -47.65
CA PRO E 6 7.38 -10.25 -46.90
C PRO E 6 7.88 -9.15 -45.97
N VAL E 7 6.93 -8.36 -45.44
CA VAL E 7 7.25 -7.33 -44.43
C VAL E 7 7.87 -8.00 -43.21
N LYS E 8 8.96 -7.42 -42.70
CA LYS E 8 9.64 -7.94 -41.52
C LYS E 8 9.26 -7.15 -40.25
N LEU E 9 8.38 -7.76 -39.47
CA LEU E 9 7.74 -7.14 -38.31
C LEU E 9 8.36 -7.69 -37.05
N ALA E 10 8.86 -6.78 -36.20
CA ALA E 10 9.34 -7.18 -34.89
C ALA E 10 8.42 -6.57 -33.83
N ILE E 11 7.72 -7.43 -33.09
CA ILE E 11 7.00 -6.99 -31.91
C ILE E 11 7.90 -7.27 -30.71
N VAL E 12 8.09 -6.23 -29.91
CA VAL E 12 9.02 -6.24 -28.79
C VAL E 12 8.24 -5.68 -27.61
N PHE E 13 7.97 -6.53 -26.63
CA PHE E 13 7.06 -6.15 -25.56
C PHE E 13 7.66 -6.45 -24.21
N TYR E 14 7.32 -5.61 -23.23
CA TYR E 14 7.52 -5.96 -21.81
C TYR E 14 6.18 -6.12 -21.14
N SER E 15 6.06 -7.12 -20.27
CA SER E 15 4.88 -7.28 -19.40
C SER E 15 5.27 -7.90 -18.05
N SER E 16 4.68 -7.37 -16.99
CA SER E 16 4.82 -7.95 -15.66
C SER E 16 3.70 -8.94 -15.43
N THR E 17 2.47 -8.46 -15.40
CA THR E 17 1.33 -9.31 -15.05
C THR E 17 0.46 -9.72 -16.25
N GLY E 18 1.05 -9.74 -17.45
CA GLY E 18 0.42 -10.37 -18.63
C GLY E 18 -0.47 -9.54 -19.57
N THR E 19 -0.97 -8.38 -19.12
CA THR E 19 -1.88 -7.58 -19.96
C THR E 19 -1.23 -7.15 -21.27
N GLY E 20 0.03 -6.70 -21.19
CA GLY E 20 0.79 -6.33 -22.38
C GLY E 20 1.09 -7.52 -23.26
N TYR E 21 1.27 -8.69 -22.64
CA TYR E 21 1.60 -9.93 -23.36
C TYR E 21 0.41 -10.41 -24.19
N ALA E 22 -0.79 -10.20 -23.66
CA ALA E 22 -2.00 -10.44 -24.41
C ALA E 22 -1.98 -9.55 -25.65
N ALA E 24 0.37 -8.07 -27.14
CA ALA E 24 1.51 -8.37 -28.02
C ALA E 24 1.32 -9.67 -28.81
N GLN E 25 0.80 -10.70 -28.15
CA GLN E 25 0.39 -11.95 -28.83
C GLN E 25 -0.64 -11.67 -29.93
N GLU E 26 -1.64 -10.86 -29.58
CA GLU E 26 -2.68 -10.36 -30.49
C GLU E 26 -2.10 -9.65 -31.71
N ALA E 27 -1.20 -8.71 -31.44
CA ALA E 27 -0.60 -7.90 -32.50
C ALA E 27 0.14 -8.76 -33.52
N ALA E 28 0.83 -9.79 -33.05
CA ALA E 28 1.63 -10.66 -33.92
C ALA E 28 0.74 -11.38 -34.93
N GLU E 29 -0.36 -11.94 -34.44
CA GLU E 29 -1.34 -12.58 -35.30
C GLU E 29 -1.73 -11.67 -36.47
N ALA E 30 -2.12 -10.44 -36.16
CA ALA E 30 -2.58 -9.48 -37.17
C ALA E 30 -1.50 -9.14 -38.20
N GLY E 31 -0.23 -9.32 -37.83
CA GLY E 31 0.88 -9.21 -38.79
C GLY E 31 0.96 -10.42 -39.71
N ARG E 32 0.61 -11.60 -39.18
CA ARG E 32 0.57 -12.84 -39.97
C ARG E 32 -0.61 -12.82 -40.93
N ALA E 33 -1.77 -12.47 -40.40
CA ALA E 33 -2.98 -12.23 -41.17
C ALA E 33 -2.75 -11.20 -42.29
N ALA E 34 -1.89 -10.22 -42.02
CA ALA E 34 -1.47 -9.22 -43.02
C ALA E 34 -0.26 -9.70 -43.87
N GLY E 35 0.15 -10.94 -43.68
CA GLY E 35 1.17 -11.57 -44.52
C GLY E 35 2.62 -11.25 -44.19
N ALA E 36 2.84 -10.52 -43.10
CA ALA E 36 4.21 -10.16 -42.70
C ALA E 36 4.88 -11.31 -41.96
N GLU E 37 6.21 -11.39 -42.08
CA GLU E 37 7.01 -12.36 -41.32
C GLU E 37 7.28 -11.77 -39.94
N VAL E 38 6.66 -12.35 -38.90
CA VAL E 38 6.66 -11.79 -37.53
C VAL E 38 7.69 -12.43 -36.57
N ARG E 39 8.22 -11.63 -35.66
CA ARG E 39 8.99 -12.13 -34.53
C ARG E 39 8.49 -11.49 -33.23
N LEU E 40 7.75 -12.26 -32.44
CA LEU E 40 7.30 -11.82 -31.11
C LEU E 40 8.50 -11.96 -30.17
N LEU E 41 8.84 -10.86 -29.49
CA LEU E 41 10.07 -10.79 -28.68
C LEU E 41 9.82 -10.13 -27.34
N LYS E 42 10.23 -10.77 -26.25
CA LYS E 42 10.06 -10.17 -24.93
C LYS E 42 11.30 -9.39 -24.50
N VAL E 43 11.10 -8.46 -23.56
CA VAL E 43 12.18 -7.66 -22.97
C VAL E 43 12.72 -8.37 -21.74
N ARG E 44 14.04 -8.50 -21.63
CA ARG E 44 14.63 -9.15 -20.47
C ARG E 44 14.13 -8.47 -19.19
N GLU E 45 13.69 -9.32 -18.26
CA GLU E 45 13.17 -8.92 -16.96
C GLU E 45 14.34 -8.68 -15.98
N THR E 46 14.28 -7.56 -15.27
CA THR E 46 15.33 -7.18 -14.33
C THR E 46 14.82 -7.04 -12.89
N ALA E 47 13.58 -7.45 -12.63
CA ALA E 47 13.01 -7.36 -11.29
C ALA E 47 13.53 -8.52 -10.42
N PRO E 48 13.97 -8.22 -9.17
CA PRO E 48 14.45 -9.29 -8.27
C PRO E 48 13.38 -10.37 -8.03
N GLN E 49 13.79 -11.64 -8.01
CA GLN E 49 12.84 -12.74 -7.82
C GLN E 49 12.06 -12.57 -6.53
N ASP E 50 12.65 -11.92 -5.54
CA ASP E 50 11.90 -11.53 -4.36
C ASP E 50 10.73 -10.60 -4.75
N VAL E 51 11.02 -9.56 -5.54
CA VAL E 51 9.98 -8.59 -5.94
C VAL E 51 8.85 -9.22 -6.75
N ILE E 52 9.19 -10.13 -7.68
CA ILE E 52 8.22 -10.84 -8.51
C ILE E 52 7.28 -11.72 -7.66
N ASP E 53 7.89 -12.55 -6.81
CA ASP E 53 7.15 -13.46 -5.92
C ASP E 53 6.08 -12.79 -5.05
N GLY E 54 6.12 -11.47 -4.94
CA GLY E 54 5.10 -10.71 -4.24
C GLY E 54 3.72 -10.74 -4.89
N GLN E 55 3.68 -10.79 -6.22
CA GLN E 55 2.41 -10.85 -6.99
C GLN E 55 2.27 -12.17 -7.72
N ASP E 56 1.04 -12.69 -7.82
CA ASP E 56 0.83 -13.99 -8.44
C ASP E 56 0.82 -13.94 -9.97
N ALA E 57 0.13 -12.96 -10.54
CA ALA E 57 0.04 -12.83 -12.00
C ALA E 57 1.44 -12.67 -12.63
N TRP E 58 2.37 -12.07 -11.89
CA TRP E 58 3.74 -11.93 -12.34
C TRP E 58 4.46 -13.29 -12.43
N LYS E 59 4.43 -14.05 -11.33
CA LYS E 59 4.96 -15.41 -11.32
C LYS E 59 4.40 -16.20 -12.50
N ALA E 60 3.09 -16.14 -12.66
CA ALA E 60 2.40 -16.81 -13.75
C ALA E 60 2.81 -16.29 -15.13
N ASN E 61 2.80 -14.97 -15.32
CA ASN E 61 3.11 -14.39 -16.61
C ASN E 61 4.49 -14.82 -17.08
N ILE E 62 5.48 -14.72 -16.20
CA ILE E 62 6.87 -15.11 -16.52
C ILE E 62 6.95 -16.56 -16.98
N GLU E 63 6.18 -17.42 -16.30
CA GLU E 63 6.09 -18.84 -16.63
C GLU E 63 5.51 -19.09 -18.03
N ALA E 64 4.54 -18.26 -18.41
CA ALA E 64 3.89 -18.38 -19.74
C ALA E 64 4.75 -17.90 -20.91
N LYS E 66 8.09 -18.43 -21.08
CA LYS E 66 9.37 -19.15 -21.02
C LYS E 66 9.82 -19.53 -22.43
N ASP E 67 8.85 -19.77 -23.30
CA ASP E 67 9.12 -20.09 -24.70
C ASP E 67 9.35 -18.85 -25.57
N VAL E 68 8.78 -17.73 -25.18
CA VAL E 68 8.96 -16.47 -25.92
C VAL E 68 10.43 -16.00 -25.76
N PRO E 69 11.14 -15.74 -26.88
CA PRO E 69 12.55 -15.36 -26.82
C PRO E 69 12.73 -13.87 -26.52
N GLU E 70 13.96 -13.47 -26.17
CA GLU E 70 14.23 -12.10 -25.73
C GLU E 70 14.78 -11.18 -26.81
N ALA E 71 14.29 -9.95 -26.86
CA ALA E 71 14.73 -9.01 -27.86
C ALA E 71 16.22 -8.69 -27.71
N THR E 72 16.96 -8.89 -28.79
CA THR E 72 18.36 -8.45 -28.91
C THR E 72 18.37 -7.11 -29.66
N PRO E 73 19.54 -6.44 -29.74
CA PRO E 73 19.59 -5.27 -30.61
C PRO E 73 19.58 -5.67 -32.09
N ALA E 74 19.87 -6.96 -32.38
CA ALA E 74 19.92 -7.49 -33.74
C ALA E 74 18.56 -7.61 -34.41
N ASP E 75 17.54 -7.95 -33.62
CA ASP E 75 16.16 -8.04 -34.12
C ASP E 75 15.62 -6.76 -34.76
N LEU E 76 16.04 -5.60 -34.28
CA LEU E 76 15.59 -4.32 -34.87
C LEU E 76 16.27 -4.02 -36.20
N GLU E 77 17.47 -4.59 -36.39
CA GLU E 77 18.16 -4.57 -37.68
C GLU E 77 17.36 -5.32 -38.73
N TRP E 78 17.01 -6.56 -38.41
CA TRP E 78 16.21 -7.41 -39.28
C TRP E 78 14.80 -6.85 -39.60
N ALA E 79 14.26 -6.04 -38.69
CA ALA E 79 12.91 -5.48 -38.80
C ALA E 79 12.80 -4.37 -39.84
N GLU E 80 11.57 -4.12 -40.27
CA GLU E 80 11.24 -2.99 -41.13
C GLU E 80 10.08 -2.25 -40.48
N ALA E 81 9.04 -3.00 -40.11
CA ALA E 81 8.03 -2.53 -39.16
C ALA E 81 8.48 -2.92 -37.73
N ILE E 82 8.41 -1.95 -36.81
CA ILE E 82 8.73 -2.17 -35.40
C ILE E 82 7.53 -1.77 -34.57
N VAL E 83 7.24 -2.58 -33.56
CA VAL E 83 6.14 -2.29 -32.64
C VAL E 83 6.60 -2.50 -31.19
N PHE E 84 6.50 -1.44 -30.38
CA PHE E 84 6.90 -1.46 -28.97
C PHE E 84 5.69 -1.51 -28.05
N SER E 85 5.74 -2.43 -27.10
CA SER E 85 4.71 -2.51 -26.09
C SER E 85 5.30 -2.51 -24.68
N SER E 86 5.06 -1.45 -23.92
CA SER E 86 5.37 -1.45 -22.50
C SER E 86 4.24 -0.84 -21.70
N PRO E 87 3.96 -1.40 -20.52
CA PRO E 87 3.04 -0.77 -19.56
C PRO E 87 3.66 0.47 -18.89
N THR E 88 2.82 1.36 -18.36
CA THR E 88 3.31 2.62 -17.76
C THR E 88 3.80 2.40 -16.33
N ARG E 89 4.97 2.96 -16.05
CA ARG E 89 5.42 3.19 -14.68
C ARG E 89 5.49 4.71 -14.55
N PHE E 90 4.45 5.33 -13.96
CA PHE E 90 4.27 6.80 -13.89
C PHE E 90 4.48 7.49 -15.24
N GLY E 91 3.39 7.83 -15.91
CA GLY E 91 3.43 8.56 -17.20
C GLY E 91 4.50 8.20 -18.23
N GLY E 92 5.06 6.99 -18.15
CA GLY E 92 6.23 6.63 -18.95
C GLY E 92 6.46 5.15 -18.98
N ALA E 93 7.29 4.73 -19.94
CA ALA E 93 7.59 3.31 -20.15
C ALA E 93 8.49 2.75 -19.05
N THR E 94 8.49 1.43 -18.91
CA THR E 94 9.21 0.76 -17.82
C THR E 94 10.71 0.90 -17.99
N SER E 95 11.42 0.87 -16.88
CA SER E 95 12.87 0.79 -16.89
C SER E 95 13.37 -0.38 -17.76
N GLN E 96 12.76 -1.56 -17.63
CA GLN E 96 13.17 -2.70 -18.43
C GLN E 96 13.13 -2.37 -19.93
N ARG E 98 12.97 0.68 -21.20
CA ARG E 98 13.96 1.74 -21.36
C ARG E 98 15.40 1.21 -21.34
N ALA E 99 15.60 0.06 -20.69
CA ALA E 99 16.92 -0.60 -20.65
C ALA E 99 17.25 -1.29 -21.97
N PHE E 100 16.26 -1.98 -22.55
CA PHE E 100 16.40 -2.53 -23.90
C PHE E 100 16.81 -1.41 -24.89
N ILE E 101 15.96 -0.39 -24.97
CA ILE E 101 16.21 0.75 -25.82
C ILE E 101 17.64 1.26 -25.66
N ASP E 102 18.12 1.31 -24.41
CA ASP E 102 19.41 1.93 -24.09
C ASP E 102 20.63 1.07 -24.52
N THR E 103 20.40 -0.05 -25.20
CA THR E 103 21.49 -0.83 -25.82
C THR E 103 21.51 -0.69 -27.35
N LEU E 104 21.10 0.47 -27.86
CA LEU E 104 20.97 0.68 -29.30
C LEU E 104 21.84 1.83 -29.83
N GLY E 105 22.86 2.24 -29.06
CA GLY E 105 23.80 3.29 -29.53
C GLY E 105 24.72 2.76 -30.62
N GLY E 106 24.86 1.44 -30.63
CA GLY E 106 25.58 0.74 -31.67
C GLY E 106 24.87 0.83 -33.00
N LEU E 107 23.54 0.65 -32.97
CA LEU E 107 22.76 0.65 -34.21
C LEU E 107 22.50 2.08 -34.68
N TRP E 108 22.12 2.92 -33.74
CA TRP E 108 21.94 4.35 -33.97
C TRP E 108 23.12 4.95 -34.76
N SER E 109 24.32 4.76 -34.21
CA SER E 109 25.53 5.38 -34.74
C SER E 109 25.81 4.78 -36.13
N SER E 110 25.77 3.45 -36.21
CA SER E 110 26.12 2.70 -37.43
C SER E 110 25.21 2.96 -38.62
N GLY E 111 24.24 3.86 -38.48
CA GLY E 111 23.28 4.18 -39.55
C GLY E 111 21.98 3.41 -39.37
N LYS E 112 22.09 2.14 -38.98
CA LYS E 112 20.94 1.26 -38.75
C LYS E 112 19.73 1.96 -38.05
N LEU E 113 18.53 1.39 -38.24
CA LEU E 113 17.25 1.88 -37.64
C LEU E 113 16.53 2.99 -38.43
N ALA E 114 17.24 3.72 -39.27
CA ALA E 114 16.63 4.78 -40.07
C ALA E 114 15.49 4.24 -40.94
N ASN E 115 14.51 5.08 -41.22
CA ASN E 115 13.39 4.80 -42.15
C ASN E 115 12.38 3.73 -41.73
N LYS E 116 12.70 2.89 -40.73
CA LYS E 116 11.80 1.82 -40.25
C LYS E 116 10.51 2.37 -39.63
N THR E 117 9.37 1.73 -39.91
CA THR E 117 8.09 2.20 -39.36
C THR E 117 8.00 1.87 -37.88
N PHE E 118 7.30 2.72 -37.13
CA PHE E 118 7.18 2.56 -35.68
C PHE E 118 5.78 2.91 -35.19
N SER E 119 5.26 2.11 -34.27
CA SER E 119 4.06 2.44 -33.51
C SER E 119 4.14 1.77 -32.14
N ALA E 120 3.32 2.23 -31.20
CA ALA E 120 3.45 1.78 -29.82
C ALA E 120 2.13 1.41 -29.17
N THR E 122 0.46 0.59 -24.95
CA THR E 122 0.68 0.65 -23.51
C THR E 122 -0.51 0.04 -22.76
N SER E 123 -0.44 0.05 -21.42
CA SER E 123 -1.60 -0.29 -20.57
C SER E 123 -1.42 0.33 -19.18
N ALA E 124 -2.50 0.34 -18.41
CA ALA E 124 -2.52 1.09 -17.15
C ALA E 124 -3.71 0.66 -16.29
N GLN E 125 -3.58 0.82 -14.97
CA GLN E 125 -4.69 0.53 -14.06
C GLN E 125 -5.79 1.60 -14.07
N ASN E 126 -5.49 2.76 -14.65
CA ASN E 126 -6.46 3.85 -14.72
C ASN E 126 -6.67 4.26 -16.17
N VAL E 127 -7.86 4.74 -16.49
CA VAL E 127 -8.14 5.17 -17.88
C VAL E 127 -7.32 6.37 -18.29
N ASN E 128 -7.18 7.33 -17.39
CA ASN E 128 -6.53 8.57 -17.71
C ASN E 128 -5.26 8.74 -16.90
N GLY E 129 -4.56 7.64 -16.70
CA GLY E 129 -3.36 7.61 -15.87
C GLY E 129 -2.15 7.21 -16.69
N GLY E 130 -1.87 7.98 -17.74
CA GLY E 130 -0.64 7.80 -18.52
C GLY E 130 -0.74 6.91 -19.76
N GLN E 131 -1.95 6.58 -20.16
CA GLN E 131 -2.14 5.77 -21.36
C GLN E 131 -1.73 6.52 -22.64
N GLU E 132 -1.84 7.85 -22.65
CA GLU E 132 -1.40 8.65 -23.79
C GLU E 132 0.07 9.06 -23.63
N THR E 133 0.41 9.62 -22.47
CA THR E 133 1.76 10.17 -22.20
C THR E 133 2.87 9.12 -22.26
N THR E 134 2.52 7.88 -21.92
CA THR E 134 3.45 6.77 -22.02
C THR E 134 3.78 6.41 -23.48
N LEU E 135 2.79 6.54 -24.36
CA LEU E 135 3.00 6.33 -25.78
C LEU E 135 3.85 7.44 -26.35
N GLN E 136 3.42 8.68 -26.11
CA GLN E 136 4.17 9.89 -26.47
C GLN E 136 5.68 9.74 -26.25
N THR E 137 6.08 9.23 -25.09
CA THR E 137 7.51 9.06 -24.78
C THR E 137 8.21 8.04 -25.67
N LEU E 138 7.55 6.92 -26.00
CA LEU E 138 8.14 5.89 -26.89
C LEU E 138 8.34 6.40 -28.34
N TYR E 139 7.36 7.15 -28.84
CA TYR E 139 7.43 7.77 -30.15
C TYR E 139 8.52 8.83 -30.20
N THR E 141 11.41 8.55 -28.67
CA THR E 141 12.60 7.73 -28.90
C THR E 141 12.74 7.39 -30.39
N ALA E 142 11.65 7.01 -31.03
CA ALA E 142 11.65 6.64 -32.44
C ALA E 142 12.07 7.78 -33.38
N HIS E 144 14.37 10.14 -32.70
CA HIS E 144 15.84 10.20 -32.63
C HIS E 144 16.49 9.17 -33.55
N TRP E 145 15.82 8.04 -33.75
CA TRP E 145 16.26 6.97 -34.67
C TRP E 145 16.11 7.33 -36.15
N GLY E 146 15.27 8.33 -36.44
CA GLY E 146 14.93 8.66 -37.83
C GLY E 146 13.94 7.66 -38.39
N ALA E 147 12.93 7.34 -37.58
CA ALA E 147 11.94 6.35 -37.95
C ALA E 147 10.65 7.02 -38.42
N VAL E 148 9.96 6.32 -39.33
CA VAL E 148 8.67 6.76 -39.85
C VAL E 148 7.55 6.31 -38.92
N LEU E 149 6.96 7.26 -38.21
CA LEU E 149 6.01 6.92 -37.18
C LEU E 149 4.64 6.77 -37.81
N THR E 150 4.02 5.62 -37.57
CA THR E 150 2.71 5.29 -38.12
C THR E 150 1.75 4.95 -36.99
N PRO E 151 1.29 5.97 -36.22
CA PRO E 151 0.24 5.72 -35.24
C PRO E 151 -1.09 5.44 -35.94
N PRO E 152 -2.06 4.85 -35.21
CA PRO E 152 -3.30 4.41 -35.85
C PRO E 152 -4.11 5.60 -36.33
N GLY E 153 -4.12 6.67 -35.56
CA GLY E 153 -4.96 7.82 -35.84
C GLY E 153 -6.41 7.48 -35.55
N TYR E 154 -7.30 8.29 -36.09
CA TYR E 154 -8.75 8.07 -35.97
C TYR E 154 -9.26 7.45 -37.26
N THR E 155 -8.58 6.41 -37.74
CA THR E 155 -8.79 5.90 -39.09
C THR E 155 -9.61 4.61 -39.14
N ASP E 156 -10.47 4.40 -38.15
CA ASP E 156 -11.44 3.31 -38.13
C ASP E 156 -12.34 3.49 -36.91
N GLU E 157 -13.65 3.33 -37.11
CA GLU E 157 -14.63 3.50 -36.03
C GLU E 157 -14.23 2.69 -34.78
N VAL E 158 -13.70 1.48 -35.01
CA VAL E 158 -13.19 0.61 -33.95
C VAL E 158 -12.29 1.34 -32.92
N ILE E 159 -11.57 2.35 -33.38
CA ILE E 159 -10.76 3.20 -32.51
C ILE E 159 -11.65 3.89 -31.46
N PHE E 160 -12.82 4.36 -31.88
CA PHE E 160 -13.73 5.06 -30.98
C PHE E 160 -14.32 4.13 -29.91
N LYS E 161 -14.68 2.90 -30.29
CA LYS E 161 -15.30 1.98 -29.34
C LYS E 161 -14.32 1.44 -28.28
N SER E 162 -13.01 1.60 -28.49
CA SER E 162 -11.99 1.06 -27.57
C SER E 162 -11.27 2.12 -26.71
N GLY E 163 -11.81 3.34 -26.68
CA GLY E 163 -11.24 4.44 -25.90
C GLY E 163 -11.06 5.72 -26.70
N GLY E 164 -10.67 5.56 -27.96
CA GLY E 164 -10.44 6.72 -28.82
C GLY E 164 -9.06 7.30 -28.62
N ASN E 165 -8.09 6.41 -28.44
CA ASN E 165 -6.69 6.78 -28.35
C ASN E 165 -6.13 6.75 -29.77
N PRO E 166 -5.82 7.92 -30.33
CA PRO E 166 -5.22 7.97 -31.67
C PRO E 166 -3.70 7.69 -31.67
N TYR E 167 -3.07 7.80 -30.49
CA TYR E 167 -1.62 7.64 -30.35
C TYR E 167 -1.20 6.18 -30.51
N GLY E 168 -2.03 5.26 -30.01
CA GLY E 168 -1.74 3.83 -30.08
C GLY E 168 -2.71 3.05 -29.22
N ALA E 169 -2.66 1.72 -29.33
CA ALA E 169 -3.50 0.87 -28.50
C ALA E 169 -3.14 1.04 -27.03
N SER E 170 -4.14 1.26 -26.19
CA SER E 170 -3.92 1.33 -24.74
C SER E 170 -5.10 0.67 -24.03
N VAL E 171 -4.80 -0.32 -23.19
CA VAL E 171 -5.80 -1.08 -22.43
C VAL E 171 -5.82 -0.60 -20.98
N THR E 172 -6.96 -0.69 -20.30
CA THR E 172 -6.97 -0.54 -18.85
C THR E 172 -6.83 -1.94 -18.27
N ALA E 173 -5.68 -2.22 -17.67
CA ALA E 173 -5.39 -3.53 -17.12
C ALA E 173 -6.10 -3.73 -15.78
N ASN E 174 -7.24 -4.39 -15.81
CA ASN E 174 -7.95 -4.75 -14.59
C ASN E 174 -7.48 -6.11 -14.09
N GLY E 175 -7.40 -7.08 -15.00
CA GLY E 175 -7.05 -8.45 -14.64
C GLY E 175 -7.61 -9.48 -15.62
N GLN E 176 -8.86 -9.29 -16.01
CA GLN E 176 -9.54 -10.22 -16.93
C GLN E 176 -9.08 -9.98 -18.37
N PRO E 177 -9.32 -10.93 -19.29
CA PRO E 177 -8.65 -10.85 -20.58
C PRO E 177 -9.22 -9.75 -21.48
N LEU E 178 -8.49 -9.45 -22.54
CA LEU E 178 -8.77 -8.29 -23.39
C LEU E 178 -10.23 -8.22 -23.83
N LEU E 179 -10.78 -7.01 -23.83
CA LEU E 179 -12.10 -6.79 -24.35
C LEU E 179 -12.05 -6.83 -25.87
N GLU E 180 -13.22 -7.07 -26.48
CA GLU E 180 -13.29 -7.24 -27.92
C GLU E 180 -12.87 -5.97 -28.66
N ASN E 181 -13.38 -4.83 -28.20
CA ASN E 181 -13.05 -3.53 -28.76
C ASN E 181 -11.53 -3.27 -28.87
N ASP E 182 -10.80 -3.66 -27.83
CA ASP E 182 -9.34 -3.49 -27.77
C ASP E 182 -8.61 -4.43 -28.72
N ARG E 183 -9.01 -5.70 -28.68
CA ARG E 183 -8.46 -6.72 -29.57
C ARG E 183 -8.55 -6.24 -31.01
N ALA E 184 -9.73 -5.74 -31.38
CA ALA E 184 -9.97 -5.19 -32.72
C ALA E 184 -9.09 -3.99 -33.02
N SER E 185 -8.99 -3.05 -32.08
CA SER E 185 -8.21 -1.82 -32.32
C SER E 185 -6.69 -2.09 -32.37
N ILE E 186 -6.22 -3.11 -31.64
CA ILE E 186 -4.82 -3.56 -31.77
C ILE E 186 -4.57 -4.13 -33.16
N ARG E 187 -5.55 -4.84 -33.71
CA ARG E 187 -5.43 -5.43 -35.05
C ARG E 187 -5.40 -4.37 -36.14
N HIS E 188 -6.21 -3.31 -36.00
CA HIS E 188 -6.22 -2.20 -36.95
C HIS E 188 -4.87 -1.50 -37.05
N GLN E 189 -4.26 -1.26 -35.90
CA GLN E 189 -2.97 -0.58 -35.82
C GLN E 189 -1.85 -1.39 -36.48
N VAL E 190 -1.87 -2.71 -36.28
CA VAL E 190 -0.84 -3.57 -36.87
C VAL E 190 -1.00 -3.63 -38.39
N ARG E 191 -2.19 -4.04 -38.83
CA ARG E 191 -2.50 -4.21 -40.24
C ARG E 191 -2.31 -2.90 -40.99
N ARG E 192 -2.73 -1.78 -40.39
CA ARG E 192 -2.44 -0.46 -40.93
C ARG E 192 -0.94 -0.28 -41.17
N GLN E 193 -0.13 -0.61 -40.16
CA GLN E 193 1.32 -0.41 -40.23
C GLN E 193 2.07 -1.37 -41.18
N VAL E 194 1.63 -2.62 -41.26
CA VAL E 194 2.24 -3.56 -42.20
C VAL E 194 1.99 -3.06 -43.64
N GLU E 195 0.73 -2.70 -43.92
CA GLU E 195 0.33 -2.12 -45.23
C GLU E 195 1.23 -0.94 -45.66
N LEU E 196 1.45 -0.02 -44.70
CA LEU E 196 2.32 1.14 -44.92
C LEU E 196 3.78 0.76 -45.10
N THR E 197 4.25 -0.25 -44.35
CA THR E 197 5.63 -0.73 -44.46
C THR E 197 5.89 -1.48 -45.78
N ALA E 198 4.83 -2.06 -46.34
CA ALA E 198 4.89 -2.70 -47.66
C ALA E 198 4.99 -1.66 -48.77
N LYS E 199 4.07 -0.71 -48.74
CA LYS E 199 4.05 0.40 -49.72
C LYS E 199 5.39 1.12 -49.75
N LEU E 200 5.97 1.35 -48.58
CA LEU E 200 7.26 2.06 -48.47
C LEU E 200 8.40 1.21 -49.05
N LEU E 201 8.32 -0.11 -48.85
CA LEU E 201 9.30 -1.03 -49.44
C LEU E 201 9.20 -1.12 -50.95
N GLU E 202 7.99 -1.28 -51.49
CA GLU E 202 7.83 -1.42 -52.95
C GLU E 202 8.49 -0.26 -53.71
N GLY E 203 8.04 0.97 -53.45
CA GLY E 203 8.59 2.16 -54.12
C GLY E 203 10.08 2.36 -53.86
N THR F 4 3.56 9.09 -62.10
CA THR F 4 3.66 9.91 -63.34
C THR F 4 3.82 11.40 -63.00
N ALA F 5 2.99 11.93 -62.10
CA ALA F 5 3.00 13.37 -61.74
C ALA F 5 3.93 13.72 -60.55
N PRO F 6 4.19 15.03 -60.31
CA PRO F 6 5.04 15.43 -59.16
C PRO F 6 4.29 15.42 -57.82
N VAL F 7 5.04 15.29 -56.72
CA VAL F 7 4.49 15.09 -55.37
C VAL F 7 3.90 16.35 -54.73
N LYS F 8 2.62 16.32 -54.37
CA LYS F 8 1.96 17.53 -53.81
C LYS F 8 2.42 17.91 -52.38
N LEU F 9 3.21 18.98 -52.28
CA LEU F 9 3.77 19.46 -51.00
C LEU F 9 3.14 20.80 -50.53
N ALA F 10 2.55 20.78 -49.35
CA ALA F 10 2.02 21.98 -48.70
C ALA F 10 2.91 22.39 -47.52
N ILE F 11 3.41 23.63 -47.56
CA ILE F 11 4.22 24.18 -46.49
C ILE F 11 3.40 25.25 -45.77
N VAL F 12 2.57 24.81 -44.83
CA VAL F 12 1.80 25.74 -43.99
C VAL F 12 2.70 26.24 -42.89
N PHE F 13 2.88 27.56 -42.82
CA PHE F 13 3.74 28.18 -41.82
C PHE F 13 3.04 29.41 -41.19
N TYR F 14 3.57 29.86 -40.06
CA TYR F 14 3.23 31.18 -39.52
C TYR F 14 4.50 31.93 -39.13
N SER F 15 4.48 33.24 -39.34
CA SER F 15 5.54 34.12 -38.88
C SER F 15 4.96 35.47 -38.52
N SER F 16 5.61 36.15 -37.58
CA SER F 16 5.29 37.54 -37.26
C SER F 16 6.32 38.51 -37.84
N THR F 17 7.61 38.16 -37.72
CA THR F 17 8.70 39.09 -38.00
C THR F 17 9.87 38.56 -38.87
N GLY F 18 9.67 37.45 -39.57
CA GLY F 18 10.62 37.04 -40.60
C GLY F 18 11.14 35.61 -40.58
N THR F 19 11.81 35.19 -39.49
CA THR F 19 12.50 33.88 -39.46
C THR F 19 11.57 32.75 -39.84
N GLY F 20 10.32 32.79 -39.37
CA GLY F 20 9.33 31.79 -39.76
C GLY F 20 9.08 31.78 -41.26
N TYR F 21 9.05 32.97 -41.84
CA TYR F 21 8.81 33.14 -43.27
C TYR F 21 10.03 32.73 -44.10
N ALA F 22 11.23 33.08 -43.63
CA ALA F 22 12.49 32.69 -44.29
C ALA F 22 12.84 31.19 -44.16
N ALA F 24 10.28 28.98 -44.02
CA ALA F 24 9.25 28.45 -44.92
C ALA F 24 9.71 28.49 -46.37
N GLN F 25 10.45 29.53 -46.74
CA GLN F 25 10.94 29.67 -48.11
C GLN F 25 12.06 28.70 -48.40
N GLU F 26 13.08 28.70 -47.54
CA GLU F 26 14.22 27.79 -47.73
C GLU F 26 13.74 26.36 -47.92
N ALA F 27 12.70 25.99 -47.18
CA ALA F 27 12.05 24.68 -47.31
C ALA F 27 11.40 24.46 -48.69
N ALA F 28 10.74 25.50 -49.21
CA ALA F 28 10.09 25.45 -50.52
C ALA F 28 11.11 25.30 -51.65
N GLU F 29 12.22 26.04 -51.54
CA GLU F 29 13.36 25.89 -52.45
C GLU F 29 13.74 24.40 -52.54
N ALA F 30 13.95 23.76 -51.39
CA ALA F 30 14.31 22.34 -51.34
C ALA F 30 13.21 21.45 -51.90
N GLY F 31 11.95 21.90 -51.71
CA GLY F 31 10.78 21.21 -52.26
C GLY F 31 10.75 21.13 -53.77
N ARG F 32 11.03 22.27 -54.43
CA ARG F 32 11.11 22.35 -55.90
C ARG F 32 12.39 21.72 -56.45
N ALA F 33 13.51 21.97 -55.77
CA ALA F 33 14.79 21.37 -56.14
C ALA F 33 14.70 19.84 -56.25
N ALA F 34 13.74 19.26 -55.52
CA ALA F 34 13.45 17.82 -55.55
C ALA F 34 12.63 17.41 -56.77
N GLY F 35 11.65 18.24 -57.14
CA GLY F 35 10.74 17.94 -58.26
C GLY F 35 9.26 17.98 -57.92
N ALA F 36 8.95 18.22 -56.64
CA ALA F 36 7.59 18.24 -56.12
C ALA F 36 6.84 19.51 -56.53
N GLU F 37 5.52 19.43 -56.51
CA GLU F 37 4.63 20.56 -56.73
C GLU F 37 4.40 21.20 -55.37
N VAL F 38 4.95 22.39 -55.17
CA VAL F 38 5.00 23.01 -53.82
C VAL F 38 3.93 24.08 -53.67
N ARG F 39 3.51 24.31 -52.43
CA ARG F 39 2.61 25.43 -52.08
C ARG F 39 3.04 26.13 -50.80
N LEU F 40 3.48 27.37 -50.93
CA LEU F 40 3.85 28.17 -49.76
C LEU F 40 2.64 28.93 -49.24
N LEU F 41 2.23 28.59 -48.02
CA LEU F 41 0.99 29.11 -47.43
C LEU F 41 1.18 29.74 -46.05
N LYS F 42 0.97 31.06 -45.97
CA LYS F 42 0.98 31.76 -44.71
C LYS F 42 -0.31 31.47 -43.94
N VAL F 43 -0.22 31.38 -42.63
CA VAL F 43 -1.38 31.30 -41.75
C VAL F 43 -1.92 32.72 -41.54
N ARG F 44 -3.24 32.87 -41.56
CA ARG F 44 -3.87 34.18 -41.34
C ARG F 44 -3.46 34.81 -40.01
N GLU F 45 -3.11 36.09 -40.07
CA GLU F 45 -2.84 36.89 -38.88
C GLU F 45 -4.16 37.25 -38.18
N THR F 46 -4.25 36.91 -36.90
CA THR F 46 -5.47 37.17 -36.12
C THR F 46 -5.14 37.93 -34.84
N ALA F 47 -4.39 39.02 -34.98
CA ALA F 47 -4.05 39.94 -33.88
C ALA F 47 -4.31 41.39 -34.31
N PRO F 48 -4.99 42.19 -33.44
CA PRO F 48 -5.40 43.61 -33.74
C PRO F 48 -4.37 44.51 -34.45
N GLN F 49 -4.85 45.53 -35.15
CA GLN F 49 -3.94 46.53 -35.77
C GLN F 49 -3.31 47.46 -34.72
N ASP F 50 -4.05 47.77 -33.66
CA ASP F 50 -3.49 48.47 -32.49
C ASP F 50 -2.21 47.75 -32.00
N VAL F 51 -2.28 46.41 -31.92
CA VAL F 51 -1.14 45.57 -31.56
C VAL F 51 -0.09 45.63 -32.67
N ILE F 52 -0.40 45.05 -33.83
CA ILE F 52 0.55 44.91 -34.96
C ILE F 52 1.48 46.14 -35.17
N ASP F 53 0.94 47.33 -34.90
CA ASP F 53 1.70 48.58 -34.99
C ASP F 53 2.91 48.68 -34.04
N GLY F 54 2.91 47.92 -32.97
CA GLY F 54 4.05 47.88 -32.04
C GLY F 54 5.40 47.59 -32.70
N GLN F 55 5.47 46.54 -33.53
CA GLN F 55 6.73 46.17 -34.21
C GLN F 55 6.80 46.63 -35.66
N ASP F 56 7.82 47.43 -35.97
CA ASP F 56 8.13 47.76 -37.36
C ASP F 56 8.34 46.48 -38.14
N ALA F 57 9.22 45.62 -37.63
CA ALA F 57 9.58 44.38 -38.30
C ALA F 57 8.38 43.44 -38.47
N TRP F 58 7.40 43.52 -37.56
CA TRP F 58 6.19 42.72 -37.67
C TRP F 58 5.39 43.20 -38.87
N LYS F 59 4.97 44.47 -38.83
CA LYS F 59 4.34 45.13 -39.98
C LYS F 59 5.12 44.90 -41.27
N ALA F 60 6.45 44.97 -41.18
CA ALA F 60 7.33 44.76 -42.34
C ALA F 60 7.19 43.36 -42.93
N ASN F 61 7.04 42.34 -42.07
CA ASN F 61 6.89 40.95 -42.54
C ASN F 61 5.51 40.61 -43.11
N ILE F 62 4.46 41.29 -42.63
CA ILE F 62 3.14 41.18 -43.24
C ILE F 62 3.18 41.82 -44.64
N GLU F 63 3.84 42.97 -44.74
CA GLU F 63 4.13 43.61 -46.03
C GLU F 63 4.85 42.65 -46.98
N ALA F 64 5.84 41.92 -46.47
CA ALA F 64 6.63 40.96 -47.26
C ALA F 64 5.82 39.75 -47.70
N LYS F 66 2.40 40.06 -48.74
CA LYS F 66 1.19 40.56 -49.39
C LYS F 66 0.78 39.61 -50.55
N ASP F 67 1.75 39.17 -51.33
CA ASP F 67 1.54 38.23 -52.44
C ASP F 67 1.90 36.81 -52.00
N VAL F 68 1.46 36.43 -50.81
CA VAL F 68 1.64 35.06 -50.29
C VAL F 68 0.26 34.53 -49.87
N PRO F 69 -0.18 33.41 -50.49
CA PRO F 69 -1.53 32.91 -50.26
C PRO F 69 -1.83 32.44 -48.84
N GLU F 70 -3.05 32.69 -48.38
CA GLU F 70 -3.55 32.25 -47.07
C GLU F 70 -4.00 30.79 -47.08
N ALA F 71 -3.58 30.04 -46.07
CA ALA F 71 -3.89 28.60 -45.98
C ALA F 71 -5.34 28.35 -45.60
N THR F 72 -5.97 27.46 -46.37
CA THR F 72 -7.33 27.02 -46.08
C THR F 72 -7.36 25.49 -46.09
N PRO F 73 -8.31 24.88 -45.37
CA PRO F 73 -8.44 23.42 -45.29
C PRO F 73 -8.31 22.69 -46.63
N ALA F 74 -8.85 23.29 -47.68
CA ALA F 74 -8.65 22.81 -49.06
C ALA F 74 -7.20 22.36 -49.34
N ASP F 75 -6.25 23.17 -48.88
CA ASP F 75 -4.83 22.96 -49.17
C ASP F 75 -4.28 21.63 -48.65
N LEU F 76 -4.76 21.21 -47.49
CA LEU F 76 -4.29 19.98 -46.85
C LEU F 76 -4.85 18.72 -47.51
N GLU F 77 -6.14 18.78 -47.87
CA GLU F 77 -6.79 17.72 -48.63
C GLU F 77 -6.05 17.49 -49.96
N TRP F 78 -5.73 18.58 -50.65
CA TRP F 78 -4.86 18.53 -51.84
C TRP F 78 -3.52 17.84 -51.60
N ALA F 79 -2.92 18.19 -50.47
CA ALA F 79 -1.53 17.87 -50.21
C ALA F 79 -1.27 16.41 -49.83
N GLU F 80 -0.18 15.87 -50.37
CA GLU F 80 0.26 14.51 -50.11
C GLU F 80 1.43 14.47 -49.13
N ALA F 81 2.02 15.63 -48.88
CA ALA F 81 3.06 15.82 -47.86
C ALA F 81 2.89 17.20 -47.24
N ILE F 82 2.92 17.26 -45.90
CA ILE F 82 2.73 18.52 -45.16
C ILE F 82 4.02 18.93 -44.45
N VAL F 83 4.20 20.23 -44.25
CA VAL F 83 5.25 20.75 -43.39
C VAL F 83 4.67 21.90 -42.57
N PHE F 84 4.34 21.63 -41.31
CA PHE F 84 3.85 22.69 -40.40
C PHE F 84 5.00 23.47 -39.79
N SER F 85 4.74 24.73 -39.46
CA SER F 85 5.81 25.65 -39.09
C SER F 85 5.28 26.86 -38.29
N SER F 86 5.56 26.90 -37.00
CA SER F 86 5.15 28.03 -36.16
C SER F 86 6.28 28.42 -35.24
N PRO F 87 6.38 29.72 -34.91
CA PRO F 87 7.28 30.08 -33.83
C PRO F 87 6.70 29.57 -32.50
N THR F 88 7.54 29.55 -31.47
CA THR F 88 7.13 29.07 -30.15
C THR F 88 6.38 30.17 -29.43
N ARG F 89 5.58 29.76 -28.47
CA ARG F 89 4.83 30.67 -27.64
C ARG F 89 4.71 30.02 -26.26
N PHE F 90 5.80 30.08 -25.50
CA PHE F 90 5.93 29.32 -24.23
C PHE F 90 5.98 27.83 -24.54
N GLY F 91 6.78 27.49 -25.54
CA GLY F 91 6.98 26.10 -25.95
C GLY F 91 5.78 25.48 -26.66
N GLY F 92 4.82 26.31 -27.05
CA GLY F 92 3.68 25.87 -27.86
C GLY F 92 3.64 26.70 -29.13
N ALA F 93 2.81 26.25 -30.09
CA ALA F 93 2.64 26.98 -31.35
C ALA F 93 1.81 28.24 -31.14
N THR F 94 1.71 29.08 -32.16
CA THR F 94 0.98 30.35 -32.02
C THR F 94 -0.52 30.10 -32.02
N SER F 95 -1.29 31.05 -31.48
CA SER F 95 -2.75 30.98 -31.50
C SER F 95 -3.30 31.09 -32.93
N GLN F 96 -2.59 31.87 -33.76
CA GLN F 96 -2.85 31.94 -35.20
C GLN F 96 -2.77 30.56 -35.83
N ARG F 98 -2.74 27.62 -34.15
CA ARG F 98 -3.73 26.77 -33.52
C ARG F 98 -5.15 27.03 -34.07
N ALA F 99 -5.47 28.29 -34.34
CA ALA F 99 -6.79 28.69 -34.87
C ALA F 99 -7.05 28.22 -36.31
N PHE F 100 -5.98 28.07 -37.09
CA PHE F 100 -6.09 27.49 -38.44
C PHE F 100 -6.41 25.99 -38.39
N ILE F 101 -5.87 25.28 -37.40
CA ILE F 101 -6.16 23.85 -37.23
C ILE F 101 -7.57 23.67 -36.65
N ASP F 102 -7.96 24.55 -35.73
CA ASP F 102 -9.33 24.58 -35.14
C ASP F 102 -10.45 24.66 -36.19
N THR F 103 -10.12 24.60 -37.48
CA THR F 103 -11.11 24.62 -38.54
C THR F 103 -10.79 23.56 -39.58
N LEU F 104 -10.57 22.34 -39.10
CA LEU F 104 -10.41 21.15 -39.94
C LEU F 104 -11.28 19.99 -39.45
N GLY F 105 -12.36 20.30 -38.74
CA GLY F 105 -13.23 19.28 -38.12
C GLY F 105 -14.06 18.47 -39.12
N GLY F 106 -14.47 19.13 -40.20
CA GLY F 106 -15.12 18.44 -41.30
C GLY F 106 -14.09 17.56 -42.01
N LEU F 107 -12.94 18.15 -42.35
CA LEU F 107 -11.86 17.42 -43.03
C LEU F 107 -11.25 16.30 -42.17
N TRP F 108 -11.24 16.48 -40.84
CA TRP F 108 -10.85 15.41 -39.91
C TRP F 108 -11.88 14.29 -39.94
N SER F 109 -13.15 14.69 -39.85
CA SER F 109 -14.27 13.76 -39.68
C SER F 109 -14.13 12.55 -40.59
N SER F 110 -14.18 12.80 -41.91
CA SER F 110 -14.09 11.73 -42.93
C SER F 110 -12.67 11.09 -43.04
N GLY F 111 -11.69 11.62 -42.28
CA GLY F 111 -10.32 11.12 -42.25
C GLY F 111 -9.62 11.36 -43.57
N LYS F 112 -9.92 12.49 -44.21
CA LYS F 112 -9.31 12.85 -45.49
C LYS F 112 -8.00 13.60 -45.25
N LEU F 113 -7.39 13.36 -44.09
CA LEU F 113 -6.03 13.81 -43.79
C LEU F 113 -5.06 12.64 -43.54
N ALA F 114 -5.56 11.42 -43.51
CA ALA F 114 -4.73 10.27 -43.14
C ALA F 114 -3.71 9.94 -44.21
N ASN F 115 -2.74 9.11 -43.85
CA ASN F 115 -1.68 8.62 -44.77
C ASN F 115 -0.81 9.67 -45.46
N LYS F 116 -1.13 10.95 -45.25
CA LYS F 116 -0.29 12.06 -45.70
C LYS F 116 0.94 12.12 -44.78
N THR F 117 2.11 12.34 -45.37
CA THR F 117 3.32 12.55 -44.57
C THR F 117 3.26 13.95 -43.93
N PHE F 118 3.89 14.08 -42.76
CA PHE F 118 3.89 15.32 -41.99
C PHE F 118 5.20 15.46 -41.25
N SER F 119 5.69 16.70 -41.16
CA SER F 119 6.84 17.04 -40.34
C SER F 119 6.81 18.53 -40.02
N ALA F 120 7.42 18.91 -38.91
CA ALA F 120 7.25 20.26 -38.37
C ALA F 120 8.58 21.02 -38.22
N THR F 122 10.19 24.81 -36.14
CA THR F 122 9.91 25.80 -35.10
C THR F 122 10.96 26.89 -34.98
N SER F 123 10.58 27.94 -34.25
CA SER F 123 11.40 29.11 -34.08
C SER F 123 11.25 29.66 -32.68
N ALA F 124 12.35 29.74 -31.95
CA ALA F 124 12.37 30.37 -30.63
C ALA F 124 13.50 31.40 -30.55
N GLN F 125 13.38 32.34 -29.62
CA GLN F 125 14.43 33.33 -29.35
C GLN F 125 15.61 32.77 -28.57
N ASN F 126 15.30 31.91 -27.60
CA ASN F 126 16.31 31.15 -26.87
C ASN F 126 16.61 29.80 -27.51
N VAL F 127 17.74 29.23 -27.11
CA VAL F 127 18.23 27.99 -27.70
C VAL F 127 17.46 26.77 -27.15
N ASN F 128 17.26 26.72 -25.83
CA ASN F 128 16.52 25.62 -25.20
C ASN F 128 15.12 26.07 -24.81
N GLY F 129 14.66 27.16 -25.40
CA GLY F 129 13.38 27.75 -25.01
C GLY F 129 12.20 27.31 -25.86
N GLY F 130 11.97 26.01 -25.93
CA GLY F 130 10.81 25.47 -26.68
C GLY F 130 11.05 25.10 -28.14
N GLN F 131 12.33 24.95 -28.53
CA GLN F 131 12.65 24.50 -29.88
C GLN F 131 12.43 22.98 -30.07
N GLU F 132 12.22 22.25 -28.98
CA GLU F 132 11.86 20.82 -29.03
C GLU F 132 10.38 20.63 -28.73
N THR F 133 9.89 21.31 -27.70
CA THR F 133 8.51 21.10 -27.25
C THR F 133 7.48 21.72 -28.18
N THR F 134 7.89 22.66 -29.02
CA THR F 134 6.94 23.26 -29.95
C THR F 134 6.70 22.32 -31.13
N LEU F 135 7.76 21.63 -31.57
CA LEU F 135 7.63 20.59 -32.59
C LEU F 135 6.75 19.47 -32.05
N GLN F 136 6.99 19.16 -30.78
CA GLN F 136 6.29 18.09 -30.09
C GLN F 136 4.78 18.28 -30.08
N THR F 137 4.29 19.49 -29.80
CA THR F 137 2.83 19.74 -29.76
C THR F 137 2.18 19.55 -31.13
N LEU F 138 2.92 19.91 -32.19
CA LEU F 138 2.45 19.78 -33.58
C LEU F 138 2.37 18.33 -34.05
N TYR F 139 3.42 17.54 -33.86
CA TYR F 139 3.38 16.09 -34.14
C TYR F 139 2.26 15.38 -33.35
N THR F 141 -0.44 16.61 -32.54
CA THR F 141 -1.63 17.03 -33.31
C THR F 141 -1.74 16.20 -34.59
N ALA F 142 -0.63 16.01 -35.30
CA ALA F 142 -0.64 15.24 -36.55
C ALA F 142 -1.05 13.78 -36.37
N HIS F 144 -3.36 12.64 -34.45
CA HIS F 144 -4.83 12.58 -34.46
C HIS F 144 -5.41 12.37 -35.85
N TRP F 145 -4.71 12.82 -36.89
CA TRP F 145 -5.19 12.68 -38.27
C TRP F 145 -4.90 11.30 -38.86
N GLY F 146 -3.83 10.66 -38.39
CA GLY F 146 -3.30 9.45 -39.02
C GLY F 146 -2.06 9.74 -39.85
N ALA F 147 -1.67 11.01 -39.91
CA ALA F 147 -0.44 11.43 -40.60
C ALA F 147 0.75 10.49 -40.34
N VAL F 148 1.44 10.12 -41.42
CA VAL F 148 2.66 9.33 -41.33
C VAL F 148 3.81 10.28 -41.03
N LEU F 149 4.25 10.32 -39.78
CA LEU F 149 5.23 11.33 -39.37
C LEU F 149 6.62 10.97 -39.90
N THR F 150 7.23 11.93 -40.57
CA THR F 150 8.57 11.81 -41.15
C THR F 150 9.48 12.89 -40.55
N PRO F 151 9.94 12.67 -39.31
CA PRO F 151 10.88 13.59 -38.69
C PRO F 151 12.30 13.26 -39.15
N PRO F 152 13.21 14.27 -39.15
CA PRO F 152 14.55 14.17 -39.74
C PRO F 152 15.51 13.21 -39.04
N GLY F 153 15.40 13.11 -37.72
CA GLY F 153 16.24 12.24 -36.93
C GLY F 153 17.69 12.64 -37.00
N TYR F 154 18.56 11.65 -36.90
CA TYR F 154 19.98 11.87 -37.05
C TYR F 154 20.43 11.12 -38.30
N THR F 155 19.69 11.31 -39.40
CA THR F 155 20.02 10.75 -40.72
C THR F 155 20.89 11.70 -41.57
N ASP F 156 21.80 12.43 -40.92
CA ASP F 156 22.76 13.29 -41.63
C ASP F 156 23.65 14.03 -40.65
N GLU F 157 24.93 14.20 -41.05
CA GLU F 157 25.89 15.05 -40.34
C GLU F 157 25.33 16.48 -40.23
N VAL F 158 24.58 16.91 -41.24
CA VAL F 158 24.11 18.29 -41.31
C VAL F 158 23.12 18.62 -40.18
N ILE F 159 22.47 17.59 -39.65
CA ILE F 159 21.56 17.79 -38.52
C ILE F 159 22.36 18.13 -37.26
N PHE F 160 23.43 17.36 -37.02
CA PHE F 160 24.34 17.62 -35.90
C PHE F 160 24.89 19.03 -35.98
N LYS F 161 25.39 19.40 -37.15
CA LYS F 161 26.01 20.71 -37.34
C LYS F 161 25.05 21.91 -37.23
N SER F 162 23.74 21.66 -37.12
CA SER F 162 22.73 22.73 -37.02
C SER F 162 22.21 22.94 -35.58
N GLY F 163 22.64 22.09 -34.65
CA GLY F 163 22.17 22.13 -33.27
C GLY F 163 21.87 20.75 -32.72
N GLY F 164 21.47 19.84 -33.61
CA GLY F 164 21.21 18.45 -33.25
C GLY F 164 19.74 18.10 -33.04
N ASN F 165 18.83 18.97 -33.46
CA ASN F 165 17.37 18.79 -33.20
C ASN F 165 16.69 17.74 -34.12
N PRO F 166 16.46 16.52 -33.59
CA PRO F 166 16.04 15.42 -34.47
C PRO F 166 14.53 15.38 -34.68
N TYR F 167 13.81 16.18 -33.92
CA TYR F 167 12.36 16.28 -34.04
C TYR F 167 12.00 17.13 -35.24
N GLY F 168 12.89 18.05 -35.60
CA GLY F 168 12.61 18.99 -36.69
C GLY F 168 13.58 20.17 -36.71
N ALA F 169 13.56 20.90 -37.81
CA ALA F 169 14.36 22.10 -37.91
C ALA F 169 13.86 23.12 -36.89
N SER F 170 14.81 23.77 -36.23
CA SER F 170 14.53 24.80 -35.25
C SER F 170 15.58 25.90 -35.40
N VAL F 171 15.16 27.14 -35.24
CA VAL F 171 16.06 28.28 -35.42
C VAL F 171 15.98 29.21 -34.22
N THR F 172 17.15 29.76 -33.85
CA THR F 172 17.26 30.75 -32.79
C THR F 172 17.14 32.13 -33.44
N ALA F 173 15.92 32.67 -33.43
CA ALA F 173 15.61 33.93 -34.10
C ALA F 173 16.26 35.12 -33.39
N ASN F 174 17.08 35.87 -34.15
CA ASN F 174 17.72 37.10 -33.67
C ASN F 174 17.82 38.17 -34.78
N GLY F 175 16.82 38.20 -35.66
CA GLY F 175 16.76 39.15 -36.78
C GLY F 175 17.88 39.10 -37.81
N GLN F 176 18.66 38.01 -37.80
CA GLN F 176 19.90 37.90 -38.59
C GLN F 176 19.66 37.01 -39.81
N PRO F 177 20.45 37.18 -40.89
CA PRO F 177 20.45 36.15 -41.94
C PRO F 177 20.31 34.73 -41.38
N LEU F 178 19.46 33.93 -42.02
CA LEU F 178 19.26 32.54 -41.62
C LEU F 178 20.59 31.83 -41.79
N LEU F 179 21.07 31.21 -40.73
CA LEU F 179 22.40 30.61 -40.74
C LEU F 179 22.52 29.49 -41.78
N GLU F 180 23.70 29.37 -42.39
CA GLU F 180 23.91 28.43 -43.50
C GLU F 180 23.48 27.02 -43.12
N ASN F 181 24.01 26.53 -42.00
CA ASN F 181 23.75 25.14 -41.63
C ASN F 181 22.29 24.88 -41.24
N ASP F 182 21.58 25.92 -40.82
CA ASP F 182 20.14 25.82 -40.56
C ASP F 182 19.38 25.58 -41.86
N ARG F 183 19.72 26.35 -42.90
CA ARG F 183 19.17 26.10 -44.23
C ARG F 183 19.41 24.64 -44.58
N ALA F 184 20.69 24.26 -44.56
CA ALA F 184 21.15 22.94 -44.99
C ALA F 184 20.32 21.77 -44.47
N SER F 185 20.01 21.81 -43.17
CA SER F 185 19.24 20.75 -42.50
C SER F 185 17.72 20.92 -42.66
N ILE F 186 17.29 22.11 -43.09
CA ILE F 186 15.91 22.32 -43.51
C ILE F 186 15.75 21.68 -44.89
N ARG F 187 16.74 21.89 -45.76
CA ARG F 187 16.78 21.25 -47.07
C ARG F 187 16.77 19.74 -46.97
N HIS F 188 17.45 19.19 -45.96
CA HIS F 188 17.46 17.75 -45.75
C HIS F 188 16.09 17.19 -45.34
N GLN F 189 15.49 17.80 -44.32
CA GLN F 189 14.18 17.37 -43.77
C GLN F 189 13.11 17.32 -44.86
N VAL F 190 13.08 18.37 -45.70
CA VAL F 190 12.18 18.44 -46.85
C VAL F 190 12.51 17.34 -47.87
N ARG F 191 13.77 17.27 -48.26
CA ARG F 191 14.21 16.30 -49.27
C ARG F 191 13.99 14.86 -48.81
N ARG F 192 14.17 14.65 -47.51
CA ARG F 192 13.98 13.33 -46.91
C ARG F 192 12.51 12.96 -46.98
N GLN F 193 11.65 13.85 -46.53
CA GLN F 193 10.21 13.58 -46.47
C GLN F 193 9.67 13.26 -47.85
N VAL F 194 10.01 14.10 -48.82
CA VAL F 194 9.51 13.97 -50.18
C VAL F 194 9.89 12.61 -50.77
N GLU F 195 11.15 12.20 -50.57
CA GLU F 195 11.60 10.88 -50.98
C GLU F 195 10.80 9.77 -50.30
N LEU F 196 10.55 9.92 -49.00
CA LEU F 196 9.69 8.99 -48.27
C LEU F 196 8.24 9.11 -48.78
N THR F 197 7.82 10.33 -49.09
CA THR F 197 6.51 10.54 -49.72
C THR F 197 6.38 9.85 -51.10
N ALA F 198 7.45 9.89 -51.88
CA ALA F 198 7.49 9.23 -53.19
C ALA F 198 7.35 7.72 -53.04
N LYS F 199 8.21 7.11 -52.23
CA LYS F 199 8.14 5.66 -51.96
C LYS F 199 6.71 5.26 -51.56
N LEU F 200 6.04 6.08 -50.76
CA LEU F 200 4.66 5.79 -50.35
C LEU F 200 3.74 5.71 -51.57
N LEU F 201 3.83 6.72 -52.43
CA LEU F 201 2.95 6.85 -53.59
C LEU F 201 3.26 5.82 -54.68
N GLU F 202 4.54 5.55 -54.94
CA GLU F 202 4.94 4.54 -55.94
C GLU F 202 4.37 3.19 -55.58
N GLY F 203 4.69 2.73 -54.38
CA GLY F 203 4.33 1.39 -53.92
C GLY F 203 2.85 1.12 -53.68
N GLY F 204 2.06 2.18 -53.60
CA GLY F 204 0.62 2.06 -53.36
C GLY F 204 -0.22 2.15 -54.64
N SER F 205 -0.68 1.00 -55.13
CA SER F 205 -1.60 0.96 -56.29
C SER F 205 -2.66 -0.15 -56.15
N PRO G 6 -6.81 36.49 2.57
CA PRO G 6 -7.37 35.50 1.67
C PRO G 6 -6.69 35.34 0.29
N VAL G 7 -6.56 34.08 -0.13
CA VAL G 7 -6.05 33.69 -1.44
C VAL G 7 -6.90 34.31 -2.56
N LYS G 8 -6.28 34.53 -3.73
CA LYS G 8 -6.94 35.12 -4.89
C LYS G 8 -6.93 34.16 -6.09
N LEU G 9 -8.01 33.39 -6.22
CA LEU G 9 -8.09 32.30 -7.20
C LEU G 9 -8.82 32.70 -8.48
N ALA G 10 -8.07 33.14 -9.48
CA ALA G 10 -8.65 33.41 -10.79
C ALA G 10 -8.85 32.09 -11.52
N ILE G 11 -10.06 31.83 -12.00
CA ILE G 11 -10.32 30.64 -12.84
C ILE G 11 -10.59 31.08 -14.27
N VAL G 12 -9.68 30.73 -15.18
CA VAL G 12 -9.79 31.12 -16.58
C VAL G 12 -10.16 29.92 -17.43
N PHE G 13 -11.44 29.86 -17.81
CA PHE G 13 -11.94 28.77 -18.63
C PHE G 13 -12.37 29.29 -20.00
N TYR G 14 -12.10 28.51 -21.03
CA TYR G 14 -12.82 28.63 -22.29
C TYR G 14 -13.79 27.46 -22.40
N SER G 15 -14.97 27.75 -22.92
CA SER G 15 -15.95 26.70 -23.21
C SER G 15 -16.77 27.12 -24.42
N SER G 16 -16.87 26.21 -25.39
CA SER G 16 -17.73 26.41 -26.57
C SER G 16 -19.16 25.93 -26.28
N THR G 17 -19.34 24.63 -26.08
CA THR G 17 -20.67 24.04 -26.02
C THR G 17 -21.07 23.58 -24.62
N GLY G 18 -20.61 24.28 -23.59
CA GLY G 18 -21.19 24.14 -22.25
C GLY G 18 -20.40 23.36 -21.21
N THR G 19 -19.84 22.21 -21.60
CA THR G 19 -19.25 21.27 -20.60
C THR G 19 -18.03 21.84 -19.88
N GLY G 20 -17.27 22.70 -20.55
CA GLY G 20 -16.18 23.44 -19.91
C GLY G 20 -16.66 24.38 -18.81
N TYR G 21 -17.67 25.19 -19.13
CA TYR G 21 -18.26 26.14 -18.17
C TYR G 21 -18.73 25.40 -16.91
N ALA G 22 -19.33 24.24 -17.09
CA ALA G 22 -19.84 23.44 -15.98
C ALA G 22 -18.77 23.15 -14.95
N ALA G 24 -15.65 24.77 -14.71
CA ALA G 24 -15.14 26.06 -14.24
C ALA G 24 -15.96 26.63 -13.07
N GLN G 25 -17.27 26.44 -13.12
CA GLN G 25 -18.16 26.85 -12.02
C GLN G 25 -17.93 26.05 -10.74
N GLU G 26 -17.94 24.73 -10.88
CA GLU G 26 -17.71 23.84 -9.75
C GLU G 26 -16.41 24.21 -9.05
N ALA G 27 -15.40 24.57 -9.84
CA ALA G 27 -14.10 24.96 -9.30
C ALA G 27 -14.18 26.27 -8.47
N ALA G 28 -14.95 27.24 -8.97
CA ALA G 28 -15.17 28.52 -8.27
C ALA G 28 -15.86 28.36 -6.88
N GLU G 29 -16.70 27.34 -6.76
CA GLU G 29 -17.36 27.00 -5.48
C GLU G 29 -16.43 26.27 -4.50
N ALA G 30 -15.59 25.40 -5.02
CA ALA G 30 -14.54 24.80 -4.21
C ALA G 30 -13.71 25.92 -3.57
N GLY G 31 -13.32 26.91 -4.38
CA GLY G 31 -12.50 28.03 -3.93
C GLY G 31 -13.20 28.97 -2.96
N ARG G 32 -14.51 29.15 -3.14
CA ARG G 32 -15.31 29.95 -2.21
C ARG G 32 -15.47 29.20 -0.89
N ALA G 33 -15.84 27.92 -0.98
CA ALA G 33 -15.90 27.01 0.17
C ALA G 33 -14.56 26.93 0.89
N ALA G 34 -13.48 27.00 0.11
CA ALA G 34 -12.12 27.02 0.64
C ALA G 34 -11.81 28.34 1.37
N GLY G 35 -12.32 29.44 0.84
CA GLY G 35 -12.18 30.74 1.47
C GLY G 35 -11.44 31.78 0.64
N ALA G 36 -11.35 31.55 -0.66
CA ALA G 36 -10.58 32.42 -1.54
C ALA G 36 -11.45 33.47 -2.22
N GLU G 37 -10.90 34.67 -2.40
CA GLU G 37 -11.56 35.70 -3.21
C GLU G 37 -11.49 35.23 -4.66
N VAL G 38 -12.56 34.58 -5.11
CA VAL G 38 -12.58 33.94 -6.43
C VAL G 38 -12.83 34.93 -7.55
N ARG G 39 -12.35 34.62 -8.75
CA ARG G 39 -12.81 35.25 -9.98
C ARG G 39 -12.98 34.18 -11.04
N LEU G 40 -14.22 33.89 -11.41
CA LEU G 40 -14.50 33.07 -12.60
C LEU G 40 -14.49 33.97 -13.84
N LEU G 41 -13.46 33.81 -14.68
CA LEU G 41 -13.31 34.59 -15.90
C LEU G 41 -13.38 33.69 -17.13
N LYS G 42 -14.06 34.18 -18.15
CA LYS G 42 -14.20 33.47 -19.40
C LYS G 42 -13.12 33.96 -20.36
N VAL G 43 -12.65 33.06 -21.20
CA VAL G 43 -11.78 33.45 -22.30
C VAL G 43 -12.61 34.13 -23.39
N ARG G 44 -11.96 35.02 -24.15
CA ARG G 44 -12.61 35.69 -25.30
C ARG G 44 -13.01 34.71 -26.41
N GLU G 45 -14.25 34.84 -26.90
CA GLU G 45 -14.70 34.04 -28.03
C GLU G 45 -14.12 34.60 -29.33
N THR G 46 -13.07 33.96 -29.83
CA THR G 46 -12.41 34.40 -31.05
C THR G 46 -12.93 33.65 -32.30
N ALA G 47 -13.71 32.59 -32.10
CA ALA G 47 -14.31 31.85 -33.22
C ALA G 47 -15.32 32.77 -33.93
N PRO G 48 -15.26 32.84 -35.26
CA PRO G 48 -16.20 33.72 -35.97
C PRO G 48 -17.63 33.29 -35.72
N GLN G 49 -18.53 34.24 -35.43
CA GLN G 49 -19.96 33.91 -35.21
C GLN G 49 -20.65 33.36 -36.47
N ASP G 50 -20.03 33.57 -37.64
CA ASP G 50 -20.45 32.82 -38.82
C ASP G 50 -20.25 31.29 -38.69
N VAL G 51 -19.52 30.83 -37.66
CA VAL G 51 -19.29 29.38 -37.40
C VAL G 51 -19.82 28.92 -36.03
N ILE G 52 -20.39 29.84 -35.26
CA ILE G 52 -21.06 29.49 -34.00
C ILE G 52 -22.53 29.13 -34.27
N ASP G 53 -23.20 30.00 -35.04
CA ASP G 53 -24.62 29.86 -35.44
C ASP G 53 -25.09 28.43 -35.65
N GLY G 54 -24.41 27.71 -36.55
CA GLY G 54 -24.77 26.34 -36.92
C GLY G 54 -24.73 25.37 -35.75
N GLN G 55 -23.98 25.73 -34.71
CA GLN G 55 -23.95 24.97 -33.48
C GLN G 55 -24.91 25.63 -32.46
N ASP G 56 -25.99 24.92 -32.13
CA ASP G 56 -26.98 25.42 -31.17
C ASP G 56 -26.45 25.40 -29.73
N ALA G 57 -25.83 24.29 -29.33
CA ALA G 57 -25.25 24.16 -27.97
C ALA G 57 -24.19 25.23 -27.70
N TRP G 58 -23.44 25.56 -28.74
CA TRP G 58 -22.43 26.60 -28.68
C TRP G 58 -23.15 27.93 -28.45
N LYS G 59 -24.06 28.25 -29.37
CA LYS G 59 -24.78 29.53 -29.33
C LYS G 59 -25.50 29.74 -27.98
N ALA G 60 -26.17 28.69 -27.50
CA ALA G 60 -26.91 28.73 -26.23
C ALA G 60 -25.99 28.93 -25.03
N ASN G 61 -24.74 28.48 -25.14
CA ASN G 61 -23.76 28.56 -24.05
C ASN G 61 -23.20 29.99 -23.86
N ILE G 62 -22.99 30.73 -24.95
CA ILE G 62 -22.47 32.10 -24.87
C ILE G 62 -23.51 33.00 -24.20
N GLU G 63 -24.78 32.72 -24.46
CA GLU G 63 -25.89 33.33 -23.72
C GLU G 63 -25.77 33.03 -22.23
N ALA G 64 -25.49 31.77 -21.91
CA ALA G 64 -25.28 31.33 -20.52
C ALA G 64 -24.04 31.95 -19.87
N LYS G 66 -23.23 35.24 -20.37
CA LYS G 66 -23.43 36.69 -20.56
C LYS G 66 -22.85 37.47 -19.38
N ASP G 67 -23.10 36.98 -18.17
CA ASP G 67 -22.74 37.71 -16.95
C ASP G 67 -21.34 37.38 -16.45
N VAL G 68 -20.68 36.40 -17.07
CA VAL G 68 -19.30 36.09 -16.74
C VAL G 68 -18.39 37.10 -17.44
N PRO G 69 -17.64 37.93 -16.67
CA PRO G 69 -16.80 38.96 -17.30
C PRO G 69 -15.58 38.36 -18.01
N GLU G 70 -15.19 38.99 -19.13
CA GLU G 70 -14.10 38.50 -19.98
C GLU G 70 -12.73 38.52 -19.26
N ALA G 71 -11.94 37.47 -19.50
CA ALA G 71 -10.64 37.31 -18.85
C ALA G 71 -9.61 38.13 -19.59
N THR G 72 -8.75 38.81 -18.84
CA THR G 72 -7.68 39.63 -19.40
C THR G 72 -6.50 39.70 -18.42
N PRO G 73 -5.28 40.02 -18.92
CA PRO G 73 -4.02 39.78 -18.19
C PRO G 73 -3.93 40.34 -16.75
N ALA G 74 -4.65 41.42 -16.46
CA ALA G 74 -4.64 42.03 -15.12
C ALA G 74 -5.23 41.11 -14.03
N ASP G 75 -6.00 40.10 -14.46
CA ASP G 75 -6.57 39.10 -13.56
C ASP G 75 -5.50 38.14 -13.07
N LEU G 76 -4.71 37.62 -14.02
CA LEU G 76 -3.63 36.70 -13.71
C LEU G 76 -2.62 37.38 -12.80
N GLU G 77 -2.32 38.63 -13.14
CA GLU G 77 -1.51 39.50 -12.29
C GLU G 77 -2.08 39.63 -10.87
N TRP G 78 -3.38 39.95 -10.81
CA TRP G 78 -4.08 40.11 -9.54
C TRP G 78 -4.05 38.84 -8.68
N ALA G 79 -3.99 37.69 -9.35
CA ALA G 79 -4.18 36.38 -8.73
C ALA G 79 -2.91 35.80 -8.09
N GLU G 80 -3.10 35.06 -7.00
CA GLU G 80 -2.04 34.27 -6.34
C GLU G 80 -2.17 32.78 -6.64
N ALA G 81 -3.36 32.38 -7.07
CA ALA G 81 -3.60 31.04 -7.57
C ALA G 81 -4.38 31.10 -8.88
N ILE G 82 -3.99 30.28 -9.85
CA ILE G 82 -4.61 30.22 -11.17
C ILE G 82 -5.20 28.83 -11.42
N VAL G 83 -6.23 28.76 -12.25
CA VAL G 83 -6.73 27.51 -12.78
C VAL G 83 -7.12 27.79 -14.23
N PHE G 84 -6.64 26.94 -15.15
CA PHE G 84 -6.98 27.03 -16.56
C PHE G 84 -7.86 25.86 -16.89
N SER G 85 -8.62 25.96 -17.98
CA SER G 85 -9.61 24.94 -18.34
C SER G 85 -9.99 25.02 -19.83
N SER G 86 -9.27 24.30 -20.67
CA SER G 86 -9.59 24.27 -22.08
C SER G 86 -10.01 22.85 -22.46
N PRO G 87 -11.00 22.73 -23.36
CA PRO G 87 -11.22 21.45 -24.03
C PRO G 87 -10.13 21.18 -25.07
N THR G 88 -9.95 19.90 -25.42
CA THR G 88 -8.91 19.53 -26.37
C THR G 88 -9.40 19.86 -27.76
N ARG G 89 -8.56 20.56 -28.51
CA ARG G 89 -8.70 20.65 -29.93
C ARG G 89 -7.49 19.93 -30.52
N PHE G 90 -7.69 18.71 -31.02
CA PHE G 90 -6.66 17.90 -31.71
C PHE G 90 -5.44 17.51 -30.87
N GLY G 91 -5.66 17.19 -29.60
CA GLY G 91 -4.56 16.79 -28.72
C GLY G 91 -4.10 17.91 -27.80
N GLY G 92 -4.06 19.13 -28.34
CA GLY G 92 -3.73 20.33 -27.55
C GLY G 92 -4.96 21.14 -27.19
N ALA G 93 -4.76 22.23 -26.46
CA ALA G 93 -5.85 23.10 -26.01
C ALA G 93 -6.38 24.02 -27.13
N THR G 94 -7.58 24.54 -26.92
CA THR G 94 -8.28 25.36 -27.91
C THR G 94 -7.43 26.53 -28.38
N SER G 95 -7.77 27.07 -29.55
CA SER G 95 -7.10 28.27 -30.09
C SER G 95 -7.51 29.51 -29.29
N GLN G 96 -8.79 29.58 -28.88
CA GLN G 96 -9.31 30.66 -28.03
C GLN G 96 -8.46 30.82 -26.78
N ARG G 98 -5.33 29.55 -26.24
CA ARG G 98 -3.96 29.90 -26.62
C ARG G 98 -3.83 31.37 -27.02
N ALA G 99 -4.87 31.91 -27.66
CA ALA G 99 -4.97 33.35 -28.01
C ALA G 99 -4.75 34.24 -26.81
N PHE G 100 -5.54 33.97 -25.75
CA PHE G 100 -5.44 34.69 -24.48
C PHE G 100 -4.04 34.55 -23.85
N ILE G 101 -3.50 33.32 -23.84
CA ILE G 101 -2.13 33.06 -23.37
C ILE G 101 -1.13 33.99 -24.07
N ASP G 102 -1.32 34.17 -25.38
CA ASP G 102 -0.38 34.94 -26.22
C ASP G 102 -0.31 36.44 -25.90
N THR G 103 -1.42 37.00 -25.45
CA THR G 103 -1.48 38.41 -25.06
C THR G 103 -0.95 38.63 -23.63
N LEU G 104 -0.18 37.67 -23.13
CA LEU G 104 0.55 37.80 -21.86
C LEU G 104 2.05 37.99 -22.13
N GLY G 105 2.38 38.39 -23.37
CA GLY G 105 3.76 38.75 -23.72
C GLY G 105 4.24 39.99 -22.97
N GLY G 106 3.31 40.92 -22.74
CA GLY G 106 3.56 42.11 -21.91
C GLY G 106 3.86 41.73 -20.47
N LEU G 107 3.02 40.90 -19.87
CA LEU G 107 3.14 40.55 -18.41
C LEU G 107 4.29 39.59 -18.11
N TRP G 108 4.84 38.97 -19.14
CA TRP G 108 6.05 38.15 -19.04
C TRP G 108 7.28 39.02 -18.65
N SER G 109 7.37 40.20 -19.28
CA SER G 109 8.56 41.07 -19.30
C SER G 109 8.95 41.76 -17.99
N SER G 110 8.17 41.58 -16.92
CA SER G 110 8.65 41.89 -15.57
C SER G 110 8.46 40.65 -14.69
N GLY G 111 8.67 39.46 -15.29
CA GLY G 111 8.44 38.16 -14.63
C GLY G 111 7.34 38.18 -13.58
N LYS G 112 6.27 38.92 -13.88
CA LYS G 112 5.25 39.27 -12.88
C LYS G 112 4.31 38.09 -12.57
N LEU G 113 4.32 37.08 -13.46
CA LEU G 113 3.53 35.86 -13.25
C LEU G 113 4.23 34.83 -12.35
N ALA G 114 5.51 35.05 -12.05
CA ALA G 114 6.31 34.07 -11.29
C ALA G 114 5.71 33.75 -9.92
N ASN G 115 5.83 32.48 -9.52
CA ASN G 115 5.54 32.01 -8.16
C ASN G 115 4.07 31.92 -7.82
N LYS G 116 3.20 32.38 -8.71
CA LYS G 116 1.77 32.14 -8.59
C LYS G 116 1.51 30.69 -8.90
N THR G 117 0.88 29.99 -7.98
CA THR G 117 0.55 28.58 -8.16
C THR G 117 -0.38 28.40 -9.37
N PHE G 118 -0.51 27.17 -9.89
CA PHE G 118 -1.23 26.94 -11.16
C PHE G 118 -1.63 25.48 -11.36
N SER G 119 -2.90 25.28 -11.68
CA SER G 119 -3.41 23.96 -12.06
C SER G 119 -4.16 24.03 -13.39
N ALA G 120 -4.57 22.88 -13.89
CA ALA G 120 -5.30 22.83 -15.15
C ALA G 120 -6.37 21.74 -15.20
N THR G 122 -9.49 19.89 -18.16
CA THR G 122 -9.86 19.69 -19.55
C THR G 122 -11.11 18.82 -19.71
N SER G 123 -11.65 18.81 -20.92
CA SER G 123 -12.73 17.90 -21.30
C SER G 123 -12.52 17.45 -22.74
N ALA G 124 -13.21 16.40 -23.15
CA ALA G 124 -12.99 15.81 -24.47
C ALA G 124 -14.11 14.83 -24.84
N GLN G 125 -14.30 14.61 -26.13
CA GLN G 125 -15.27 13.59 -26.58
C GLN G 125 -14.82 12.19 -26.18
N ASN G 126 -13.61 11.83 -26.57
CA ASN G 126 -13.07 10.49 -26.31
C ASN G 126 -12.39 10.39 -24.95
N VAL G 127 -12.63 9.30 -24.23
CA VAL G 127 -12.11 9.13 -22.86
C VAL G 127 -10.58 9.29 -22.79
N ASN G 128 -9.88 8.90 -23.86
CA ASN G 128 -8.46 9.20 -23.96
C ASN G 128 -8.09 9.61 -25.39
N GLY G 129 -8.69 10.71 -25.82
CA GLY G 129 -8.38 11.34 -27.09
C GLY G 129 -7.70 12.68 -26.87
N GLY G 130 -6.82 12.71 -25.88
CA GLY G 130 -6.04 13.92 -25.59
C GLY G 130 -6.31 14.54 -24.23
N GLN G 131 -6.93 13.80 -23.31
CA GLN G 131 -7.21 14.30 -21.95
C GLN G 131 -5.95 14.50 -21.08
N GLU G 132 -4.88 13.78 -21.41
CA GLU G 132 -3.60 13.89 -20.69
C GLU G 132 -2.72 14.93 -21.38
N THR G 133 -2.48 14.72 -22.68
CA THR G 133 -1.60 15.57 -23.49
C THR G 133 -1.99 17.04 -23.49
N THR G 134 -3.30 17.31 -23.51
CA THR G 134 -3.80 18.69 -23.49
C THR G 134 -3.47 19.35 -22.17
N LEU G 135 -3.74 18.63 -21.08
CA LEU G 135 -3.31 19.08 -19.75
C LEU G 135 -1.78 19.30 -19.68
N GLN G 136 -1.01 18.39 -20.26
CA GLN G 136 0.44 18.51 -20.25
C GLN G 136 0.91 19.80 -20.93
N THR G 137 0.36 20.13 -22.10
CA THR G 137 0.82 21.32 -22.82
C THR G 137 0.37 22.64 -22.18
N LEU G 138 -0.74 22.60 -21.44
CA LEU G 138 -1.12 23.73 -20.56
C LEU G 138 -0.11 23.93 -19.44
N TYR G 139 0.39 22.81 -18.91
CA TYR G 139 1.41 22.83 -17.86
C TYR G 139 2.80 23.17 -18.41
N THR G 141 3.30 25.38 -20.56
CA THR G 141 3.20 26.85 -20.69
C THR G 141 3.50 27.57 -19.37
N ALA G 142 2.80 27.18 -18.31
CA ALA G 142 2.98 27.79 -16.99
C ALA G 142 4.44 27.72 -16.44
N HIS G 144 7.21 28.25 -18.38
CA HIS G 144 7.88 29.41 -18.95
C HIS G 144 7.61 30.68 -18.12
N TRP G 145 6.48 30.73 -17.41
CA TRP G 145 6.16 31.88 -16.54
C TRP G 145 6.85 31.81 -15.18
N GLY G 146 7.36 30.64 -14.82
CA GLY G 146 7.86 30.42 -13.47
C GLY G 146 6.77 30.17 -12.43
N ALA G 147 5.67 29.55 -12.84
CA ALA G 147 4.61 29.21 -11.91
C ALA G 147 5.05 28.07 -11.00
N VAL G 148 4.21 27.78 -10.01
CA VAL G 148 4.39 26.66 -9.13
C VAL G 148 3.26 25.67 -9.44
N LEU G 149 3.56 24.62 -10.20
CA LEU G 149 2.53 23.69 -10.68
C LEU G 149 2.03 22.82 -9.52
N THR G 150 0.69 22.72 -9.39
CA THR G 150 0.07 21.92 -8.33
C THR G 150 -1.04 21.03 -8.90
N PRO G 151 -0.64 19.92 -9.56
CA PRO G 151 -1.62 18.95 -10.01
C PRO G 151 -2.01 18.08 -8.82
N PRO G 152 -3.23 17.53 -8.85
CA PRO G 152 -3.68 16.75 -7.70
C PRO G 152 -2.85 15.50 -7.49
N GLY G 153 -2.38 14.92 -8.59
CA GLY G 153 -1.79 13.59 -8.56
C GLY G 153 -2.87 12.59 -8.20
N TYR G 154 -2.56 11.72 -7.26
CA TYR G 154 -3.52 10.75 -6.76
C TYR G 154 -3.80 11.05 -5.27
N THR G 155 -3.74 12.32 -4.90
CA THR G 155 -3.76 12.71 -3.47
C THR G 155 -5.11 12.51 -2.76
N ASP G 156 -6.15 12.12 -3.50
CA ASP G 156 -7.40 11.66 -2.89
C ASP G 156 -7.82 10.35 -3.54
N GLU G 157 -8.68 9.61 -2.83
CA GLU G 157 -9.26 8.39 -3.36
C GLU G 157 -10.20 8.67 -4.55
N VAL G 158 -10.76 9.88 -4.59
CA VAL G 158 -11.77 10.23 -5.60
C VAL G 158 -11.19 10.50 -7.00
N ILE G 159 -9.88 10.78 -7.07
CA ILE G 159 -9.17 10.89 -8.35
C ILE G 159 -9.27 9.57 -9.16
N PHE G 160 -9.23 8.44 -8.45
CA PHE G 160 -9.30 7.09 -9.06
C PHE G 160 -10.67 6.78 -9.64
N LYS G 161 -11.72 6.97 -8.83
CA LYS G 161 -13.11 6.75 -9.26
C LYS G 161 -13.47 7.57 -10.49
N SER G 162 -12.85 8.74 -10.61
CA SER G 162 -13.14 9.69 -11.70
C SER G 162 -12.33 9.44 -12.97
N GLY G 163 -11.57 8.34 -13.00
CA GLY G 163 -10.77 7.97 -14.17
C GLY G 163 -9.29 7.80 -13.88
N GLY G 164 -8.84 8.42 -12.79
CA GLY G 164 -7.44 8.32 -12.34
C GLY G 164 -6.47 9.24 -13.07
N ASN G 165 -6.91 10.47 -13.36
CA ASN G 165 -6.04 11.46 -13.99
C ASN G 165 -5.27 12.25 -12.94
N PRO G 166 -3.95 12.14 -12.96
CA PRO G 166 -3.13 12.92 -12.02
C PRO G 166 -2.81 14.35 -12.49
N TYR G 167 -2.82 14.58 -13.80
CA TYR G 167 -2.39 15.87 -14.35
C TYR G 167 -3.40 16.96 -14.05
N GLY G 168 -4.67 16.59 -13.92
CA GLY G 168 -5.73 17.54 -13.65
C GLY G 168 -7.08 16.96 -14.00
N ALA G 169 -8.16 17.62 -13.59
CA ALA G 169 -9.51 17.12 -13.86
C ALA G 169 -9.77 16.99 -15.37
N SER G 170 -10.19 15.80 -15.81
CA SER G 170 -10.56 15.58 -17.21
C SER G 170 -11.95 14.98 -17.27
N VAL G 171 -12.63 15.20 -18.38
CA VAL G 171 -14.05 14.92 -18.49
C VAL G 171 -14.37 14.37 -19.86
N THR G 172 -15.08 13.25 -19.91
CA THR G 172 -15.57 12.68 -21.17
C THR G 172 -16.92 13.34 -21.48
N ALA G 173 -16.86 14.45 -22.22
CA ALA G 173 -18.04 15.25 -22.53
C ALA G 173 -18.98 14.52 -23.52
N ASN G 174 -20.27 14.50 -23.18
CA ASN G 174 -21.31 13.87 -24.02
C ASN G 174 -22.79 14.35 -23.71
N GLY G 175 -22.91 15.63 -23.35
CA GLY G 175 -24.22 16.29 -23.19
C GLY G 175 -24.73 16.43 -21.77
N GLN G 176 -24.64 15.36 -20.98
CA GLN G 176 -25.31 15.26 -19.67
C GLN G 176 -24.70 16.25 -18.67
N PRO G 177 -25.14 16.21 -17.39
CA PRO G 177 -24.36 16.94 -16.36
C PRO G 177 -23.09 16.19 -15.90
N LEU G 178 -22.13 16.94 -15.39
CA LEU G 178 -20.89 16.36 -14.83
C LEU G 178 -21.23 15.29 -13.80
N LEU G 179 -20.61 14.13 -13.92
CA LEU G 179 -20.82 13.06 -12.94
C LEU G 179 -20.31 13.47 -11.54
N GLU G 180 -20.84 12.85 -10.49
CA GLU G 180 -20.44 13.17 -9.12
C GLU G 180 -18.97 12.84 -8.83
N ASN G 181 -18.44 11.80 -9.48
CA ASN G 181 -17.00 11.51 -9.40
C ASN G 181 -16.12 12.62 -9.96
N ASP G 182 -16.55 13.21 -11.08
CA ASP G 182 -15.80 14.32 -11.68
C ASP G 182 -15.93 15.62 -10.89
N ARG G 183 -17.11 15.91 -10.36
CA ARG G 183 -17.28 17.13 -9.58
C ARG G 183 -16.47 17.02 -8.29
N ALA G 184 -16.50 15.84 -7.68
CA ALA G 184 -15.67 15.55 -6.49
C ALA G 184 -14.19 15.76 -6.76
N SER G 185 -13.72 15.18 -7.87
CA SER G 185 -12.34 15.37 -8.33
C SER G 185 -11.97 16.87 -8.44
N ILE G 186 -12.79 17.65 -9.12
CA ILE G 186 -12.48 19.06 -9.32
C ILE G 186 -12.34 19.77 -7.97
N ARG G 187 -13.25 19.47 -7.04
CA ARG G 187 -13.19 20.11 -5.71
C ARG G 187 -11.84 19.84 -5.01
N HIS G 188 -11.42 18.56 -4.97
CA HIS G 188 -10.15 18.19 -4.35
C HIS G 188 -8.98 18.93 -4.97
N GLN G 189 -8.99 19.04 -6.30
CA GLN G 189 -7.94 19.74 -7.03
C GLN G 189 -7.82 21.20 -6.61
N VAL G 190 -8.93 21.93 -6.73
CA VAL G 190 -8.91 23.36 -6.43
C VAL G 190 -8.55 23.63 -4.96
N ARG G 191 -9.36 23.09 -4.06
CA ARG G 191 -9.11 23.17 -2.62
C ARG G 191 -7.62 22.96 -2.28
N ARG G 192 -7.08 21.82 -2.70
CA ARG G 192 -5.68 21.46 -2.46
C ARG G 192 -4.75 22.59 -2.86
N GLN G 193 -4.94 23.08 -4.08
CA GLN G 193 -4.11 24.18 -4.59
C GLN G 193 -4.26 25.44 -3.73
N VAL G 194 -5.47 25.73 -3.30
CA VAL G 194 -5.69 26.89 -2.47
C VAL G 194 -4.96 26.69 -1.13
N GLU G 195 -5.14 25.51 -0.54
CA GLU G 195 -4.41 25.16 0.69
C GLU G 195 -2.90 25.40 0.50
N LEU G 196 -2.39 24.99 -0.67
CA LEU G 196 -0.96 25.12 -0.98
C LEU G 196 -0.55 26.56 -1.12
N THR G 197 -1.41 27.36 -1.74
CA THR G 197 -1.13 28.78 -1.97
C THR G 197 -1.18 29.54 -0.63
N ALA G 198 -2.03 29.08 0.29
CA ALA G 198 -2.10 29.67 1.63
C ALA G 198 -0.79 29.50 2.40
N LYS G 199 -0.25 28.28 2.40
CA LYS G 199 1.03 28.01 3.05
C LYS G 199 2.17 28.81 2.42
N LEU G 200 2.09 28.99 1.11
CA LEU G 200 3.04 29.79 0.34
C LEU G 200 2.94 31.28 0.67
N LEU G 201 1.73 31.74 0.99
CA LEU G 201 1.46 33.14 1.38
C LEU G 201 1.88 33.43 2.81
N GLU G 202 1.33 32.64 3.75
CA GLU G 202 1.70 32.74 5.16
C GLU G 202 3.22 32.66 5.27
N GLY G 203 3.80 31.61 4.67
CA GLY G 203 5.26 31.46 4.60
C GLY G 203 6.00 32.64 3.98
N GLY G 204 5.25 33.55 3.34
CA GLY G 204 5.77 34.84 2.87
C GLY G 204 6.11 35.76 4.03
N SER G 205 5.66 37.01 3.97
CA SER G 205 6.07 38.00 5.00
C SER G 205 5.19 37.88 6.24
N ALA H 5 13.18 24.77 11.64
CA ALA H 5 14.20 23.73 11.25
C ALA H 5 14.45 23.78 9.74
N PRO H 6 15.72 23.55 9.34
CA PRO H 6 16.10 23.74 7.91
C PRO H 6 15.38 22.80 6.93
N VAL H 7 15.58 23.06 5.63
CA VAL H 7 14.95 22.28 4.58
C VAL H 7 15.74 21.00 4.28
N LYS H 8 15.03 19.89 4.09
CA LYS H 8 15.63 18.60 3.74
C LYS H 8 15.66 18.42 2.21
N LEU H 9 16.83 18.58 1.61
CA LEU H 9 16.96 18.54 0.15
C LEU H 9 17.71 17.29 -0.35
N ALA H 10 17.03 16.46 -1.13
CA ALA H 10 17.65 15.29 -1.75
C ALA H 10 18.01 15.57 -3.21
N ILE H 11 19.23 15.21 -3.61
CA ILE H 11 19.66 15.31 -5.00
C ILE H 11 19.97 13.92 -5.53
N VAL H 12 19.08 13.43 -6.39
CA VAL H 12 19.17 12.08 -6.92
C VAL H 12 19.60 12.18 -8.38
N PHE H 13 20.84 11.83 -8.66
CA PHE H 13 21.40 12.09 -9.97
C PHE H 13 22.00 10.83 -10.54
N TYR H 14 21.85 10.64 -11.85
CA TYR H 14 22.65 9.66 -12.57
C TYR H 14 23.65 10.37 -13.50
N SER H 15 24.88 9.84 -13.51
CA SER H 15 25.94 10.30 -14.38
C SER H 15 26.72 9.06 -14.76
N SER H 16 26.90 8.85 -16.07
CA SER H 16 27.78 7.80 -16.57
C SER H 16 29.24 8.26 -16.52
N THR H 17 29.53 9.40 -17.15
CA THR H 17 30.91 9.83 -17.35
C THR H 17 31.27 11.18 -16.73
N GLY H 18 30.39 11.74 -15.89
CA GLY H 18 30.78 12.91 -15.09
C GLY H 18 29.99 14.21 -15.18
N THR H 19 29.38 14.52 -16.33
CA THR H 19 28.61 15.77 -16.43
C THR H 19 27.54 15.82 -15.36
N GLY H 20 26.78 14.73 -15.23
CA GLY H 20 25.76 14.64 -14.20
C GLY H 20 26.33 14.88 -12.82
N TYR H 21 27.49 14.30 -12.55
CA TYR H 21 28.16 14.44 -11.25
C TYR H 21 28.62 15.87 -10.98
N ALA H 22 29.24 16.50 -11.98
CA ALA H 22 29.61 17.93 -11.90
C ALA H 22 28.42 18.77 -11.50
N ALA H 24 25.40 17.93 -10.30
CA ALA H 24 24.77 17.55 -9.03
C ALA H 24 25.50 18.13 -7.83
N GLN H 25 26.85 18.11 -7.83
CA GLN H 25 27.66 18.74 -6.80
C GLN H 25 27.33 20.21 -6.68
N GLU H 26 27.17 20.84 -7.84
CA GLU H 26 26.78 22.25 -7.96
C GLU H 26 25.38 22.52 -7.38
N ALA H 27 24.45 21.60 -7.65
CA ALA H 27 23.09 21.70 -7.13
C ALA H 27 23.10 21.55 -5.60
N ALA H 28 23.95 20.67 -5.11
CA ALA H 28 23.98 20.35 -3.68
C ALA H 28 24.62 21.46 -2.88
N GLU H 29 25.70 22.03 -3.40
CA GLU H 29 26.37 23.14 -2.73
C GLU H 29 25.44 24.34 -2.68
N ALA H 30 24.75 24.59 -3.79
CA ALA H 30 23.76 25.67 -3.88
C ALA H 30 22.71 25.49 -2.81
N GLY H 31 22.25 24.26 -2.64
CA GLY H 31 21.26 23.97 -1.63
C GLY H 31 21.81 24.18 -0.23
N ARG H 32 22.99 23.62 0.03
CA ARG H 32 23.59 23.73 1.35
C ARG H 32 23.85 25.18 1.67
N ALA H 33 24.37 25.93 0.70
CA ALA H 33 24.62 27.37 0.88
C ALA H 33 23.36 28.16 1.17
N ALA H 34 22.25 27.74 0.59
CA ALA H 34 20.97 28.44 0.69
C ALA H 34 20.18 28.13 1.96
N GLY H 35 20.74 27.35 2.90
CA GLY H 35 20.10 27.04 4.19
C GLY H 35 19.66 25.60 4.35
N ALA H 36 19.79 24.80 3.29
CA ALA H 36 19.28 23.42 3.27
C ALA H 36 20.17 22.41 3.97
N GLU H 37 19.54 21.32 4.39
CA GLU H 37 20.24 20.11 4.84
C GLU H 37 20.22 19.19 3.64
N VAL H 38 21.38 19.00 3.02
CA VAL H 38 21.44 18.40 1.68
C VAL H 38 21.98 16.96 1.67
N ARG H 39 21.34 16.10 0.87
CA ARG H 39 21.82 14.75 0.64
C ARG H 39 22.06 14.62 -0.84
N LEU H 40 23.32 14.48 -1.23
CA LEU H 40 23.69 14.17 -2.61
C LEU H 40 23.75 12.65 -2.73
N LEU H 41 23.00 12.10 -3.69
CA LEU H 41 22.77 10.67 -3.76
C LEU H 41 22.80 10.17 -5.19
N LYS H 42 23.68 9.21 -5.47
CA LYS H 42 23.84 8.65 -6.82
C LYS H 42 22.85 7.54 -7.06
N VAL H 43 22.23 7.56 -8.24
CA VAL H 43 21.42 6.46 -8.72
C VAL H 43 22.34 5.25 -8.96
N ARG H 44 21.84 4.05 -8.65
CA ARG H 44 22.63 2.83 -8.72
C ARG H 44 22.95 2.49 -10.16
N GLU H 45 24.17 1.97 -10.39
CA GLU H 45 24.60 1.53 -11.72
C GLU H 45 24.08 0.14 -11.99
N THR H 46 23.41 -0.04 -13.13
CA THR H 46 22.83 -1.33 -13.52
C THR H 46 23.59 -2.01 -14.67
N ALA H 47 24.34 -1.20 -15.41
CA ALA H 47 25.16 -1.68 -16.54
C ALA H 47 26.25 -2.61 -16.05
N PRO H 48 26.43 -3.75 -16.75
CA PRO H 48 27.46 -4.72 -16.35
C PRO H 48 28.89 -4.14 -16.54
N GLN H 49 29.86 -4.68 -15.81
CA GLN H 49 31.20 -4.12 -15.74
C GLN H 49 31.83 -4.02 -17.13
N ASP H 50 31.67 -5.08 -17.91
CA ASP H 50 32.18 -5.14 -19.31
C ASP H 50 31.74 -3.99 -20.23
N VAL H 51 30.54 -3.48 -20.01
CA VAL H 51 30.04 -2.34 -20.79
C VAL H 51 30.65 -1.03 -20.29
N ILE H 52 30.80 -0.93 -18.96
CA ILE H 52 31.45 0.23 -18.34
C ILE H 52 32.88 0.43 -18.89
N ASP H 53 33.62 -0.68 -18.99
CA ASP H 53 34.98 -0.63 -19.50
C ASP H 53 35.05 -0.11 -20.91
N GLY H 54 34.01 -0.38 -21.70
CA GLY H 54 33.83 0.31 -22.98
C GLY H 54 34.46 1.70 -23.01
N GLN H 55 34.21 2.52 -21.99
CA GLN H 55 34.84 3.85 -21.89
C GLN H 55 35.73 3.96 -20.65
N ASP H 56 36.78 4.77 -20.79
CA ASP H 56 37.64 5.11 -19.66
C ASP H 56 36.88 6.08 -18.76
N ALA H 57 36.32 7.12 -19.38
CA ALA H 57 35.66 8.20 -18.67
C ALA H 57 34.49 7.70 -17.82
N TRP H 58 33.94 6.56 -18.21
CA TRP H 58 32.87 5.93 -17.43
C TRP H 58 33.47 5.25 -16.21
N LYS H 59 34.53 4.47 -16.39
CA LYS H 59 35.22 3.85 -15.26
C LYS H 59 35.75 4.92 -14.28
N ALA H 60 36.44 5.92 -14.80
CA ALA H 60 36.83 7.12 -14.01
C ALA H 60 35.72 7.63 -13.08
N ASN H 61 34.56 7.93 -13.67
CA ASN H 61 33.44 8.55 -12.96
C ASN H 61 32.67 7.61 -12.05
N ILE H 62 32.91 6.31 -12.16
CA ILE H 62 32.38 5.37 -11.16
C ILE H 62 33.26 5.43 -9.92
N GLU H 63 34.57 5.53 -10.13
CA GLU H 63 35.54 5.70 -9.04
C GLU H 63 35.45 7.07 -8.33
N ALA H 64 35.14 8.11 -9.10
CA ALA H 64 35.05 9.47 -8.54
C ALA H 64 33.82 9.67 -7.65
N LYS H 66 32.80 7.01 -5.85
CA LYS H 66 32.84 5.85 -4.98
C LYS H 66 32.32 6.16 -3.57
N ASP H 67 32.49 7.40 -3.11
CA ASP H 67 32.03 7.82 -1.76
C ASP H 67 30.63 8.45 -1.71
N VAL H 68 30.03 8.68 -2.88
CA VAL H 68 28.69 9.24 -2.95
C VAL H 68 27.68 8.10 -2.71
N PRO H 69 26.88 8.20 -1.64
CA PRO H 69 25.95 7.10 -1.30
C PRO H 69 24.81 6.90 -2.33
N GLU H 70 24.25 5.70 -2.39
CA GLU H 70 23.25 5.38 -3.43
C GLU H 70 21.87 5.83 -3.03
N ALA H 71 21.10 6.34 -4.00
CA ALA H 71 19.72 6.76 -3.74
C ALA H 71 18.84 5.58 -3.28
N THR H 72 17.93 5.85 -2.34
CA THR H 72 16.94 4.85 -1.87
C THR H 72 15.61 5.51 -1.53
N PRO H 73 14.50 4.73 -1.61
CA PRO H 73 13.20 5.36 -1.43
C PRO H 73 13.06 6.03 -0.07
N ALA H 74 13.82 5.55 0.92
CA ALA H 74 13.94 6.22 2.20
C ALA H 74 14.32 7.71 2.08
N ASP H 75 15.26 8.02 1.20
CA ASP H 75 15.79 9.39 1.03
C ASP H 75 14.73 10.35 0.48
N LEU H 76 13.80 9.84 -0.33
CA LEU H 76 12.72 10.67 -0.85
C LEU H 76 11.67 10.86 0.23
N GLU H 77 11.40 9.79 1.00
CA GLU H 77 10.57 9.88 2.20
C GLU H 77 11.15 10.97 3.10
N TRP H 78 12.42 10.87 3.42
CA TRP H 78 13.14 11.90 4.17
C TRP H 78 12.91 13.30 3.62
N ALA H 79 13.09 13.45 2.30
CA ALA H 79 13.23 14.77 1.68
C ALA H 79 11.93 15.53 1.57
N GLU H 80 12.04 16.85 1.71
CA GLU H 80 10.92 17.81 1.53
C GLU H 80 11.02 18.50 0.17
N ALA H 81 12.26 18.66 -0.30
CA ALA H 81 12.54 19.12 -1.66
C ALA H 81 13.33 18.04 -2.38
N ILE H 82 13.09 17.85 -3.66
CA ILE H 82 13.74 16.82 -4.44
C ILE H 82 14.28 17.40 -5.74
N VAL H 83 15.44 16.94 -6.17
CA VAL H 83 15.95 17.28 -7.49
C VAL H 83 16.48 16.03 -8.19
N PHE H 84 15.95 15.72 -9.38
CA PHE H 84 16.48 14.62 -10.20
C PHE H 84 17.37 15.15 -11.30
N SER H 85 18.44 14.42 -11.61
CA SER H 85 19.31 14.75 -12.74
C SER H 85 19.74 13.49 -13.49
N SER H 86 19.35 13.42 -14.75
CA SER H 86 19.74 12.32 -15.64
C SER H 86 20.25 12.92 -16.94
N PRO H 87 21.18 12.23 -17.61
CA PRO H 87 21.48 12.59 -18.99
C PRO H 87 20.42 11.99 -19.96
N THR H 88 20.21 12.63 -21.12
CA THR H 88 19.20 12.17 -22.10
C THR H 88 19.61 10.85 -22.70
N ARG H 89 18.60 10.09 -23.08
CA ARG H 89 18.82 8.84 -23.77
C ARG H 89 17.65 8.70 -24.76
N PHE H 90 17.87 9.26 -25.95
CA PHE H 90 16.83 9.39 -26.98
C PHE H 90 15.66 10.30 -26.53
N GLY H 91 16.02 11.34 -25.78
CA GLY H 91 15.05 12.34 -25.30
C GLY H 91 14.25 11.94 -24.08
N GLY H 92 14.58 10.78 -23.50
CA GLY H 92 14.03 10.34 -22.24
C GLY H 92 15.14 10.09 -21.21
N ALA H 93 14.76 10.06 -19.94
CA ALA H 93 15.71 9.80 -18.87
C ALA H 93 16.34 8.43 -19.03
N THR H 94 17.46 8.21 -18.34
CA THR H 94 18.19 6.94 -18.43
C THR H 94 17.40 5.78 -17.82
N SER H 95 17.74 4.56 -18.22
CA SER H 95 17.10 3.38 -17.66
C SER H 95 17.44 3.23 -16.19
N GLN H 96 18.68 3.57 -15.81
CA GLN H 96 19.10 3.53 -14.41
C GLN H 96 18.26 4.48 -13.59
N ARG H 98 15.21 5.66 -14.42
CA ARG H 98 13.89 5.00 -14.43
C ARG H 98 13.85 3.79 -13.50
N ALA H 99 14.94 3.04 -13.41
CA ALA H 99 15.00 1.88 -12.50
C ALA H 99 14.86 2.31 -11.04
N PHE H 100 15.54 3.38 -10.65
CA PHE H 100 15.35 3.91 -9.31
C PHE H 100 13.90 4.35 -9.13
N ILE H 101 13.38 5.09 -10.11
CA ILE H 101 12.01 5.60 -10.09
C ILE H 101 10.99 4.49 -9.90
N ASP H 102 11.24 3.32 -10.45
CA ASP H 102 10.25 2.24 -10.40
C ASP H 102 10.16 1.57 -9.02
N THR H 103 11.15 1.79 -8.16
CA THR H 103 11.13 1.23 -6.79
C THR H 103 10.39 2.08 -5.71
N LEU H 104 9.58 3.04 -6.15
CA LEU H 104 8.86 3.94 -5.25
C LEU H 104 7.36 3.64 -5.28
N GLY H 105 7.01 2.48 -5.84
CA GLY H 105 5.60 2.06 -5.91
C GLY H 105 4.96 1.85 -4.53
N GLY H 106 5.74 1.36 -3.58
CA GLY H 106 5.29 1.23 -2.19
C GLY H 106 5.17 2.57 -1.49
N LEU H 107 6.12 3.47 -1.77
CA LEU H 107 6.13 4.83 -1.16
C LEU H 107 5.01 5.72 -1.74
N TRP H 108 4.83 5.69 -3.06
CA TRP H 108 3.65 6.26 -3.71
C TRP H 108 2.32 5.71 -3.14
N SER H 109 2.32 4.42 -2.77
CA SER H 109 1.11 3.72 -2.29
C SER H 109 0.60 4.24 -0.97
N SER H 110 1.49 4.74 -0.12
CA SER H 110 1.09 5.49 1.07
C SER H 110 1.31 7.00 0.84
N GLY H 111 1.08 7.43 -0.41
CA GLY H 111 1.29 8.81 -0.89
C GLY H 111 2.32 9.62 -0.12
N LYS H 112 3.45 9.00 0.20
CA LYS H 112 4.45 9.63 1.05
C LYS H 112 5.43 10.51 0.23
N LEU H 113 5.06 10.77 -1.02
CA LEU H 113 5.79 11.68 -1.91
C LEU H 113 5.09 13.01 -2.14
N ALA H 114 3.77 13.02 -2.02
CA ALA H 114 2.97 14.21 -2.28
C ALA H 114 3.46 15.40 -1.48
N ASN H 115 3.25 16.60 -2.04
CA ASN H 115 3.62 17.88 -1.39
C ASN H 115 5.13 18.12 -1.23
N LYS H 116 5.96 17.31 -1.89
CA LYS H 116 7.38 17.59 -1.97
C LYS H 116 7.63 18.46 -3.20
N THR H 117 8.51 19.45 -3.08
CA THR H 117 8.86 20.26 -4.22
C THR H 117 9.74 19.41 -5.14
N PHE H 118 9.76 19.79 -6.41
CA PHE H 118 10.44 19.00 -7.43
C PHE H 118 10.88 19.89 -8.63
N SER H 119 12.13 19.70 -9.05
CA SER H 119 12.62 20.24 -10.31
C SER H 119 13.62 19.23 -10.84
N ALA H 120 14.12 19.46 -12.05
CA ALA H 120 15.04 18.52 -12.67
C ALA H 120 16.07 19.20 -13.57
N THR H 122 19.18 18.08 -16.86
CA THR H 122 19.68 17.06 -17.75
C THR H 122 20.99 17.49 -18.39
N SER H 123 21.49 16.69 -19.31
CA SER H 123 22.65 17.05 -20.13
C SER H 123 22.60 16.21 -21.40
N ALA H 124 23.25 16.71 -22.46
CA ALA H 124 23.19 16.05 -23.77
C ALA H 124 24.40 16.33 -24.64
N GLN H 125 24.63 15.46 -25.62
CA GLN H 125 25.70 15.64 -26.59
C GLN H 125 25.40 16.83 -27.44
N ASN H 126 24.15 16.93 -27.87
CA ASN H 126 23.68 18.02 -28.73
C ASN H 126 22.79 19.00 -27.99
N VAL H 127 22.76 20.22 -28.50
CA VAL H 127 22.12 21.33 -27.80
C VAL H 127 20.60 21.18 -27.78
N ASN H 128 20.06 20.67 -28.89
CA ASN H 128 18.60 20.51 -29.07
C ASN H 128 18.17 19.02 -29.12
N GLY H 129 19.06 18.14 -28.63
CA GLY H 129 18.85 16.69 -28.65
C GLY H 129 18.15 16.21 -27.40
N GLY H 130 16.92 16.70 -27.20
CA GLY H 130 16.10 16.33 -26.05
C GLY H 130 16.52 16.96 -24.73
N GLN H 131 17.11 18.15 -24.77
CA GLN H 131 17.39 18.89 -23.54
C GLN H 131 16.13 19.47 -22.85
N GLU H 132 15.00 19.46 -23.55
CA GLU H 132 13.71 19.88 -23.00
C GLU H 132 12.81 18.68 -22.74
N THR H 133 12.77 17.75 -23.69
CA THR H 133 11.93 16.53 -23.59
C THR H 133 12.33 15.67 -22.40
N THR H 134 13.62 15.45 -22.23
CA THR H 134 14.14 14.64 -21.13
C THR H 134 13.71 15.18 -19.76
N LEU H 135 13.59 16.50 -19.64
CA LEU H 135 13.16 17.13 -18.40
C LEU H 135 11.66 16.91 -18.21
N GLN H 136 10.93 17.15 -19.29
CA GLN H 136 9.47 16.99 -19.31
C GLN H 136 9.06 15.59 -18.87
N THR H 137 9.78 14.55 -19.33
CA THR H 137 9.52 13.18 -18.88
C THR H 137 9.64 13.08 -17.36
N LEU H 138 10.66 13.71 -16.79
CA LEU H 138 10.84 13.73 -15.34
C LEU H 138 9.75 14.52 -14.61
N TYR H 139 9.41 15.72 -15.09
CA TYR H 139 8.33 16.52 -14.48
C TYR H 139 6.99 15.82 -14.56
N THR H 141 6.40 12.57 -14.40
CA THR H 141 6.42 11.59 -13.30
C THR H 141 6.06 12.19 -11.96
N ALA H 142 6.72 13.30 -11.62
CA ALA H 142 6.53 13.94 -10.33
C ALA H 142 5.10 14.39 -10.11
N HIS H 144 2.42 12.53 -11.07
CA HIS H 144 1.75 11.31 -10.59
C HIS H 144 1.90 11.16 -9.09
N TRP H 145 2.91 11.81 -8.52
CA TRP H 145 3.18 11.76 -7.09
C TRP H 145 2.44 12.81 -6.29
N GLY H 146 1.84 13.77 -6.97
CA GLY H 146 1.25 14.91 -6.29
C GLY H 146 2.34 15.80 -5.72
N ALA H 147 3.42 15.93 -6.48
CA ALA H 147 4.49 16.83 -6.11
C ALA H 147 4.07 18.26 -6.39
N VAL H 148 4.91 19.18 -5.98
CA VAL H 148 4.78 20.58 -6.32
C VAL H 148 5.97 20.90 -7.20
N LEU H 149 5.73 21.27 -8.45
CA LEU H 149 6.81 21.48 -9.40
C LEU H 149 7.22 22.96 -9.42
N THR H 150 8.52 23.17 -9.33
CA THR H 150 9.10 24.50 -9.17
C THR H 150 10.19 24.64 -10.21
N PRO H 151 9.84 24.62 -11.50
CA PRO H 151 10.87 24.76 -12.54
C PRO H 151 11.38 26.20 -12.57
N PRO H 152 12.63 26.40 -13.01
CA PRO H 152 13.25 27.75 -12.96
C PRO H 152 12.48 28.84 -13.73
N GLY H 153 11.80 28.45 -14.81
CA GLY H 153 11.12 29.39 -15.68
C GLY H 153 12.11 30.43 -16.19
N TYR H 154 11.69 31.70 -16.23
CA TYR H 154 12.63 32.78 -16.50
C TYR H 154 12.59 33.77 -15.33
N THR H 155 12.75 33.25 -14.12
CA THR H 155 12.76 34.10 -12.93
C THR H 155 14.07 34.85 -12.72
N ASP H 156 15.08 34.61 -13.57
CA ASP H 156 16.38 35.30 -13.47
C ASP H 156 17.12 35.35 -14.83
N GLU H 157 17.94 36.38 -14.97
CA GLU H 157 18.66 36.67 -16.20
C GLU H 157 19.75 35.64 -16.48
N VAL H 158 20.17 34.93 -15.43
CA VAL H 158 21.18 33.88 -15.57
C VAL H 158 20.67 32.74 -16.47
N ILE H 159 19.33 32.53 -16.45
CA ILE H 159 18.67 31.47 -17.22
C ILE H 159 18.74 31.71 -18.75
N PHE H 160 18.71 32.97 -19.17
CA PHE H 160 18.89 33.30 -20.60
C PHE H 160 20.33 33.05 -21.05
N LYS H 161 21.28 33.64 -20.34
CA LYS H 161 22.71 33.45 -20.60
C LYS H 161 23.16 31.98 -20.51
N SER H 162 22.37 31.14 -19.83
CA SER H 162 22.63 29.70 -19.73
C SER H 162 22.37 29.00 -21.05
N GLY H 163 21.31 29.41 -21.74
CA GLY H 163 20.79 28.70 -22.90
C GLY H 163 19.28 28.85 -23.04
N GLY H 164 18.63 29.41 -22.02
CA GLY H 164 17.21 29.76 -22.08
C GLY H 164 16.22 28.62 -21.85
N ASN H 165 16.58 27.66 -21.00
CA ASN H 165 15.72 26.51 -20.70
C ASN H 165 14.90 26.73 -19.44
N PRO H 166 13.60 27.00 -19.58
CA PRO H 166 12.78 27.27 -18.41
C PRO H 166 12.40 26.02 -17.66
N TYR H 167 12.49 24.87 -18.31
CA TYR H 167 12.06 23.62 -17.70
C TYR H 167 13.02 23.15 -16.60
N GLY H 168 14.30 23.47 -16.74
CA GLY H 168 15.32 23.01 -15.80
C GLY H 168 16.69 23.28 -16.38
N ALA H 169 17.71 23.26 -15.53
CA ALA H 169 19.07 23.48 -16.02
C ALA H 169 19.45 22.30 -16.92
N SER H 170 20.11 22.59 -18.04
CA SER H 170 20.56 21.53 -18.94
C SER H 170 21.91 21.85 -19.61
N VAL H 171 22.81 20.88 -19.63
CA VAL H 171 24.17 21.07 -20.12
C VAL H 171 24.38 20.41 -21.48
N THR H 172 25.39 20.87 -22.23
CA THR H 172 25.79 20.26 -23.49
C THR H 172 27.11 19.50 -23.33
N ALA H 173 27.01 18.22 -22.99
CA ALA H 173 28.16 17.38 -22.66
C ALA H 173 29.18 17.21 -23.78
N ASN H 174 30.41 17.65 -23.53
CA ASN H 174 31.54 17.43 -24.43
C ASN H 174 32.88 17.20 -23.67
N GLY H 175 32.81 16.65 -22.46
CA GLY H 175 34.03 16.30 -21.69
C GLY H 175 34.71 17.47 -20.98
N GLN H 176 34.70 18.64 -21.62
CA GLN H 176 35.26 19.87 -21.06
C GLN H 176 34.59 20.23 -19.71
N PRO H 177 35.34 20.82 -18.74
CA PRO H 177 34.74 21.26 -17.46
C PRO H 177 33.54 22.18 -17.56
N LEU H 178 32.64 21.98 -16.59
CA LEU H 178 31.32 22.63 -16.55
C LEU H 178 31.48 24.13 -16.67
N LEU H 179 30.62 24.75 -17.48
CA LEU H 179 30.70 26.22 -17.70
C LEU H 179 30.22 27.06 -16.51
N GLU H 180 30.55 28.34 -16.56
CA GLU H 180 30.28 29.22 -15.43
C GLU H 180 28.82 29.66 -15.40
N ASN H 181 28.27 30.03 -16.56
CA ASN H 181 26.86 30.41 -16.66
C ASN H 181 25.90 29.23 -16.51
N ASP H 182 26.45 28.02 -16.72
CA ASP H 182 25.74 26.78 -16.40
C ASP H 182 25.59 26.66 -14.90
N ARG H 183 26.72 26.63 -14.20
CA ARG H 183 26.73 26.56 -12.73
C ARG H 183 25.82 27.63 -12.14
N ALA H 184 25.96 28.85 -12.66
CA ALA H 184 25.14 29.97 -12.24
C ALA H 184 23.65 29.69 -12.38
N SER H 185 23.25 29.03 -13.47
CA SER H 185 21.84 28.64 -13.65
C SER H 185 21.40 27.48 -12.75
N ILE H 186 22.26 26.47 -12.58
CA ILE H 186 22.01 25.37 -11.64
C ILE H 186 21.82 25.92 -10.24
N ARG H 187 22.67 26.85 -9.85
CA ARG H 187 22.60 27.43 -8.52
C ARG H 187 21.26 28.14 -8.34
N HIS H 188 20.91 29.02 -9.26
CA HIS H 188 19.63 29.73 -9.16
C HIS H 188 18.42 28.80 -9.03
N GLN H 189 18.37 27.74 -9.84
CA GLN H 189 17.24 26.79 -9.83
C GLN H 189 17.02 26.20 -8.42
N VAL H 190 18.10 25.70 -7.81
CA VAL H 190 18.03 25.06 -6.50
C VAL H 190 17.69 26.06 -5.41
N ARG H 191 18.41 27.18 -5.41
CA ARG H 191 18.14 28.25 -4.46
C ARG H 191 16.66 28.69 -4.50
N ARG H 192 16.15 29.01 -5.69
CA ARG H 192 14.73 29.33 -5.89
C ARG H 192 13.81 28.26 -5.31
N GLN H 193 14.11 27.00 -5.61
CA GLN H 193 13.28 25.88 -5.18
C GLN H 193 13.38 25.61 -3.66
N VAL H 194 14.57 25.80 -3.10
CA VAL H 194 14.77 25.70 -1.65
C VAL H 194 13.98 26.77 -0.86
N GLU H 195 13.88 27.97 -1.43
CA GLU H 195 13.13 29.05 -0.81
C GLU H 195 11.64 28.75 -0.82
N LEU H 196 11.12 28.46 -2.02
CA LEU H 196 9.72 28.06 -2.15
C LEU H 196 9.30 26.94 -1.19
N THR H 197 10.20 25.99 -0.97
CA THR H 197 9.95 24.93 -0.01
C THR H 197 9.95 25.48 1.41
N ALA H 198 10.90 26.35 1.71
CA ALA H 198 11.02 26.90 3.06
C ALA H 198 9.70 27.53 3.46
N LYS H 199 9.15 28.32 2.55
CA LYS H 199 7.90 29.03 2.78
C LYS H 199 6.74 28.05 2.96
N LEU H 200 6.69 27.03 2.10
CA LEU H 200 5.66 25.98 2.19
C LEU H 200 5.55 25.43 3.59
N LEU H 201 6.69 25.03 4.15
CA LEU H 201 6.74 24.36 5.44
C LEU H 201 6.40 25.28 6.60
N GLU H 202 7.06 26.43 6.67
CA GLU H 202 6.78 27.46 7.69
C GLU H 202 5.30 27.75 7.78
N GLY H 203 4.70 28.13 6.64
CA GLY H 203 3.24 28.32 6.54
C GLY H 203 2.45 27.05 6.83
N GLY H 204 3.02 25.90 6.47
CA GLY H 204 2.36 24.59 6.61
C GLY H 204 1.95 24.17 8.01
N SER H 205 2.72 24.62 9.01
CA SER H 205 2.40 24.31 10.42
C SER H 205 3.30 25.10 11.38
#